data_4XIX
#
_entry.id   4XIX
#
_cell.length_a   138.957
_cell.length_b   138.957
_cell.length_c   202.807
_cell.angle_alpha   90.00
_cell.angle_beta   90.00
_cell.angle_gamma   120.00
#
_symmetry.space_group_name_H-M   'P 32 2 1'
#
loop_
_entity.id
_entity.type
_entity.pdbx_description
1 polymer 'Carbonic anhydrase, alpha type'
2 non-polymer 'ZINC ION'
3 non-polymer 'DIHYDROGENPHOSPHATE ION'
4 water water
#
_entity_poly.entity_id   1
_entity_poly.type   'polypeptide(L)'
_entity_poly.pdbx_seq_one_letter_code
;MAAWNYGEVAGPPTWKGVCATGKRQSPINIPLNTSAPKVDAEMGEFDFAYGSFEKCDVLNTGHGTMQVNFPAGNLAFIGN
MELELLQFHFHAPSEHAMDGRRYAMEAHLVHKNKSTGNLAVLGIMLEPGGLIKNPALSTALEVAPEVPLAKKPSPKGINP
VMLLPKKSKAGTRPFVHYPGSLTTPPCSEGVDWFVFMQPIKVPDSQILDFMRFVGDNKTYATNTRPLQLLNSRLVEYEL
;
_entity_poly.pdbx_strand_id   A,B,C,D,E,F,G,H
#
loop_
_chem_comp.id
_chem_comp.type
_chem_comp.name
_chem_comp.formula
2HP non-polymer 'DIHYDROGENPHOSPHATE ION' 'H2 O4 P -1'
ZN non-polymer 'ZINC ION' 'Zn 2'
#
# COMPACT_ATOMS: atom_id res chain seq x y z
N ALA A 2 -39.68 -22.35 21.88
CA ALA A 2 -40.22 -20.99 21.69
C ALA A 2 -40.00 -20.56 20.23
N ALA A 3 -40.04 -19.24 19.99
CA ALA A 3 -39.82 -18.70 18.65
C ALA A 3 -38.31 -18.50 18.40
N TRP A 4 -37.50 -19.50 18.74
CA TRP A 4 -36.08 -19.48 18.43
C TRP A 4 -35.73 -20.60 17.45
N ASN A 5 -34.79 -20.31 16.55
CA ASN A 5 -34.30 -21.33 15.63
C ASN A 5 -32.83 -21.20 15.34
N TYR A 6 -32.29 -22.19 14.67
CA TYR A 6 -31.03 -21.99 14.03
C TYR A 6 -31.29 -21.17 12.74
N GLY A 7 -32.05 -21.73 11.80
CA GLY A 7 -32.44 -21.00 10.60
C GLY A 7 -31.43 -21.25 9.51
N GLU A 8 -31.57 -20.56 8.38
CA GLU A 8 -30.69 -20.77 7.24
C GLU A 8 -29.50 -19.87 7.34
N VAL A 9 -28.44 -20.21 6.61
CA VAL A 9 -27.26 -19.37 6.56
C VAL A 9 -27.68 -17.88 6.32
N ALA A 10 -27.04 -16.96 7.02
CA ALA A 10 -27.42 -15.55 6.92
C ALA A 10 -26.99 -14.92 5.57
N GLY A 11 -26.13 -15.60 4.80
CA GLY A 11 -25.54 -15.01 3.63
C GLY A 11 -26.53 -14.61 2.53
N PRO A 12 -27.05 -15.61 1.81
CA PRO A 12 -27.83 -15.36 0.59
C PRO A 12 -28.90 -14.30 0.71
N PRO A 13 -29.65 -14.29 1.78
CA PRO A 13 -30.70 -13.27 1.77
C PRO A 13 -30.20 -11.81 1.83
N THR A 14 -28.91 -11.59 2.09
CA THR A 14 -28.34 -10.23 2.03
C THR A 14 -27.69 -9.89 0.69
N TRP A 15 -27.60 -10.87 -0.21
CA TRP A 15 -27.01 -10.63 -1.52
C TRP A 15 -27.81 -9.59 -2.27
N LYS A 16 -27.10 -8.71 -2.96
CA LYS A 16 -27.74 -7.64 -3.71
C LYS A 16 -27.63 -7.85 -5.21
N GLY A 17 -28.00 -6.84 -5.97
CA GLY A 17 -27.96 -6.93 -7.41
C GLY A 17 -29.18 -7.70 -7.85
N VAL A 18 -29.01 -8.50 -8.90
CA VAL A 18 -30.11 -9.25 -9.49
C VAL A 18 -30.57 -10.34 -8.53
N CYS A 19 -29.66 -10.80 -7.67
CA CYS A 19 -29.92 -11.81 -6.63
C CYS A 19 -31.19 -11.56 -5.84
N ALA A 20 -31.59 -10.30 -5.76
CA ALA A 20 -32.76 -9.93 -5.01
C ALA A 20 -33.91 -9.51 -5.92
N THR A 21 -33.60 -8.79 -7.00
CA THR A 21 -34.63 -8.27 -7.89
C THR A 21 -35.06 -9.23 -8.99
N GLY A 22 -34.19 -10.17 -9.34
CA GLY A 22 -34.44 -11.12 -10.42
C GLY A 22 -35.71 -11.97 -10.26
N LYS A 23 -36.35 -12.26 -11.39
CA LYS A 23 -37.58 -13.06 -11.40
C LYS A 23 -37.39 -14.38 -12.16
N ARG A 24 -36.16 -14.66 -12.55
CA ARG A 24 -35.80 -15.89 -13.24
C ARG A 24 -34.60 -16.53 -12.51
N GLN A 25 -34.71 -16.67 -11.20
CA GLN A 25 -33.57 -17.06 -10.39
C GLN A 25 -33.50 -18.56 -10.11
N SER A 26 -32.28 -19.07 -9.97
CA SER A 26 -32.06 -20.45 -9.53
C SER A 26 -31.43 -20.51 -8.14
N PRO A 27 -31.56 -21.65 -7.46
CA PRO A 27 -32.19 -22.90 -7.92
C PRO A 27 -33.67 -22.81 -7.69
N ILE A 28 -34.41 -23.79 -8.19
CA ILE A 28 -35.84 -23.80 -7.96
C ILE A 28 -36.20 -25.21 -7.57
N ASN A 29 -37.46 -25.44 -7.21
CA ASN A 29 -37.96 -26.77 -7.01
C ASN A 29 -38.30 -27.42 -8.36
N ILE A 30 -38.10 -28.73 -8.44
CA ILE A 30 -38.43 -29.48 -9.62
C ILE A 30 -39.53 -30.51 -9.27
N PRO A 31 -40.76 -30.18 -9.64
CA PRO A 31 -41.86 -31.11 -9.37
C PRO A 31 -41.75 -32.31 -10.27
N LEU A 32 -41.90 -33.52 -9.75
CA LEU A 32 -41.92 -34.66 -10.66
C LEU A 32 -42.97 -35.69 -10.26
N ASN A 33 -43.69 -35.39 -9.21
CA ASN A 33 -44.78 -36.23 -8.79
C ASN A 33 -45.90 -35.26 -8.49
N THR A 34 -46.09 -34.33 -9.41
CA THR A 34 -47.08 -33.29 -9.27
C THR A 34 -48.35 -33.68 -10.02
N SER A 35 -49.45 -33.02 -9.69
CA SER A 35 -50.70 -33.22 -10.40
C SER A 35 -50.82 -32.32 -11.65
N ALA A 36 -49.92 -31.34 -11.76
CA ALA A 36 -49.94 -30.41 -12.87
C ALA A 36 -49.36 -31.05 -14.12
N PRO A 37 -49.84 -30.64 -15.31
CA PRO A 37 -49.38 -31.23 -16.58
C PRO A 37 -47.92 -30.94 -16.84
N LYS A 38 -47.18 -31.96 -17.24
CA LYS A 38 -45.75 -31.80 -17.52
C LYS A 38 -45.56 -31.56 -19.03
N VAL A 39 -45.03 -30.39 -19.37
CA VAL A 39 -44.78 -29.97 -20.74
C VAL A 39 -43.50 -30.59 -21.21
N ASP A 40 -43.58 -31.44 -22.25
CA ASP A 40 -42.39 -32.14 -22.74
C ASP A 40 -41.44 -31.17 -23.42
N ALA A 41 -40.16 -31.32 -23.11
CA ALA A 41 -39.17 -30.35 -23.56
C ALA A 41 -38.88 -30.58 -25.02
N GLU A 42 -39.15 -31.80 -25.50
CA GLU A 42 -38.97 -32.18 -26.91
C GLU A 42 -37.68 -31.58 -27.43
N MET A 43 -36.57 -32.15 -26.97
CA MET A 43 -35.24 -31.59 -27.13
C MET A 43 -34.22 -32.68 -27.44
N GLY A 44 -34.66 -33.94 -27.36
CA GLY A 44 -33.80 -35.09 -27.57
C GLY A 44 -32.98 -35.47 -26.37
N GLU A 45 -32.05 -36.39 -26.57
CA GLU A 45 -31.18 -36.83 -25.51
C GLU A 45 -29.82 -36.15 -25.62
N PHE A 46 -29.19 -35.94 -24.48
CA PHE A 46 -27.83 -35.42 -24.48
C PHE A 46 -26.91 -36.43 -25.10
N ASP A 47 -26.00 -35.95 -25.93
CA ASP A 47 -24.89 -36.77 -26.40
C ASP A 47 -23.61 -36.12 -25.89
N PHE A 48 -22.83 -36.89 -25.12
CA PHE A 48 -21.66 -36.34 -24.52
C PHE A 48 -20.43 -36.76 -25.24
N ALA A 49 -19.59 -35.79 -25.55
CA ALA A 49 -18.26 -36.08 -26.06
C ALA A 49 -17.20 -35.49 -25.11
N TYR A 50 -17.12 -36.02 -23.91
CA TYR A 50 -16.18 -35.52 -22.93
C TYR A 50 -14.94 -36.38 -22.94
N GLY A 51 -13.78 -35.78 -22.73
CA GLY A 51 -12.52 -36.52 -22.63
C GLY A 51 -12.41 -37.41 -21.41
N SER A 52 -11.48 -38.36 -21.43
CA SER A 52 -11.40 -39.32 -20.33
C SER A 52 -10.29 -39.00 -19.32
N PHE A 53 -9.30 -38.22 -19.72
CA PHE A 53 -8.20 -37.85 -18.83
C PHE A 53 -7.79 -36.43 -19.08
N GLU A 54 -8.75 -35.52 -18.95
CA GLU A 54 -8.47 -34.10 -19.07
C GLU A 54 -7.45 -33.67 -18.03
N LYS A 55 -6.61 -32.71 -18.43
CA LYS A 55 -5.69 -32.06 -17.51
C LYS A 55 -6.32 -30.75 -17.12
N CYS A 56 -6.51 -30.56 -15.82
CA CYS A 56 -7.30 -29.43 -15.32
C CYS A 56 -6.61 -28.57 -14.28
N ASP A 57 -6.95 -27.28 -14.28
CA ASP A 57 -6.66 -26.41 -13.15
C ASP A 57 -7.75 -26.62 -12.13
N VAL A 58 -7.37 -26.78 -10.87
CA VAL A 58 -8.33 -26.78 -9.79
C VAL A 58 -8.20 -25.46 -9.06
N LEU A 59 -9.21 -24.60 -9.15
CA LEU A 59 -9.28 -23.36 -8.37
C LEU A 59 -9.98 -23.53 -7.01
N ASN A 60 -9.53 -22.81 -5.97
CA ASN A 60 -10.32 -22.66 -4.70
C ASN A 60 -11.14 -21.39 -4.77
N THR A 61 -12.43 -21.56 -4.93
CA THR A 61 -13.26 -20.44 -5.29
C THR A 61 -13.33 -19.48 -4.14
N GLY A 62 -12.89 -19.94 -2.97
CA GLY A 62 -12.93 -19.17 -1.76
C GLY A 62 -14.36 -18.86 -1.30
N HIS A 63 -15.32 -19.64 -1.79
CA HIS A 63 -16.73 -19.57 -1.38
C HIS A 63 -17.23 -20.95 -1.07
N GLY A 64 -16.32 -21.84 -0.68
CA GLY A 64 -16.71 -23.18 -0.34
C GLY A 64 -16.16 -24.16 -1.31
N THR A 65 -16.80 -24.29 -2.46
CA THR A 65 -16.41 -25.32 -3.41
C THR A 65 -15.11 -25.03 -4.09
N MET A 66 -14.40 -26.08 -4.47
CA MET A 66 -13.32 -25.96 -5.43
C MET A 66 -13.91 -26.03 -6.86
N GLN A 67 -13.16 -25.58 -7.82
CA GLN A 67 -13.67 -25.50 -9.18
C GLN A 67 -12.68 -26.18 -10.12
N VAL A 68 -13.08 -27.27 -10.74
CA VAL A 68 -12.21 -27.93 -11.71
C VAL A 68 -12.44 -27.32 -13.07
N ASN A 69 -11.43 -26.63 -13.61
CA ASN A 69 -11.49 -26.01 -14.95
C ASN A 69 -10.90 -26.90 -16.01
N PHE A 70 -11.52 -26.87 -17.20
CA PHE A 70 -11.14 -27.73 -18.31
C PHE A 70 -10.71 -26.93 -19.51
N PRO A 71 -9.87 -27.54 -20.37
CA PRO A 71 -9.56 -26.99 -21.69
C PRO A 71 -10.69 -27.30 -22.69
N ALA A 72 -10.66 -26.69 -23.88
CA ALA A 72 -11.68 -26.95 -24.90
C ALA A 72 -11.76 -28.44 -25.33
N GLY A 73 -12.81 -28.78 -26.08
CA GLY A 73 -12.94 -30.12 -26.63
C GLY A 73 -13.77 -31.08 -25.80
N ASN A 74 -14.35 -30.59 -24.73
CA ASN A 74 -15.34 -31.34 -23.98
C ASN A 74 -16.69 -30.79 -24.34
N LEU A 75 -17.41 -31.55 -25.16
CA LEU A 75 -18.62 -31.06 -25.77
C LEU A 75 -19.77 -31.95 -25.37
N ALA A 76 -20.88 -31.31 -25.07
CA ALA A 76 -22.15 -32.00 -24.88
C ALA A 76 -23.13 -31.46 -25.92
N PHE A 77 -23.93 -32.35 -26.52
CA PHE A 77 -24.85 -31.97 -27.57
C PHE A 77 -26.29 -32.24 -27.16
N ILE A 78 -27.16 -31.25 -27.39
CA ILE A 78 -28.55 -31.36 -27.02
C ILE A 78 -29.32 -30.34 -27.79
N GLY A 79 -30.49 -30.77 -28.28
CA GLY A 79 -31.43 -29.89 -28.97
C GLY A 79 -30.79 -29.06 -30.06
N ASN A 80 -29.91 -29.71 -30.81
CA ASN A 80 -29.23 -29.08 -31.94
C ASN A 80 -28.26 -27.98 -31.57
N MET A 81 -27.92 -27.89 -30.28
CA MET A 81 -26.88 -26.99 -29.82
C MET A 81 -25.63 -27.75 -29.41
N GLU A 82 -24.50 -27.05 -29.45
CA GLU A 82 -23.25 -27.55 -28.90
C GLU A 82 -22.86 -26.75 -27.63
N LEU A 83 -22.77 -27.46 -26.49
CA LEU A 83 -22.32 -26.88 -25.22
C LEU A 83 -20.87 -27.30 -25.00
N GLU A 84 -19.98 -26.35 -24.72
CA GLU A 84 -18.61 -26.67 -24.30
C GLU A 84 -18.40 -26.53 -22.76
N LEU A 85 -17.83 -27.56 -22.16
CA LEU A 85 -17.55 -27.56 -20.74
C LEU A 85 -16.47 -26.58 -20.42
N LEU A 86 -16.74 -25.78 -19.41
CA LEU A 86 -15.81 -24.81 -18.92
C LEU A 86 -15.19 -25.30 -17.62
N GLN A 87 -16.05 -25.79 -16.72
CA GLN A 87 -15.64 -26.12 -15.35
C GLN A 87 -16.72 -26.88 -14.59
N PHE A 88 -16.33 -27.71 -13.64
CA PHE A 88 -17.33 -28.16 -12.67
C PHE A 88 -17.05 -27.72 -11.21
N HIS A 89 -18.07 -27.75 -10.37
CA HIS A 89 -17.92 -27.51 -8.93
C HIS A 89 -19.12 -28.14 -8.23
N PHE A 90 -19.13 -28.06 -6.90
CA PHE A 90 -20.15 -28.73 -6.15
C PHE A 90 -20.81 -27.82 -5.16
N HIS A 91 -21.98 -28.26 -4.71
CA HIS A 91 -22.77 -27.62 -3.69
C HIS A 91 -23.33 -28.71 -2.77
N ALA A 92 -23.29 -28.46 -1.47
CA ALA A 92 -23.87 -29.35 -0.45
C ALA A 92 -24.67 -28.54 0.55
N PRO A 93 -25.93 -28.91 0.78
CA PRO A 93 -26.71 -29.94 0.08
C PRO A 93 -26.96 -29.55 -1.37
N SER A 94 -27.74 -30.33 -2.11
CA SER A 94 -28.05 -29.97 -3.51
C SER A 94 -28.77 -28.63 -3.47
N GLU A 95 -28.83 -27.94 -4.60
CA GLU A 95 -29.41 -26.59 -4.61
C GLU A 95 -30.79 -26.68 -5.17
N HIS A 96 -30.94 -27.40 -6.27
CA HIS A 96 -32.26 -27.74 -6.71
C HIS A 96 -32.82 -28.76 -5.72
N ALA A 97 -34.14 -28.79 -5.61
CA ALA A 97 -34.84 -29.89 -4.97
C ALA A 97 -35.72 -30.61 -5.99
N MET A 98 -36.09 -31.84 -5.68
CA MET A 98 -37.08 -32.58 -6.45
C MET A 98 -38.25 -32.89 -5.51
N ASP A 99 -39.43 -32.35 -5.81
CA ASP A 99 -40.58 -32.51 -4.92
C ASP A 99 -40.26 -32.05 -3.48
N GLY A 100 -39.55 -30.92 -3.39
CA GLY A 100 -39.23 -30.31 -2.14
C GLY A 100 -38.01 -30.86 -1.41
N ARG A 101 -37.42 -31.95 -1.90
CA ARG A 101 -36.33 -32.60 -1.16
C ARG A 101 -34.98 -32.43 -1.83
N ARG A 102 -33.98 -32.00 -1.05
CA ARG A 102 -32.63 -31.80 -1.55
C ARG A 102 -31.75 -33.03 -1.32
N TYR A 103 -30.77 -33.22 -2.19
CA TYR A 103 -29.88 -34.36 -2.10
C TYR A 103 -28.58 -33.99 -1.35
N ALA A 104 -27.72 -34.96 -1.10
CA ALA A 104 -26.51 -34.70 -0.35
C ALA A 104 -25.64 -33.64 -1.02
N MET A 105 -25.38 -33.79 -2.32
CA MET A 105 -24.68 -32.72 -3.03
C MET A 105 -25.29 -32.57 -4.40
N GLU A 106 -24.78 -31.58 -5.12
CA GLU A 106 -25.19 -31.31 -6.48
C GLU A 106 -23.95 -30.93 -7.19
N ALA A 107 -23.68 -31.59 -8.32
CA ALA A 107 -22.55 -31.19 -9.12
C ALA A 107 -23.12 -30.25 -10.12
N HIS A 108 -22.39 -29.18 -10.36
CA HIS A 108 -22.68 -28.28 -11.47
C HIS A 108 -21.59 -28.30 -12.54
N LEU A 109 -21.94 -28.76 -13.75
CA LEU A 109 -21.03 -28.73 -14.92
C LEU A 109 -21.42 -27.57 -15.83
N VAL A 110 -20.62 -26.52 -15.80
CA VAL A 110 -20.97 -25.27 -16.45
C VAL A 110 -20.43 -25.23 -17.91
N HIS A 111 -21.29 -24.90 -18.87
CA HIS A 111 -20.91 -24.95 -20.27
C HIS A 111 -21.14 -23.61 -20.92
N LYS A 112 -20.41 -23.38 -22.00
CA LYS A 112 -20.74 -22.27 -22.88
C LYS A 112 -21.49 -22.89 -24.04
N ASN A 113 -22.59 -22.24 -24.41
CA ASN A 113 -23.31 -22.66 -25.58
C ASN A 113 -22.63 -22.04 -26.81
N LYS A 114 -21.84 -22.84 -27.52
CA LYS A 114 -21.06 -22.33 -28.67
C LYS A 114 -21.96 -21.71 -29.75
N SER A 115 -23.15 -22.27 -29.90
CA SER A 115 -24.18 -21.74 -30.79
C SER A 115 -24.62 -20.29 -30.43
N THR A 116 -24.68 -19.99 -29.13
CA THR A 116 -25.29 -18.76 -28.64
C THR A 116 -24.36 -17.85 -27.82
N GLY A 117 -23.44 -18.46 -27.07
CA GLY A 117 -22.54 -17.70 -26.23
C GLY A 117 -23.07 -17.60 -24.81
N ASN A 118 -24.35 -17.87 -24.63
CA ASN A 118 -24.92 -17.94 -23.30
C ASN A 118 -24.39 -19.10 -22.48
N LEU A 119 -24.62 -19.04 -21.16
CA LEU A 119 -24.19 -20.10 -20.28
C LEU A 119 -25.23 -21.19 -20.12
N ALA A 120 -24.76 -22.42 -20.15
CA ALA A 120 -25.63 -23.57 -19.87
C ALA A 120 -25.11 -24.22 -18.60
N VAL A 121 -25.97 -24.77 -17.75
CA VAL A 121 -25.47 -25.49 -16.60
C VAL A 121 -26.16 -26.79 -16.42
N LEU A 122 -25.37 -27.85 -16.32
CA LEU A 122 -25.92 -29.14 -16.04
C LEU A 122 -25.78 -29.39 -14.56
N GLY A 123 -26.88 -29.79 -13.96
CA GLY A 123 -26.87 -30.15 -12.58
C GLY A 123 -27.14 -31.61 -12.36
N ILE A 124 -26.26 -32.27 -11.59
CA ILE A 124 -26.43 -33.70 -11.28
C ILE A 124 -26.51 -33.88 -9.76
N MET A 125 -27.55 -34.56 -9.28
CA MET A 125 -27.68 -34.81 -7.86
C MET A 125 -26.72 -35.92 -7.43
N LEU A 126 -26.05 -35.72 -6.31
CA LEU A 126 -25.17 -36.72 -5.72
C LEU A 126 -25.77 -37.23 -4.41
N GLU A 127 -26.01 -38.52 -4.36
CA GLU A 127 -26.71 -39.22 -3.30
C GLU A 127 -25.75 -40.04 -2.45
N PRO A 128 -26.03 -40.15 -1.15
CA PRO A 128 -25.17 -41.00 -0.35
C PRO A 128 -25.45 -42.45 -0.65
N GLY A 129 -24.59 -43.36 -0.18
CA GLY A 129 -24.84 -44.79 -0.26
C GLY A 129 -23.91 -45.50 -1.20
N GLY A 130 -23.25 -44.74 -2.07
CA GLY A 130 -22.30 -45.34 -2.99
C GLY A 130 -21.20 -46.11 -2.28
N LEU A 131 -20.63 -47.07 -3.01
CA LEU A 131 -19.51 -47.87 -2.51
C LEU A 131 -18.27 -47.67 -3.37
N ILE A 132 -18.43 -47.03 -4.52
CA ILE A 132 -17.28 -46.68 -5.37
C ILE A 132 -17.01 -45.20 -5.31
N LYS A 133 -15.78 -44.85 -4.95
CA LYS A 133 -15.39 -43.45 -4.84
C LYS A 133 -15.47 -42.87 -6.20
N ASN A 134 -16.20 -41.78 -6.31
CA ASN A 134 -16.27 -41.05 -7.56
C ASN A 134 -14.91 -40.37 -7.76
N PRO A 135 -14.15 -40.85 -8.72
CA PRO A 135 -12.81 -40.31 -8.93
C PRO A 135 -12.72 -38.85 -9.34
N ALA A 136 -13.79 -38.28 -9.90
CA ALA A 136 -13.73 -36.87 -10.31
C ALA A 136 -13.76 -36.00 -9.06
N LEU A 137 -14.78 -36.23 -8.24
CA LEU A 137 -14.90 -35.59 -6.94
C LEU A 137 -13.62 -35.84 -6.10
N SER A 138 -13.13 -37.07 -6.14
CA SER A 138 -11.96 -37.42 -5.36
C SER A 138 -10.74 -36.62 -5.77
N THR A 139 -10.45 -36.64 -7.05
CA THR A 139 -9.37 -35.84 -7.51
C THR A 139 -9.58 -34.37 -7.17
N ALA A 140 -10.82 -33.88 -7.26
CA ALA A 140 -11.07 -32.46 -7.08
C ALA A 140 -10.87 -32.03 -5.60
N LEU A 141 -11.16 -32.95 -4.68
CA LEU A 141 -10.83 -32.74 -3.27
C LEU A 141 -9.33 -32.81 -2.95
N GLU A 142 -8.62 -33.79 -3.50
CA GLU A 142 -7.16 -33.89 -3.29
C GLU A 142 -6.36 -32.71 -3.88
N VAL A 143 -6.67 -32.27 -5.06
CA VAL A 143 -5.82 -31.27 -5.69
C VAL A 143 -6.17 -29.89 -5.19
N ALA A 144 -7.33 -29.75 -4.58
CA ALA A 144 -7.83 -28.42 -4.17
C ALA A 144 -6.83 -27.62 -3.32
N PRO A 145 -6.33 -26.50 -3.86
CA PRO A 145 -5.43 -25.67 -3.04
C PRO A 145 -6.07 -25.12 -1.79
N GLU A 146 -5.29 -25.02 -0.71
CA GLU A 146 -5.76 -24.52 0.60
C GLU A 146 -6.07 -23.03 0.55
N VAL A 147 -5.11 -22.24 0.08
CA VAL A 147 -5.30 -20.79 -0.04
C VAL A 147 -6.48 -20.41 -0.97
N PRO A 148 -7.46 -19.67 -0.45
CA PRO A 148 -8.54 -19.18 -1.31
C PRO A 148 -8.08 -18.41 -2.54
N LEU A 149 -8.77 -18.62 -3.66
CA LEU A 149 -8.47 -17.98 -4.95
C LEU A 149 -7.18 -18.45 -5.59
N ALA A 150 -6.51 -19.44 -5.00
CA ALA A 150 -5.33 -20.04 -5.63
C ALA A 150 -5.75 -21.09 -6.64
N LYS A 151 -4.81 -21.52 -7.50
CA LYS A 151 -5.11 -22.64 -8.41
C LYS A 151 -3.90 -23.46 -8.83
N LYS A 152 -3.93 -24.73 -8.43
CA LYS A 152 -2.92 -25.70 -8.80
C LYS A 152 -3.37 -26.53 -10.00
N PRO A 153 -2.45 -26.85 -10.91
CA PRO A 153 -2.84 -27.83 -11.90
C PRO A 153 -2.93 -29.23 -11.28
N SER A 154 -3.84 -30.09 -11.71
CA SER A 154 -3.93 -31.43 -11.14
C SER A 154 -3.00 -32.39 -11.88
N PRO A 155 -2.26 -33.21 -11.12
CA PRO A 155 -1.39 -34.17 -11.79
C PRO A 155 -2.21 -35.23 -12.47
N LYS A 156 -3.18 -35.78 -11.74
CA LYS A 156 -4.08 -36.76 -12.33
C LYS A 156 -4.97 -36.14 -13.41
N GLY A 157 -5.50 -37.00 -14.27
CA GLY A 157 -6.48 -36.57 -15.23
C GLY A 157 -7.81 -36.56 -14.52
N ILE A 158 -8.80 -35.97 -15.16
CA ILE A 158 -10.13 -35.97 -14.63
C ILE A 158 -11.06 -36.34 -15.74
N ASN A 159 -11.91 -37.29 -15.47
CA ASN A 159 -12.93 -37.68 -16.42
C ASN A 159 -14.30 -37.10 -15.98
N PRO A 160 -14.75 -36.01 -16.62
CA PRO A 160 -15.99 -35.38 -16.14
C PRO A 160 -17.23 -36.24 -16.41
N VAL A 161 -17.09 -37.26 -17.25
CA VAL A 161 -18.18 -38.21 -17.53
C VAL A 161 -18.61 -38.90 -16.25
N MET A 162 -17.65 -39.11 -15.35
CA MET A 162 -17.93 -39.68 -14.02
C MET A 162 -18.91 -38.87 -13.16
N LEU A 163 -19.17 -37.59 -13.50
CA LEU A 163 -20.20 -36.84 -12.78
C LEU A 163 -21.56 -36.85 -13.48
N LEU A 164 -21.75 -37.72 -14.45
CA LEU A 164 -23.01 -37.77 -15.17
C LEU A 164 -23.67 -39.08 -14.86
N PRO A 165 -25.00 -39.10 -14.91
CA PRO A 165 -25.71 -40.36 -14.69
C PRO A 165 -25.50 -41.37 -15.80
N LYS A 166 -25.59 -42.65 -15.45
CA LYS A 166 -25.53 -43.70 -16.45
C LYS A 166 -26.75 -43.55 -17.34
N LYS A 167 -26.68 -44.03 -18.59
CA LYS A 167 -27.86 -44.13 -19.40
C LYS A 167 -28.74 -45.19 -18.73
N SER A 168 -30.06 -44.93 -18.69
CA SER A 168 -31.03 -45.91 -18.22
C SER A 168 -31.15 -47.16 -19.13
N LYS A 169 -31.94 -48.13 -18.67
CA LYS A 169 -32.17 -49.38 -19.40
C LYS A 169 -32.80 -49.11 -20.75
N ALA A 170 -33.34 -47.91 -20.93
CA ALA A 170 -33.92 -47.54 -22.21
C ALA A 170 -33.01 -46.59 -23.02
N GLY A 171 -31.78 -46.33 -22.52
CA GLY A 171 -30.81 -45.51 -23.23
C GLY A 171 -30.86 -44.01 -23.00
N THR A 172 -31.87 -43.55 -22.26
CA THR A 172 -32.00 -42.15 -21.90
C THR A 172 -31.16 -41.73 -20.67
N ARG A 173 -30.97 -40.41 -20.53
CA ARG A 173 -30.60 -39.72 -19.28
C ARG A 173 -31.65 -38.63 -19.07
N PRO A 174 -32.80 -38.98 -18.48
CA PRO A 174 -33.94 -38.07 -18.35
C PRO A 174 -33.58 -36.76 -17.64
N PHE A 175 -34.18 -35.64 -18.01
CA PHE A 175 -33.79 -34.39 -17.38
C PHE A 175 -34.87 -33.37 -17.47
N VAL A 176 -34.65 -32.21 -16.85
CA VAL A 176 -35.62 -31.13 -16.91
C VAL A 176 -34.84 -29.93 -17.32
N HIS A 177 -35.52 -29.01 -17.98
CA HIS A 177 -34.89 -27.86 -18.58
C HIS A 177 -35.67 -26.64 -18.19
N TYR A 178 -34.98 -25.56 -17.83
CA TYR A 178 -35.68 -24.32 -17.49
C TYR A 178 -34.66 -23.19 -17.54
N PRO A 179 -35.16 -21.98 -17.81
CA PRO A 179 -34.29 -20.80 -17.80
C PRO A 179 -34.09 -20.30 -16.40
N GLY A 180 -32.84 -19.99 -16.02
CA GLY A 180 -32.54 -19.55 -14.68
C GLY A 180 -31.35 -18.60 -14.61
N SER A 181 -30.53 -18.83 -13.60
CA SER A 181 -29.44 -17.89 -13.27
C SER A 181 -28.30 -18.60 -12.56
N LEU A 182 -27.13 -17.95 -12.51
CA LEU A 182 -26.08 -18.40 -11.61
C LEU A 182 -26.63 -18.42 -10.17
N THR A 183 -26.22 -19.40 -9.37
CA THR A 183 -26.79 -19.47 -8.04
C THR A 183 -26.01 -18.61 -7.04
N THR A 184 -24.97 -17.94 -7.51
CA THR A 184 -24.13 -17.11 -6.65
C THR A 184 -24.01 -15.75 -7.28
N PRO A 185 -23.67 -14.71 -6.50
CA PRO A 185 -23.59 -13.37 -7.07
C PRO A 185 -22.65 -13.33 -8.28
N PRO A 186 -22.95 -12.48 -9.28
CA PRO A 186 -24.06 -11.52 -9.38
C PRO A 186 -25.42 -12.13 -9.74
N CYS A 187 -25.55 -13.44 -9.57
CA CYS A 187 -26.80 -14.15 -9.86
C CYS A 187 -27.33 -13.80 -11.22
N SER A 188 -26.42 -13.73 -12.19
CA SER A 188 -26.78 -13.29 -13.52
C SER A 188 -27.79 -14.23 -14.19
N GLU A 189 -28.80 -13.65 -14.81
CA GLU A 189 -29.82 -14.45 -15.50
C GLU A 189 -29.45 -14.79 -16.97
N GLY A 190 -30.37 -15.42 -17.70
CA GLY A 190 -30.05 -15.90 -19.04
C GLY A 190 -29.28 -17.20 -19.11
N VAL A 191 -29.28 -17.92 -18.00
CA VAL A 191 -28.58 -19.19 -17.92
C VAL A 191 -29.56 -20.30 -18.20
N ASP A 192 -29.18 -21.23 -19.06
CA ASP A 192 -30.03 -22.37 -19.33
C ASP A 192 -29.64 -23.54 -18.46
N TRP A 193 -30.63 -24.07 -17.73
CA TRP A 193 -30.40 -25.09 -16.71
C TRP A 193 -30.94 -26.41 -17.15
N PHE A 194 -30.12 -27.45 -17.06
CA PHE A 194 -30.62 -28.78 -17.34
C PHE A 194 -30.31 -29.55 -16.14
N VAL A 195 -31.30 -30.22 -15.58
CA VAL A 195 -31.09 -30.93 -14.34
C VAL A 195 -31.47 -32.39 -14.49
N PHE A 196 -30.54 -33.28 -14.17
CA PHE A 196 -30.75 -34.69 -14.41
C PHE A 196 -31.57 -35.31 -13.32
N MET A 197 -32.55 -36.09 -13.72
CA MET A 197 -33.44 -36.72 -12.77
C MET A 197 -32.77 -37.81 -12.00
N GLN A 198 -31.78 -38.46 -12.61
CA GLN A 198 -31.18 -39.63 -11.98
C GLN A 198 -30.00 -39.23 -11.13
N PRO A 199 -30.02 -39.59 -9.85
CA PRO A 199 -28.85 -39.20 -9.08
C PRO A 199 -27.68 -40.13 -9.36
N ILE A 200 -26.48 -39.74 -8.91
CA ILE A 200 -25.37 -40.69 -8.84
C ILE A 200 -25.08 -40.96 -7.38
N LYS A 201 -24.73 -42.20 -7.08
CA LYS A 201 -24.42 -42.61 -5.73
C LYS A 201 -22.94 -42.47 -5.50
N VAL A 202 -22.61 -41.57 -4.59
CA VAL A 202 -21.26 -41.31 -4.20
C VAL A 202 -21.18 -41.97 -2.84
N PRO A 203 -19.97 -42.27 -2.35
CA PRO A 203 -19.86 -42.73 -0.95
C PRO A 203 -19.95 -41.61 0.09
N ASP A 204 -20.56 -41.93 1.23
CA ASP A 204 -20.75 -40.98 2.37
C ASP A 204 -19.51 -40.27 2.81
N SER A 205 -18.40 -40.99 2.85
CA SER A 205 -17.12 -40.38 3.10
C SER A 205 -16.90 -39.19 2.16
N GLN A 206 -17.16 -39.33 0.87
CA GLN A 206 -16.86 -38.24 -0.02
C GLN A 206 -17.75 -37.03 0.26
N ILE A 207 -19.04 -37.26 0.49
CA ILE A 207 -19.89 -36.13 0.85
C ILE A 207 -19.36 -35.41 2.09
N LEU A 208 -19.02 -36.15 3.15
CA LEU A 208 -18.47 -35.49 4.34
C LEU A 208 -17.15 -34.79 4.04
N ASP A 209 -16.31 -35.40 3.23
CA ASP A 209 -15.09 -34.74 2.82
C ASP A 209 -15.38 -33.39 2.24
N PHE A 210 -16.43 -33.33 1.43
CA PHE A 210 -16.71 -32.07 0.76
C PHE A 210 -17.21 -31.06 1.76
N MET A 211 -18.18 -31.44 2.57
CA MET A 211 -18.65 -30.54 3.64
C MET A 211 -17.48 -30.08 4.52
N ARG A 212 -16.52 -30.96 4.78
CA ARG A 212 -15.29 -30.60 5.49
C ARG A 212 -14.53 -29.54 4.71
N PHE A 213 -14.30 -29.77 3.41
CA PHE A 213 -13.67 -28.77 2.56
C PHE A 213 -14.38 -27.42 2.67
N VAL A 214 -15.72 -27.41 2.56
CA VAL A 214 -16.46 -26.17 2.63
C VAL A 214 -16.27 -25.45 3.94
N GLY A 215 -16.11 -26.24 5.01
CA GLY A 215 -15.86 -25.73 6.34
C GLY A 215 -14.38 -25.51 6.58
N ASP A 216 -13.58 -25.51 5.51
CA ASP A 216 -12.15 -25.16 5.56
C ASP A 216 -11.34 -26.09 6.45
N ASN A 217 -11.72 -27.37 6.47
CA ASN A 217 -11.05 -28.41 7.27
C ASN A 217 -11.12 -28.16 8.77
N LYS A 218 -11.99 -27.27 9.22
CA LYS A 218 -12.12 -27.01 10.65
C LYS A 218 -13.53 -27.27 11.17
N THR A 219 -14.51 -27.35 10.27
CA THR A 219 -15.87 -27.76 10.62
C THR A 219 -16.60 -28.33 9.38
N TYR A 220 -17.90 -28.57 9.48
CA TYR A 220 -18.68 -29.06 8.36
C TYR A 220 -19.65 -27.95 8.02
N ALA A 221 -19.71 -27.55 6.75
CA ALA A 221 -20.47 -26.37 6.36
C ALA A 221 -21.24 -26.69 5.13
N THR A 222 -22.11 -25.77 4.75
CA THR A 222 -22.84 -25.85 3.49
C THR A 222 -22.55 -24.67 2.56
N ASN A 223 -22.92 -24.80 1.28
CA ASN A 223 -22.72 -23.72 0.32
C ASN A 223 -23.77 -23.72 -0.76
N THR A 224 -25.02 -23.66 -0.30
CA THR A 224 -26.19 -23.71 -1.14
C THR A 224 -27.05 -22.51 -0.88
N ARG A 225 -27.67 -22.03 -1.95
CA ARG A 225 -28.58 -20.90 -1.91
C ARG A 225 -30.00 -21.41 -1.69
N PRO A 226 -30.85 -20.62 -1.03
CA PRO A 226 -32.21 -21.13 -0.85
C PRO A 226 -32.98 -21.24 -2.17
N LEU A 227 -33.99 -22.12 -2.23
CA LEU A 227 -34.83 -22.24 -3.42
C LEU A 227 -35.44 -20.90 -3.81
N GLN A 228 -35.57 -20.69 -5.12
CA GLN A 228 -36.18 -19.48 -5.63
C GLN A 228 -37.56 -19.75 -6.21
N LEU A 229 -38.34 -18.69 -6.36
CA LEU A 229 -39.70 -18.79 -6.87
C LEU A 229 -39.69 -18.90 -8.38
N LEU A 230 -40.42 -19.89 -8.89
CA LEU A 230 -40.53 -20.17 -10.32
C LEU A 230 -41.07 -18.98 -11.09
N ASN A 231 -42.01 -18.28 -10.46
CA ASN A 231 -42.68 -17.18 -11.10
C ASN A 231 -43.36 -17.64 -12.37
N SER A 232 -43.21 -16.90 -13.45
CA SER A 232 -44.00 -17.19 -14.63
C SER A 232 -43.27 -18.19 -15.51
N ARG A 233 -42.24 -18.84 -14.97
CA ARG A 233 -41.42 -19.73 -15.78
C ARG A 233 -42.04 -21.10 -15.96
N LEU A 234 -41.63 -21.79 -17.02
CA LEU A 234 -42.10 -23.14 -17.24
C LEU A 234 -40.90 -24.05 -17.11
N VAL A 235 -41.06 -25.16 -16.39
CA VAL A 235 -40.07 -26.23 -16.38
C VAL A 235 -40.48 -27.22 -17.46
N GLU A 236 -39.56 -27.60 -18.35
CA GLU A 236 -39.85 -28.57 -19.43
C GLU A 236 -39.19 -29.93 -19.18
N TYR A 237 -39.94 -31.02 -19.34
CA TYR A 237 -39.48 -32.36 -18.94
C TYR A 237 -39.07 -33.26 -20.09
N GLU A 238 -37.79 -33.60 -20.16
CA GLU A 238 -37.35 -34.56 -21.14
C GLU A 238 -37.12 -35.86 -20.42
N LEU A 239 -38.19 -36.54 -20.04
CA LEU A 239 -38.05 -37.76 -19.24
C LEU A 239 -37.74 -39.03 -20.09
N ALA B 3 -0.24 -22.60 -23.60
CA ALA B 3 -0.45 -22.02 -22.28
C ALA B 3 0.78 -21.18 -21.89
N TRP B 4 0.62 -19.86 -21.92
CA TRP B 4 1.68 -18.95 -21.48
C TRP B 4 1.13 -17.99 -20.44
N ASN B 5 2.01 -17.38 -19.67
CA ASN B 5 1.55 -16.35 -18.75
C ASN B 5 2.66 -15.42 -18.36
N TYR B 6 2.30 -14.38 -17.62
CA TYR B 6 3.32 -13.55 -17.03
C TYR B 6 3.76 -14.22 -15.72
N GLY B 7 2.81 -14.53 -14.84
CA GLY B 7 3.15 -15.20 -13.59
C GLY B 7 3.64 -14.29 -12.47
N GLU B 8 4.30 -14.87 -11.48
CA GLU B 8 4.73 -14.09 -10.30
C GLU B 8 6.23 -13.86 -10.34
N VAL B 9 6.67 -12.80 -9.70
CA VAL B 9 8.09 -12.48 -9.68
C VAL B 9 8.88 -13.67 -9.20
N ALA B 10 9.95 -13.99 -9.91
CA ALA B 10 10.63 -15.26 -9.77
C ALA B 10 11.48 -15.38 -8.50
N GLY B 11 11.69 -14.25 -7.82
CA GLY B 11 12.56 -14.18 -6.64
C GLY B 11 12.21 -15.16 -5.53
N PRO B 12 11.05 -14.97 -4.88
CA PRO B 12 10.55 -15.70 -3.70
C PRO B 12 10.62 -17.22 -3.76
N PRO B 13 9.95 -17.85 -4.70
CA PRO B 13 10.04 -19.31 -4.72
C PRO B 13 11.47 -19.89 -4.78
N THR B 14 12.50 -19.08 -5.07
CA THR B 14 13.88 -19.58 -5.00
C THR B 14 14.65 -19.25 -3.72
N TRP B 15 13.99 -18.60 -2.76
CA TRP B 15 14.59 -18.29 -1.47
C TRP B 15 14.85 -19.56 -0.71
N LYS B 16 15.97 -19.58 0.02
CA LYS B 16 16.43 -20.79 0.68
C LYS B 16 16.22 -20.76 2.19
N GLY B 17 16.62 -21.85 2.82
CA GLY B 17 16.60 -21.90 4.26
C GLY B 17 15.19 -22.11 4.74
N VAL B 18 14.90 -21.46 5.86
CA VAL B 18 13.62 -21.62 6.53
C VAL B 18 12.52 -21.15 5.59
N CYS B 19 12.87 -20.21 4.72
CA CYS B 19 11.96 -19.77 3.67
C CYS B 19 11.29 -20.96 3.00
N ALA B 20 12.09 -21.98 2.67
CA ALA B 20 11.57 -23.15 1.99
C ALA B 20 11.06 -24.19 2.99
N THR B 21 11.92 -24.57 3.92
CA THR B 21 11.64 -25.66 4.87
C THR B 21 10.53 -25.32 5.88
N GLY B 22 10.53 -24.09 6.40
CA GLY B 22 9.67 -23.71 7.54
C GLY B 22 8.19 -23.92 7.34
N LYS B 23 7.49 -24.19 8.43
CA LYS B 23 6.07 -24.53 8.41
C LYS B 23 5.22 -23.47 9.15
N ARG B 24 5.83 -22.35 9.48
CA ARG B 24 5.12 -21.31 10.19
C ARG B 24 5.51 -19.99 9.58
N GLN B 25 5.39 -19.94 8.25
CA GLN B 25 5.84 -18.83 7.45
C GLN B 25 4.74 -17.80 7.23
N SER B 26 5.14 -16.53 7.14
CA SER B 26 4.21 -15.47 6.78
C SER B 26 4.56 -14.96 5.38
N PRO B 27 3.62 -14.28 4.72
CA PRO B 27 2.26 -13.94 5.13
C PRO B 27 1.29 -15.08 4.86
N ILE B 28 0.17 -15.05 5.55
CA ILE B 28 -0.84 -16.05 5.35
C ILE B 28 -2.12 -15.38 4.88
N ASN B 29 -3.06 -16.17 4.39
CA ASN B 29 -4.40 -15.67 4.25
C ASN B 29 -5.08 -15.64 5.63
N ILE B 30 -5.84 -14.57 5.85
CA ILE B 30 -6.63 -14.40 7.04
C ILE B 30 -8.07 -14.51 6.63
N PRO B 31 -8.73 -15.60 7.03
CA PRO B 31 -10.18 -15.78 6.86
C PRO B 31 -11.02 -14.78 7.66
N LEU B 32 -11.95 -14.09 7.01
CA LEU B 32 -12.90 -13.23 7.75
C LEU B 32 -14.27 -13.83 7.60
N ASN B 33 -14.93 -13.51 6.49
CA ASN B 33 -16.28 -13.98 6.24
C ASN B 33 -16.29 -15.38 5.64
N THR B 34 -15.73 -16.30 6.41
CA THR B 34 -15.68 -17.72 6.11
C THR B 34 -16.46 -18.53 7.16
N SER B 35 -16.71 -19.79 6.83
CA SER B 35 -17.59 -20.64 7.65
C SER B 35 -16.90 -21.23 8.91
N ALA B 36 -15.58 -21.28 8.89
CA ALA B 36 -14.84 -21.91 9.96
C ALA B 36 -14.97 -21.13 11.27
N PRO B 37 -14.84 -21.85 12.40
CA PRO B 37 -15.01 -21.22 13.71
C PRO B 37 -13.76 -20.41 14.08
N LYS B 38 -14.03 -19.24 14.65
CA LYS B 38 -13.00 -18.25 14.95
C LYS B 38 -12.65 -18.31 16.44
N VAL B 39 -11.53 -18.94 16.76
CA VAL B 39 -11.01 -18.94 18.10
C VAL B 39 -10.72 -17.51 18.57
N ASP B 40 -11.17 -17.15 19.75
CA ASP B 40 -10.99 -15.77 20.24
C ASP B 40 -9.65 -15.59 20.89
N ALA B 41 -9.00 -14.47 20.58
CA ALA B 41 -7.63 -14.25 21.02
C ALA B 41 -7.64 -13.81 22.49
N GLU B 42 -8.60 -12.97 22.85
CA GLU B 42 -8.76 -12.52 24.22
C GLU B 42 -7.43 -12.05 24.79
N MET B 43 -6.98 -10.91 24.28
CA MET B 43 -5.76 -10.23 24.73
C MET B 43 -6.09 -8.76 24.97
N GLY B 44 -7.37 -8.42 24.92
CA GLY B 44 -7.78 -7.03 25.08
C GLY B 44 -7.44 -6.23 23.85
N GLU B 45 -7.50 -4.90 23.97
CA GLU B 45 -7.13 -4.03 22.86
C GLU B 45 -5.70 -3.56 23.01
N PHE B 46 -5.09 -3.30 21.87
CA PHE B 46 -3.83 -2.60 21.79
C PHE B 46 -4.01 -1.23 22.42
N ASP B 47 -3.00 -0.83 23.18
CA ASP B 47 -2.88 0.56 23.59
C ASP B 47 -1.54 1.02 23.02
N PHE B 48 -1.53 2.18 22.38
CA PHE B 48 -0.31 2.73 21.81
C PHE B 48 0.23 3.95 22.55
N ALA B 49 1.54 3.96 22.76
CA ALA B 49 2.25 5.10 23.38
C ALA B 49 3.41 5.40 22.45
N TYR B 50 3.10 5.95 21.29
CA TYR B 50 4.08 6.27 20.27
C TYR B 50 4.21 7.78 20.30
N GLY B 51 5.43 8.31 20.12
CA GLY B 51 5.62 9.74 20.09
C GLY B 51 5.08 10.34 18.79
N SER B 52 4.72 11.61 18.84
CA SER B 52 4.13 12.27 17.69
C SER B 52 5.16 12.97 16.76
N PHE B 53 6.43 13.00 17.21
CA PHE B 53 7.46 13.74 16.48
C PHE B 53 8.79 13.10 16.67
N GLU B 54 8.79 11.78 16.54
CA GLU B 54 10.01 11.01 16.60
C GLU B 54 10.96 11.48 15.50
N LYS B 55 12.22 11.61 15.87
CA LYS B 55 13.28 11.85 14.92
C LYS B 55 13.88 10.50 14.57
N CYS B 56 13.98 10.22 13.27
CA CYS B 56 14.27 8.88 12.79
C CYS B 56 15.40 8.84 11.79
N ASP B 57 16.04 7.67 11.67
CA ASP B 57 16.84 7.35 10.49
C ASP B 57 15.96 6.76 9.37
N VAL B 58 16.31 7.02 8.12
CA VAL B 58 15.60 6.40 7.00
C VAL B 58 16.59 5.80 6.06
N LEU B 59 16.38 4.55 5.65
CA LEU B 59 17.31 3.95 4.70
C LEU B 59 16.62 3.23 3.58
N ASN B 60 17.39 2.97 2.54
CA ASN B 60 16.95 2.12 1.46
C ASN B 60 17.45 0.69 1.68
N THR B 61 16.52 -0.23 1.78
CA THR B 61 16.88 -1.58 2.16
C THR B 61 17.68 -2.20 1.09
N GLY B 62 17.46 -1.76 -0.15
CA GLY B 62 17.99 -2.41 -1.32
C GLY B 62 17.02 -3.42 -1.94
N HIS B 63 15.95 -3.73 -1.23
CA HIS B 63 15.01 -4.71 -1.65
C HIS B 63 13.63 -4.16 -1.82
N GLY B 64 13.57 -2.94 -2.29
CA GLY B 64 12.32 -2.33 -2.69
C GLY B 64 11.92 -1.26 -1.71
N THR B 65 11.64 -1.64 -0.47
CA THR B 65 11.05 -0.68 0.43
C THR B 65 12.10 0.21 1.04
N MET B 66 11.68 1.37 1.54
CA MET B 66 12.52 2.10 2.48
C MET B 66 12.20 1.59 3.89
N GLN B 67 12.99 2.04 4.86
CA GLN B 67 12.77 1.63 6.23
C GLN B 67 13.08 2.77 7.15
N VAL B 68 12.08 3.15 7.92
CA VAL B 68 12.23 4.18 8.93
C VAL B 68 12.59 3.51 10.24
N ASN B 69 13.77 3.85 10.78
CA ASN B 69 14.20 3.41 12.11
C ASN B 69 13.84 4.36 13.25
N PHE B 70 13.35 3.80 14.35
CA PHE B 70 12.87 4.62 15.46
C PHE B 70 13.74 4.54 16.67
N PRO B 71 13.94 5.68 17.34
CA PRO B 71 14.52 5.68 18.68
C PRO B 71 13.61 5.05 19.73
N ALA B 72 14.18 4.90 20.94
CA ALA B 72 13.51 4.23 22.07
C ALA B 72 12.19 4.86 22.47
N GLY B 73 11.34 4.07 23.11
CA GLY B 73 10.17 4.63 23.76
C GLY B 73 8.95 4.77 22.88
N ASN B 74 8.94 4.09 21.76
CA ASN B 74 7.70 3.91 21.06
C ASN B 74 7.20 2.54 21.43
N LEU B 75 6.05 2.52 22.11
CA LEU B 75 5.59 1.34 22.81
C LEU B 75 4.16 1.06 22.47
N ALA B 76 3.95 -0.21 22.17
CA ALA B 76 2.61 -0.75 22.02
C ALA B 76 2.35 -1.71 23.19
N PHE B 77 1.10 -1.78 23.63
CA PHE B 77 0.75 -2.63 24.74
C PHE B 77 -0.39 -3.50 24.32
N ILE B 78 -0.23 -4.79 24.55
CA ILE B 78 -1.25 -5.79 24.18
C ILE B 78 -1.00 -7.03 24.99
N GLY B 79 -2.09 -7.61 25.47
CA GLY B 79 -1.96 -8.68 26.46
C GLY B 79 -1.22 -8.04 27.60
N ASN B 80 -0.22 -8.75 28.12
CA ASN B 80 0.57 -8.20 29.21
C ASN B 80 1.98 -7.90 28.69
N MET B 81 2.13 -7.96 27.38
CA MET B 81 3.41 -7.71 26.76
C MET B 81 3.54 -6.23 26.45
N GLU B 82 4.75 -5.71 26.55
CA GLU B 82 5.06 -4.42 25.92
C GLU B 82 5.98 -4.63 24.70
N LEU B 83 5.56 -4.05 23.57
CA LEU B 83 6.31 -4.11 22.29
C LEU B 83 6.99 -2.78 22.00
N GLU B 84 8.32 -2.79 21.93
CA GLU B 84 9.10 -1.60 21.51
C GLU B 84 9.23 -1.51 19.98
N LEU B 85 8.80 -0.39 19.42
CA LEU B 85 8.88 -0.15 17.98
C LEU B 85 10.32 -0.01 17.49
N LEU B 86 10.69 -0.80 16.50
CA LEU B 86 12.06 -0.75 15.99
C LEU B 86 12.07 0.02 14.70
N GLN B 87 11.10 -0.23 13.84
CA GLN B 87 11.16 0.33 12.47
C GLN B 87 9.92 -0.02 11.72
N PHE B 88 9.52 0.81 10.78
CA PHE B 88 8.51 0.35 9.83
C PHE B 88 8.99 0.46 8.34
N HIS B 89 8.26 -0.22 7.46
CA HIS B 89 8.52 -0.28 6.00
C HIS B 89 7.25 -0.80 5.37
N PHE B 90 7.24 -0.90 4.04
CA PHE B 90 6.00 -1.13 3.31
C PHE B 90 6.17 -2.20 2.34
N HIS B 91 5.07 -2.83 1.95
CA HIS B 91 5.02 -3.76 0.82
C HIS B 91 3.88 -3.33 -0.09
N ALA B 92 4.02 -3.65 -1.38
CA ALA B 92 2.93 -3.47 -2.35
C ALA B 92 2.99 -4.61 -3.37
N PRO B 93 1.87 -5.33 -3.58
CA PRO B 93 0.56 -5.23 -2.92
C PRO B 93 0.69 -5.69 -1.49
N SER B 94 -0.40 -5.81 -0.74
CA SER B 94 -0.22 -6.24 0.66
C SER B 94 0.36 -7.65 0.69
N GLU B 95 1.00 -8.00 1.81
CA GLU B 95 1.51 -9.35 1.98
C GLU B 95 0.45 -10.32 2.47
N HIS B 96 -0.20 -10.00 3.59
CA HIS B 96 -1.33 -10.77 4.07
C HIS B 96 -2.49 -10.49 3.16
N ALA B 97 -3.45 -11.42 3.12
CA ALA B 97 -4.69 -11.20 2.40
C ALA B 97 -5.87 -11.48 3.32
N MET B 98 -6.98 -10.78 3.12
CA MET B 98 -8.27 -11.10 3.76
C MET B 98 -9.19 -11.84 2.77
N ASP B 99 -9.46 -13.10 3.09
CA ASP B 99 -10.35 -13.91 2.28
C ASP B 99 -9.85 -13.94 0.82
N GLY B 100 -8.57 -14.24 0.69
CA GLY B 100 -7.93 -14.35 -0.58
C GLY B 100 -7.59 -13.02 -1.25
N ARG B 101 -8.11 -11.90 -0.74
CA ARG B 101 -7.85 -10.58 -1.39
C ARG B 101 -6.76 -9.73 -0.73
N ARG B 102 -5.88 -9.16 -1.55
CA ARG B 102 -4.80 -8.30 -1.09
C ARG B 102 -5.14 -6.85 -1.31
N TYR B 103 -4.61 -5.96 -0.48
CA TYR B 103 -4.90 -4.54 -0.59
C TYR B 103 -3.75 -3.85 -1.32
N ALA B 104 -3.90 -2.57 -1.62
CA ALA B 104 -2.84 -1.86 -2.31
C ALA B 104 -1.49 -1.92 -1.60
N MET B 105 -1.42 -1.56 -0.32
CA MET B 105 -0.16 -1.69 0.41
C MET B 105 -0.35 -2.29 1.81
N GLU B 106 0.77 -2.59 2.45
CA GLU B 106 0.74 -3.07 3.80
C GLU B 106 1.88 -2.41 4.52
N ALA B 107 1.61 -1.79 5.67
CA ALA B 107 2.70 -1.29 6.49
C ALA B 107 3.02 -2.35 7.51
N HIS B 108 4.31 -2.55 7.68
CA HIS B 108 4.81 -3.41 8.72
C HIS B 108 5.54 -2.62 9.82
N LEU B 109 4.93 -2.48 10.99
CA LEU B 109 5.60 -1.86 12.15
C LEU B 109 6.23 -2.96 13.00
N VAL B 110 7.55 -3.04 12.99
CA VAL B 110 8.25 -4.18 13.59
C VAL B 110 8.68 -3.88 15.02
N HIS B 111 8.27 -4.71 15.97
CA HIS B 111 8.62 -4.48 17.38
C HIS B 111 9.48 -5.57 17.97
N LYS B 112 10.13 -5.20 19.07
CA LYS B 112 10.77 -6.18 19.94
C LYS B 112 9.88 -6.28 21.12
N ASN B 113 9.67 -7.51 21.56
CA ASN B 113 9.02 -7.79 22.85
C ASN B 113 10.02 -7.55 23.99
N LYS B 114 9.81 -6.46 24.74
CA LYS B 114 10.71 -6.11 25.85
C LYS B 114 10.67 -7.20 26.92
N SER B 115 9.48 -7.71 27.18
CA SER B 115 9.28 -8.87 28.03
C SER B 115 10.08 -10.09 27.51
N THR B 116 9.67 -10.63 26.36
CA THR B 116 10.14 -11.95 25.91
C THR B 116 11.42 -11.89 25.11
N GLY B 117 11.67 -10.78 24.43
CA GLY B 117 12.82 -10.67 23.54
C GLY B 117 12.61 -11.01 22.06
N ASN B 118 11.48 -11.63 21.74
CA ASN B 118 11.11 -12.03 20.39
C ASN B 118 10.58 -10.90 19.60
N LEU B 119 10.45 -11.10 18.29
CA LEU B 119 9.92 -10.04 17.45
C LEU B 119 8.44 -10.17 17.26
N ALA B 120 7.79 -9.02 17.18
CA ALA B 120 6.38 -9.01 16.84
C ALA B 120 6.19 -8.02 15.69
N VAL B 121 5.22 -8.21 14.82
CA VAL B 121 5.03 -7.27 13.73
C VAL B 121 3.57 -6.92 13.67
N LEU B 122 3.31 -5.63 13.64
CA LEU B 122 1.94 -5.16 13.45
C LEU B 122 1.88 -4.87 11.96
N GLY B 123 0.84 -5.40 11.32
CA GLY B 123 0.60 -5.24 9.91
C GLY B 123 -0.69 -4.50 9.69
N ILE B 124 -0.62 -3.45 8.88
CA ILE B 124 -1.79 -2.64 8.55
C ILE B 124 -1.97 -2.58 7.02
N MET B 125 -3.21 -2.74 6.58
CA MET B 125 -3.53 -2.72 5.18
C MET B 125 -3.75 -1.28 4.77
N LEU B 126 -3.37 -0.95 3.54
CA LEU B 126 -3.59 0.39 2.95
C LEU B 126 -4.44 0.29 1.67
N GLU B 127 -5.61 0.92 1.67
CA GLU B 127 -6.54 0.95 0.56
C GLU B 127 -6.38 2.25 -0.15
N PRO B 128 -6.61 2.27 -1.47
CA PRO B 128 -6.63 3.56 -2.14
C PRO B 128 -7.92 4.27 -1.86
N GLY B 129 -8.05 5.53 -2.26
CA GLY B 129 -9.31 6.24 -2.19
C GLY B 129 -9.18 7.50 -1.35
N GLY B 130 -8.26 7.46 -0.39
CA GLY B 130 -8.11 8.59 0.50
C GLY B 130 -7.90 9.91 -0.23
N LEU B 131 -8.26 10.99 0.44
CA LEU B 131 -8.01 12.32 -0.09
C LEU B 131 -6.83 12.95 0.62
N ILE B 132 -6.53 12.49 1.83
CA ILE B 132 -5.44 13.08 2.61
C ILE B 132 -4.17 12.21 2.59
N LYS B 133 -3.06 12.84 2.22
CA LYS B 133 -1.76 12.23 2.32
C LYS B 133 -1.52 11.70 3.72
N ASN B 134 -1.04 10.48 3.79
CA ASN B 134 -0.57 9.94 5.03
C ASN B 134 0.82 10.51 5.29
N PRO B 135 0.99 11.19 6.43
CA PRO B 135 2.23 11.93 6.61
C PRO B 135 3.43 11.07 6.89
N ALA B 136 3.20 9.87 7.42
CA ALA B 136 4.29 8.94 7.72
C ALA B 136 4.75 8.30 6.40
N LEU B 137 3.82 7.79 5.61
CA LEU B 137 4.19 7.34 4.28
C LEU B 137 4.90 8.48 3.50
N SER B 138 4.34 9.68 3.60
CA SER B 138 4.89 10.86 2.98
C SER B 138 6.33 11.19 3.40
N THR B 139 6.55 11.36 4.69
CA THR B 139 7.92 11.59 5.13
C THR B 139 8.85 10.45 4.65
N ALA B 140 8.39 9.20 4.73
CA ALA B 140 9.22 8.08 4.33
C ALA B 140 9.59 8.15 2.84
N LEU B 141 8.64 8.45 1.99
CA LEU B 141 8.93 8.58 0.58
C LEU B 141 9.84 9.79 0.27
N GLU B 142 9.55 10.93 0.89
CA GLU B 142 10.31 12.17 0.65
C GLU B 142 11.75 12.13 1.18
N VAL B 143 11.98 11.45 2.28
CA VAL B 143 13.30 11.47 2.91
C VAL B 143 14.20 10.36 2.42
N ALA B 144 13.59 9.28 1.95
CA ALA B 144 14.33 8.02 1.76
C ALA B 144 15.43 8.20 0.78
N PRO B 145 16.64 7.72 1.12
CA PRO B 145 17.69 7.83 0.11
C PRO B 145 17.40 6.90 -1.05
N GLU B 146 17.70 7.39 -2.24
CA GLU B 146 17.63 6.60 -3.45
C GLU B 146 18.70 5.49 -3.49
N VAL B 147 19.84 5.71 -2.83
CA VAL B 147 20.90 4.71 -2.80
C VAL B 147 20.86 3.74 -1.63
N PRO B 148 21.23 2.48 -1.87
CA PRO B 148 21.28 1.56 -0.73
C PRO B 148 22.51 1.80 0.15
N LEU B 149 22.62 1.07 1.27
CA LEU B 149 23.79 1.11 2.17
C LEU B 149 24.07 2.47 2.81
N ALA B 150 22.99 3.25 2.98
CA ALA B 150 23.11 4.63 3.39
C ALA B 150 21.87 4.98 4.16
N LYS B 151 22.02 5.29 5.44
CA LYS B 151 20.88 5.77 6.20
C LYS B 151 20.96 7.27 6.43
N LYS B 152 19.87 7.97 6.08
CA LYS B 152 19.73 9.41 6.22
C LYS B 152 18.81 9.80 7.43
N PRO B 153 19.31 10.60 8.40
CA PRO B 153 18.44 11.19 9.43
C PRO B 153 17.32 11.97 8.80
N SER B 154 16.11 11.85 9.34
CA SER B 154 14.98 12.60 8.83
C SER B 154 14.88 13.96 9.54
N PRO B 155 14.76 15.06 8.77
CA PRO B 155 14.58 16.39 9.37
C PRO B 155 13.23 16.57 10.02
N LYS B 156 12.21 15.95 9.42
CA LYS B 156 10.85 16.04 9.93
C LYS B 156 10.57 14.89 10.87
N GLY B 157 9.80 15.19 11.92
CA GLY B 157 9.39 14.18 12.89
C GLY B 157 8.32 13.32 12.24
N ILE B 158 8.20 12.07 12.70
CA ILE B 158 7.22 11.15 12.13
C ILE B 158 6.38 10.67 13.28
N ASN B 159 5.07 10.57 13.06
CA ASN B 159 4.16 9.99 14.04
C ASN B 159 3.69 8.62 13.53
N PRO B 160 4.19 7.53 14.12
CA PRO B 160 3.85 6.20 13.61
C PRO B 160 2.40 5.78 13.88
N VAL B 161 1.73 6.51 14.78
CA VAL B 161 0.33 6.25 15.06
C VAL B 161 -0.48 6.56 13.81
N MET B 162 0.12 7.31 12.90
CA MET B 162 -0.52 7.64 11.63
C MET B 162 -0.61 6.44 10.72
N LEU B 163 0.11 5.38 11.05
CA LEU B 163 0.03 4.16 10.27
C LEU B 163 -0.97 3.19 10.86
N LEU B 164 -1.58 3.54 11.98
CA LEU B 164 -2.53 2.63 12.63
C LEU B 164 -3.96 3.02 12.29
N PRO B 165 -4.85 2.03 12.30
CA PRO B 165 -6.26 2.36 12.07
C PRO B 165 -6.84 3.21 13.21
N LYS B 166 -7.92 3.96 12.93
CA LYS B 166 -8.62 4.71 13.98
C LYS B 166 -9.49 3.72 14.69
N LYS B 167 -9.70 3.98 15.98
CA LYS B 167 -10.61 3.20 16.81
C LYS B 167 -12.01 3.15 16.14
N SER B 168 -12.70 2.02 16.28
CA SER B 168 -14.05 1.90 15.73
C SER B 168 -14.99 2.72 16.56
N LYS B 169 -16.25 2.83 16.13
CA LYS B 169 -17.24 3.51 16.94
C LYS B 169 -17.34 2.89 18.35
N ALA B 170 -17.01 1.62 18.45
CA ALA B 170 -17.02 0.89 19.71
C ALA B 170 -15.71 1.06 20.51
N GLY B 171 -14.75 1.80 19.97
CA GLY B 171 -13.48 2.07 20.65
C GLY B 171 -12.43 0.99 20.45
N THR B 172 -12.68 0.11 19.49
CA THR B 172 -11.81 -1.04 19.27
C THR B 172 -10.95 -0.86 18.02
N ARG B 173 -9.81 -1.56 18.00
CA ARG B 173 -9.03 -1.77 16.78
C ARG B 173 -8.93 -3.26 16.52
N PRO B 174 -9.93 -3.84 15.83
CA PRO B 174 -9.99 -5.28 15.59
C PRO B 174 -8.76 -5.82 14.87
N PHE B 175 -8.27 -6.98 15.31
CA PHE B 175 -7.07 -7.57 14.71
C PHE B 175 -7.09 -9.11 14.82
N VAL B 176 -6.12 -9.75 14.16
CA VAL B 176 -5.90 -11.18 14.29
C VAL B 176 -4.46 -11.36 14.71
N HIS B 177 -4.21 -12.45 15.42
CA HIS B 177 -2.91 -12.74 15.97
C HIS B 177 -2.57 -14.12 15.49
N TYR B 178 -1.31 -14.35 15.13
CA TYR B 178 -0.92 -15.70 14.76
C TYR B 178 0.55 -15.79 14.75
N PRO B 179 1.07 -17.00 14.95
CA PRO B 179 2.52 -17.15 15.02
C PRO B 179 3.06 -17.28 13.65
N GLY B 180 4.11 -16.54 13.32
CA GLY B 180 4.60 -16.58 11.96
C GLY B 180 6.07 -16.33 11.84
N SER B 181 6.42 -15.63 10.79
CA SER B 181 7.81 -15.44 10.41
C SER B 181 7.93 -14.07 9.83
N LEU B 182 9.18 -13.65 9.72
CA LEU B 182 9.54 -12.61 8.78
C LEU B 182 9.20 -13.09 7.33
N THR B 183 8.94 -12.15 6.43
CA THR B 183 8.48 -12.44 5.09
C THR B 183 9.56 -12.17 4.05
N THR B 184 10.72 -11.75 4.53
CA THR B 184 11.89 -11.67 3.67
C THR B 184 12.95 -12.61 4.23
N PRO B 185 13.89 -13.05 3.40
CA PRO B 185 14.94 -13.93 3.94
C PRO B 185 15.67 -13.29 5.11
N PRO B 186 16.11 -14.09 6.09
CA PRO B 186 16.09 -15.57 6.09
C PRO B 186 14.78 -16.22 6.59
N CYS B 187 13.72 -15.43 6.72
CA CYS B 187 12.39 -15.94 7.04
C CYS B 187 12.31 -16.61 8.42
N SER B 188 13.07 -16.03 9.36
CA SER B 188 13.11 -16.44 10.77
C SER B 188 11.72 -16.58 11.35
N GLU B 189 11.49 -17.72 11.98
CA GLU B 189 10.21 -17.94 12.63
C GLU B 189 10.23 -17.43 14.11
N GLY B 190 9.13 -17.61 14.82
CA GLY B 190 9.01 -17.12 16.19
C GLY B 190 8.65 -15.65 16.25
N VAL B 191 7.92 -15.20 15.23
CA VAL B 191 7.45 -13.83 15.16
C VAL B 191 5.97 -13.79 15.48
N ASP B 192 5.54 -12.87 16.31
CA ASP B 192 4.12 -12.76 16.56
C ASP B 192 3.55 -11.74 15.60
N TRP B 193 2.57 -12.15 14.84
CA TRP B 193 1.95 -11.25 13.93
C TRP B 193 0.68 -10.77 14.54
N PHE B 194 0.46 -9.48 14.44
CA PHE B 194 -0.84 -8.91 14.71
C PHE B 194 -1.21 -8.15 13.48
N VAL B 195 -2.37 -8.48 12.89
CA VAL B 195 -2.77 -7.89 11.62
C VAL B 195 -4.11 -7.25 11.82
N PHE B 196 -4.16 -5.97 11.54
CA PHE B 196 -5.36 -5.21 11.83
C PHE B 196 -6.37 -5.36 10.72
N MET B 197 -7.63 -5.44 11.15
CA MET B 197 -8.71 -5.65 10.22
C MET B 197 -9.12 -4.40 9.46
N GLN B 198 -8.79 -3.22 9.98
CA GLN B 198 -9.31 -2.00 9.40
C GLN B 198 -8.27 -1.37 8.51
N PRO B 199 -8.54 -1.34 7.19
CA PRO B 199 -7.61 -0.63 6.31
C PRO B 199 -7.54 0.85 6.70
N ILE B 200 -6.47 1.51 6.24
CA ILE B 200 -6.40 2.97 6.20
C ILE B 200 -6.43 3.39 4.71
N LYS B 201 -7.11 4.47 4.40
CA LYS B 201 -7.24 4.92 3.03
C LYS B 201 -6.17 5.93 2.75
N VAL B 202 -5.37 5.65 1.76
CA VAL B 202 -4.30 6.52 1.38
C VAL B 202 -4.73 7.06 0.01
N PRO B 203 -4.17 8.19 -0.41
CA PRO B 203 -4.48 8.62 -1.79
C PRO B 203 -3.75 7.76 -2.83
N ASP B 204 -4.39 7.47 -3.96
CA ASP B 204 -3.74 6.62 -4.99
C ASP B 204 -2.37 7.15 -5.39
N SER B 205 -2.26 8.46 -5.36
CA SER B 205 -1.01 9.12 -5.53
C SER B 205 0.07 8.39 -4.73
N GLN B 206 -0.13 8.23 -3.43
CA GLN B 206 0.91 7.70 -2.58
C GLN B 206 1.26 6.24 -2.88
N ILE B 207 0.25 5.49 -3.31
CA ILE B 207 0.46 4.10 -3.67
C ILE B 207 1.33 4.03 -4.92
N LEU B 208 0.97 4.80 -5.93
CA LEU B 208 1.81 4.80 -7.12
C LEU B 208 3.21 5.29 -6.84
N ASP B 209 3.34 6.35 -6.04
CA ASP B 209 4.64 6.86 -5.68
C ASP B 209 5.47 5.77 -5.04
N PHE B 210 4.84 4.95 -4.19
CA PHE B 210 5.59 3.88 -3.53
C PHE B 210 6.02 2.79 -4.53
N MET B 211 5.08 2.31 -5.34
CA MET B 211 5.42 1.37 -6.43
C MET B 211 6.54 1.89 -7.33
N ARG B 212 6.53 3.18 -7.60
CA ARG B 212 7.61 3.85 -8.34
C ARG B 212 8.93 3.74 -7.60
N PHE B 213 8.90 4.06 -6.30
CA PHE B 213 10.09 3.90 -5.46
C PHE B 213 10.64 2.49 -5.49
N VAL B 214 9.81 1.48 -5.25
CA VAL B 214 10.29 0.10 -5.36
C VAL B 214 10.94 -0.16 -6.74
N GLY B 215 10.36 0.44 -7.78
CA GLY B 215 10.84 0.30 -9.14
C GLY B 215 12.01 1.21 -9.50
N ASP B 216 12.62 1.78 -8.47
CA ASP B 216 13.86 2.55 -8.60
C ASP B 216 13.69 3.75 -9.54
N ASN B 217 12.46 4.23 -9.60
CA ASN B 217 12.11 5.39 -10.44
C ASN B 217 12.22 5.09 -11.96
N LYS B 218 12.28 3.81 -12.30
CA LYS B 218 12.36 3.38 -13.69
C LYS B 218 11.09 2.64 -14.08
N THR B 219 10.33 2.16 -13.11
CA THR B 219 9.15 1.40 -13.43
C THR B 219 8.19 1.42 -12.23
N TYR B 220 7.22 0.53 -12.23
CA TYR B 220 6.36 0.35 -11.10
C TYR B 220 6.51 -1.09 -10.84
N ALA B 221 6.86 -1.39 -9.60
CA ALA B 221 7.18 -2.72 -9.17
C ALA B 221 6.59 -3.03 -7.81
N THR B 222 6.59 -4.30 -7.50
CA THR B 222 6.08 -4.85 -6.28
C THR B 222 7.20 -5.43 -5.39
N ASN B 223 6.88 -5.75 -4.13
CA ASN B 223 7.85 -6.31 -3.20
C ASN B 223 7.18 -7.18 -2.12
N THR B 224 6.47 -8.20 -2.60
CA THR B 224 5.68 -9.08 -1.77
C THR B 224 5.96 -10.53 -2.11
N ARG B 225 5.92 -11.32 -1.06
CA ARG B 225 6.14 -12.72 -1.11
C ARG B 225 4.77 -13.39 -1.22
N PRO B 226 4.69 -14.53 -1.93
CA PRO B 226 3.44 -15.30 -2.05
C PRO B 226 2.85 -15.75 -0.72
N LEU B 227 1.54 -15.89 -0.69
CA LEU B 227 0.83 -16.42 0.45
C LEU B 227 1.36 -17.80 0.87
N GLN B 228 1.65 -17.96 2.16
CA GLN B 228 2.12 -19.24 2.69
C GLN B 228 0.97 -20.03 3.29
N LEU B 229 1.23 -21.33 3.42
CA LEU B 229 0.30 -22.29 4.00
C LEU B 229 0.19 -22.19 5.51
N LEU B 230 -1.03 -22.25 6.02
CA LEU B 230 -1.30 -22.15 7.45
C LEU B 230 -0.65 -23.25 8.22
N ASN B 231 -0.66 -24.43 7.61
CA ASN B 231 -0.31 -25.65 8.32
C ASN B 231 -1.14 -25.80 9.58
N SER B 232 -0.58 -26.36 10.62
CA SER B 232 -1.41 -26.59 11.80
C SER B 232 -1.72 -25.29 12.60
N ARG B 233 -1.17 -24.16 12.18
CA ARG B 233 -1.25 -22.93 12.97
C ARG B 233 -2.69 -22.50 13.18
N LEU B 234 -2.88 -21.74 14.24
CA LEU B 234 -4.18 -21.23 14.61
C LEU B 234 -4.20 -19.69 14.58
N VAL B 235 -5.09 -19.14 13.76
CA VAL B 235 -5.33 -17.72 13.73
C VAL B 235 -6.35 -17.32 14.80
N GLU B 236 -5.88 -16.65 15.86
CA GLU B 236 -6.76 -16.16 16.90
C GLU B 236 -7.32 -14.77 16.50
N TYR B 237 -8.60 -14.50 16.78
CA TYR B 237 -9.22 -13.21 16.43
C TYR B 237 -9.53 -12.34 17.68
N GLU B 238 -9.47 -11.03 17.51
CA GLU B 238 -9.90 -10.10 18.52
C GLU B 238 -10.67 -9.05 17.78
N LEU B 239 -11.94 -9.33 17.54
CA LEU B 239 -12.76 -8.45 16.69
C LEU B 239 -13.69 -7.47 17.49
N MET C 1 17.72 1.23 18.68
CA MET C 1 17.75 1.29 17.21
C MET C 1 17.57 2.71 16.62
N ALA C 2 18.57 3.28 15.96
CA ALA C 2 18.61 4.75 15.76
C ALA C 2 18.88 5.55 17.04
N ALA C 3 19.63 4.97 17.98
CA ALA C 3 20.13 5.75 19.09
C ALA C 3 21.38 6.48 18.60
N TRP C 4 22.39 5.70 18.26
CA TRP C 4 23.71 6.14 17.80
C TRP C 4 24.17 5.10 16.81
N ASN C 5 25.31 5.31 16.16
CA ASN C 5 25.83 4.29 15.26
C ASN C 5 27.27 4.59 14.97
N TYR C 6 27.95 3.65 14.31
CA TYR C 6 29.33 3.91 13.84
C TYR C 6 29.34 4.74 12.58
N GLY C 7 28.51 4.39 11.62
CA GLY C 7 28.39 5.18 10.41
C GLY C 7 29.47 4.87 9.40
N GLU C 8 29.50 5.63 8.29
CA GLU C 8 30.49 5.44 7.22
C GLU C 8 31.64 6.42 7.40
N VAL C 9 32.78 6.12 6.79
CA VAL C 9 33.98 6.92 6.95
C VAL C 9 33.72 8.39 6.66
N ALA C 10 34.45 9.25 7.33
CA ALA C 10 34.06 10.63 7.40
C ALA C 10 34.54 11.41 6.19
N GLY C 11 35.55 10.90 5.51
CA GLY C 11 36.19 11.63 4.40
C GLY C 11 35.34 12.05 3.20
N PRO C 12 34.78 11.07 2.47
CA PRO C 12 34.11 11.24 1.17
C PRO C 12 33.05 12.33 1.09
N PRO C 13 32.16 12.40 2.10
CA PRO C 13 31.13 13.45 2.00
C PRO C 13 31.66 14.88 2.16
N THR C 14 32.92 15.07 2.51
CA THR C 14 33.52 16.42 2.56
C THR C 14 34.43 16.75 1.39
N TRP C 15 34.66 15.77 0.49
CA TRP C 15 35.50 15.97 -0.68
C TRP C 15 34.89 17.06 -1.50
N LYS C 16 35.74 17.96 -1.99
CA LYS C 16 35.25 19.16 -2.64
C LYS C 16 35.28 19.08 -4.16
N GLY C 17 34.68 20.08 -4.80
CA GLY C 17 34.71 20.16 -6.24
C GLY C 17 33.65 19.30 -6.88
N VAL C 18 34.04 18.63 -7.96
CA VAL C 18 33.06 17.89 -8.74
C VAL C 18 32.58 16.71 -7.92
N CYS C 19 33.44 16.23 -7.02
CA CYS C 19 33.03 15.22 -6.03
C CYS C 19 31.70 15.57 -5.39
N ALA C 20 31.46 16.86 -5.18
CA ALA C 20 30.26 17.35 -4.51
C ALA C 20 29.12 17.70 -5.50
N THR C 21 29.49 18.39 -6.59
CA THR C 21 28.52 19.00 -7.50
C THR C 21 28.05 18.07 -8.62
N GLY C 22 28.97 17.25 -9.13
CA GLY C 22 28.73 16.37 -10.26
C GLY C 22 27.44 15.58 -10.13
N LYS C 23 26.86 15.26 -11.27
CA LYS C 23 25.64 14.46 -11.29
C LYS C 23 25.90 13.17 -12.08
N ARG C 24 27.17 12.88 -12.38
CA ARG C 24 27.47 11.63 -13.09
C ARG C 24 28.60 10.96 -12.36
N GLN C 25 28.40 10.73 -11.08
CA GLN C 25 29.46 10.28 -10.21
C GLN C 25 29.46 8.77 -10.00
N SER C 26 30.63 8.23 -9.63
CA SER C 26 30.79 6.80 -9.37
C SER C 26 31.30 6.59 -7.94
N PRO C 27 31.05 5.42 -7.33
CA PRO C 27 30.31 4.25 -7.82
C PRO C 27 28.79 4.37 -7.64
N ILE C 28 28.08 3.38 -8.16
CA ILE C 28 26.62 3.38 -8.14
C ILE C 28 26.14 1.98 -7.85
N ASN C 29 24.88 1.85 -7.48
CA ASN C 29 24.29 0.55 -7.29
C ASN C 29 23.92 0.01 -8.67
N ILE C 30 24.04 -1.30 -8.84
CA ILE C 30 23.69 -1.93 -10.10
C ILE C 30 22.53 -2.89 -9.85
N PRO C 31 21.33 -2.52 -10.30
CA PRO C 31 20.21 -3.46 -10.20
C PRO C 31 20.39 -4.68 -11.10
N LEU C 32 20.12 -5.88 -10.62
CA LEU C 32 20.21 -7.07 -11.43
C LEU C 32 18.93 -7.82 -11.25
N ASN C 33 18.74 -8.39 -10.07
CA ASN C 33 17.60 -9.24 -9.85
C ASN C 33 16.31 -8.47 -9.57
N THR C 34 16.02 -7.42 -10.35
CA THR C 34 14.76 -6.70 -10.20
C THR C 34 13.92 -6.72 -11.48
N SER C 35 12.73 -6.18 -11.36
CA SER C 35 11.82 -6.08 -12.48
C SER C 35 12.04 -4.81 -13.25
N ALA C 36 13.03 -4.02 -12.88
CA ALA C 36 13.21 -2.77 -13.64
C ALA C 36 13.63 -3.13 -15.09
N PRO C 37 13.42 -2.20 -16.04
CA PRO C 37 13.85 -2.47 -17.42
C PRO C 37 15.36 -2.40 -17.46
N LYS C 38 15.98 -3.33 -18.19
CA LYS C 38 17.42 -3.37 -18.39
C LYS C 38 17.68 -3.08 -19.87
N VAL C 39 18.16 -1.88 -20.17
CA VAL C 39 18.61 -1.50 -21.51
C VAL C 39 19.90 -2.25 -21.92
N ASP C 40 19.83 -3.02 -23.01
CA ASP C 40 20.98 -3.82 -23.43
C ASP C 40 22.05 -2.88 -23.98
N ALA C 41 23.31 -3.19 -23.68
CA ALA C 41 24.41 -2.31 -24.08
C ALA C 41 24.69 -2.53 -25.55
N GLU C 42 24.45 -3.76 -26.00
CA GLU C 42 24.73 -4.18 -27.34
C GLU C 42 26.10 -3.62 -27.75
N MET C 43 27.12 -4.23 -27.16
CA MET C 43 28.49 -3.77 -27.29
C MET C 43 29.41 -4.93 -27.64
N GLY C 44 28.83 -6.13 -27.73
CA GLY C 44 29.57 -7.36 -27.92
C GLY C 44 30.21 -7.79 -26.60
N GLU C 45 30.92 -8.91 -26.66
CA GLU C 45 31.73 -9.36 -25.55
C GLU C 45 33.12 -8.72 -25.56
N PHE C 46 33.69 -8.60 -24.35
CA PHE C 46 35.06 -8.12 -24.14
C PHE C 46 36.03 -9.13 -24.76
N ASP C 47 37.01 -8.66 -25.52
CA ASP C 47 38.08 -9.51 -25.97
C ASP C 47 39.41 -8.92 -25.45
N PHE C 48 40.19 -9.77 -24.78
CA PHE C 48 41.33 -9.26 -24.05
C PHE C 48 42.59 -9.75 -24.65
N ALA C 49 43.54 -8.83 -24.75
CA ALA C 49 44.84 -9.09 -25.30
C ALA C 49 45.78 -8.44 -24.31
N TYR C 50 46.06 -9.15 -23.23
CA TYR C 50 46.96 -8.66 -22.22
C TYR C 50 48.20 -9.51 -22.26
N GLY C 51 49.36 -8.89 -22.11
CA GLY C 51 50.60 -9.64 -21.88
C GLY C 51 50.52 -10.67 -20.76
N SER C 52 51.43 -11.64 -20.80
CA SER C 52 51.38 -12.74 -19.84
C SER C 52 52.23 -12.48 -18.56
N PHE C 53 53.35 -11.75 -18.70
CA PHE C 53 54.32 -11.57 -17.61
C PHE C 53 54.98 -10.22 -17.76
N GLU C 54 54.36 -9.18 -17.20
CA GLU C 54 54.82 -7.84 -17.47
C GLU C 54 55.75 -7.26 -16.43
N LYS C 55 56.68 -6.45 -16.93
CA LYS C 55 57.56 -5.63 -16.12
C LYS C 55 56.75 -4.42 -15.60
N CYS C 56 56.54 -4.32 -14.28
CA CYS C 56 55.63 -3.32 -13.73
C CYS C 56 56.21 -2.44 -12.67
N ASP C 57 55.81 -1.18 -12.67
CA ASP C 57 56.01 -0.32 -11.50
C ASP C 57 54.93 -0.64 -10.48
N VAL C 58 55.20 -0.44 -9.21
CA VAL C 58 54.10 -0.39 -8.22
C VAL C 58 54.24 0.85 -7.34
N LEU C 59 53.24 1.74 -7.32
CA LEU C 59 53.29 2.89 -6.42
C LEU C 59 52.29 2.84 -5.28
N ASN C 60 52.68 3.48 -4.17
CA ASN C 60 51.78 3.73 -3.04
C ASN C 60 51.02 5.02 -3.23
N THR C 61 49.74 4.89 -3.58
CA THR C 61 48.90 6.03 -3.85
C THR C 61 48.91 7.05 -2.71
N GLY C 62 49.20 6.58 -1.51
CA GLY C 62 49.06 7.41 -0.34
C GLY C 62 47.61 7.59 0.12
N HIS C 63 46.69 6.82 -0.43
CA HIS C 63 45.28 6.91 -0.05
C HIS C 63 44.65 5.54 -0.05
N GLY C 64 45.47 4.53 0.24
CA GLY C 64 44.92 3.23 0.58
C GLY C 64 45.42 2.13 -0.31
N THR C 65 45.24 2.27 -1.60
CA THR C 65 45.62 1.21 -2.48
C THR C 65 47.02 1.38 -3.05
N MET C 66 47.73 0.29 -3.27
CA MET C 66 48.86 0.35 -4.17
C MET C 66 48.25 0.48 -5.56
N GLN C 67 49.06 0.89 -6.51
CA GLN C 67 48.65 0.94 -7.90
C GLN C 67 49.80 0.42 -8.77
N VAL C 68 49.53 -0.63 -9.54
CA VAL C 68 50.50 -1.19 -10.46
C VAL C 68 50.39 -0.54 -11.82
N ASN C 69 51.50 0.03 -12.33
CA ASN C 69 51.53 0.65 -13.66
C ASN C 69 52.09 -0.27 -14.76
N PHE C 70 51.38 -0.35 -15.87
CA PHE C 70 51.76 -1.26 -16.95
C PHE C 70 52.49 -0.61 -18.10
N PRO C 71 53.31 -1.41 -18.81
CA PRO C 71 53.82 -0.97 -20.11
C PRO C 71 52.71 -0.94 -21.15
N ALA C 72 52.96 -0.27 -22.28
CA ALA C 72 52.03 -0.31 -23.41
C ALA C 72 51.70 -1.74 -23.94
N GLY C 73 50.66 -1.85 -24.75
CA GLY C 73 50.37 -3.12 -25.36
C GLY C 73 49.69 -4.05 -24.39
N ASN C 74 48.53 -3.60 -23.96
CA ASN C 74 47.67 -4.36 -23.10
C ASN C 74 46.32 -3.89 -23.51
N LEU C 75 45.75 -4.52 -24.51
CA LEU C 75 44.59 -3.95 -25.13
C LEU C 75 43.38 -4.77 -24.79
N ALA C 76 42.27 -4.08 -24.56
CA ALA C 76 40.99 -4.74 -24.47
C ALA C 76 40.04 -4.15 -25.54
N PHE C 77 39.29 -5.01 -26.20
CA PHE C 77 38.36 -4.59 -27.24
C PHE C 77 36.92 -4.87 -26.81
N ILE C 78 36.10 -3.83 -26.88
CA ILE C 78 34.68 -3.93 -26.58
C ILE C 78 34.07 -2.88 -27.40
N GLY C 79 32.84 -3.15 -27.88
CA GLY C 79 32.06 -2.20 -28.66
C GLY C 79 32.88 -1.43 -29.69
N ASN C 80 33.61 -2.18 -30.53
CA ASN C 80 34.57 -1.67 -31.53
C ASN C 80 35.38 -0.42 -31.15
N MET C 81 35.81 -0.43 -29.90
CA MET C 81 36.79 0.51 -29.41
C MET C 81 37.95 -0.29 -28.84
N GLU C 82 39.04 0.41 -28.56
CA GLU C 82 40.24 -0.21 -28.06
C GLU C 82 40.65 0.51 -26.81
N LEU C 83 40.80 -0.24 -25.74
CA LEU C 83 41.23 0.35 -24.46
C LEU C 83 42.64 -0.14 -24.09
N GLU C 84 43.55 0.78 -23.80
CA GLU C 84 44.88 0.42 -23.31
C GLU C 84 44.99 0.48 -21.78
N LEU C 85 45.21 -0.65 -21.15
CA LEU C 85 45.44 -0.71 -19.71
C LEU C 85 46.59 0.18 -19.26
N LEU C 86 46.32 0.95 -18.22
CA LEU C 86 47.30 1.85 -17.65
C LEU C 86 47.80 1.29 -16.36
N GLN C 87 46.86 0.91 -15.51
CA GLN C 87 47.17 0.54 -14.14
C GLN C 87 46.02 -0.16 -13.50
N PHE C 88 46.31 -0.99 -12.51
CA PHE C 88 45.24 -1.45 -11.66
C PHE C 88 45.50 -1.13 -10.18
N HIS C 89 44.41 -1.06 -9.41
CA HIS C 89 44.47 -0.81 -7.98
C HIS C 89 43.20 -1.37 -7.40
N PHE C 90 43.08 -1.33 -6.08
CA PHE C 90 42.02 -2.04 -5.42
C PHE C 90 41.28 -1.18 -4.43
N HIS C 91 40.08 -1.61 -4.07
CA HIS C 91 39.28 -0.92 -3.10
C HIS C 91 38.69 -2.00 -2.25
N ALA C 92 38.54 -1.73 -0.95
CA ALA C 92 37.87 -2.66 -0.03
C ALA C 92 37.04 -1.88 1.01
N PRO C 93 35.74 -2.18 1.15
CA PRO C 93 34.99 -3.21 0.44
C PRO C 93 34.82 -2.76 -1.01
N SER C 94 34.07 -3.48 -1.84
CA SER C 94 33.97 -3.07 -3.23
C SER C 94 33.23 -1.75 -3.25
N GLU C 95 33.49 -0.91 -4.24
CA GLU C 95 32.80 0.35 -4.34
C GLU C 95 31.42 0.20 -4.96
N HIS C 96 31.36 -0.36 -6.17
CA HIS C 96 30.07 -0.70 -6.77
C HIS C 96 29.38 -1.77 -5.90
N ALA C 97 28.06 -1.65 -5.81
CA ALA C 97 27.20 -2.67 -5.22
C ALA C 97 26.36 -3.35 -6.32
N MET C 98 25.95 -4.60 -6.04
CA MET C 98 25.13 -5.39 -6.95
C MET C 98 23.86 -5.72 -6.23
N ASP C 99 22.80 -4.98 -6.54
CA ASP C 99 21.56 -5.05 -5.80
C ASP C 99 21.79 -4.77 -4.30
N GLY C 100 22.44 -3.65 -4.05
CA GLY C 100 22.62 -3.13 -2.72
C GLY C 100 23.61 -3.90 -1.86
N ARG C 101 24.28 -4.89 -2.46
CA ARG C 101 25.30 -5.67 -1.75
C ARG C 101 26.67 -5.45 -2.32
N ARG C 102 27.64 -5.22 -1.43
CA ARG C 102 29.01 -4.97 -1.84
C ARG C 102 29.84 -6.20 -1.64
N TYR C 103 30.95 -6.28 -2.34
CA TYR C 103 31.84 -7.41 -2.21
C TYR C 103 33.07 -7.08 -1.39
N ALA C 104 33.85 -8.10 -1.08
CA ALA C 104 35.01 -7.92 -0.24
C ALA C 104 36.03 -6.98 -0.87
N MET C 105 36.36 -7.17 -2.15
CA MET C 105 37.18 -6.14 -2.81
C MET C 105 36.70 -5.82 -4.19
N GLU C 106 37.19 -4.72 -4.72
CA GLU C 106 37.03 -4.39 -6.13
C GLU C 106 38.40 -4.10 -6.73
N ALA C 107 38.71 -4.68 -7.89
CA ALA C 107 39.90 -4.23 -8.64
C ALA C 107 39.40 -3.25 -9.65
N HIS C 108 40.20 -2.22 -9.88
CA HIS C 108 39.92 -1.26 -10.92
C HIS C 108 41.08 -1.32 -11.90
N LEU C 109 40.77 -1.74 -13.12
CA LEU C 109 41.72 -1.74 -14.23
C LEU C 109 41.40 -0.56 -15.10
N VAL C 110 42.22 0.48 -14.99
CA VAL C 110 42.01 1.73 -15.69
C VAL C 110 42.66 1.73 -17.08
N HIS C 111 41.85 1.90 -18.10
CA HIS C 111 42.38 1.98 -19.43
C HIS C 111 42.31 3.38 -19.95
N LYS C 112 43.05 3.64 -21.03
CA LYS C 112 42.76 4.80 -21.83
C LYS C 112 41.96 4.24 -22.94
N ASN C 113 40.92 4.96 -23.33
CA ASN C 113 40.23 4.65 -24.56
C ASN C 113 41.04 5.24 -25.73
N LYS C 114 41.80 4.40 -26.42
CA LYS C 114 42.63 4.84 -27.55
C LYS C 114 41.81 5.45 -28.66
N SER C 115 40.52 5.12 -28.71
CA SER C 115 39.60 5.61 -29.73
C SER C 115 39.06 7.01 -29.48
N THR C 116 38.54 7.23 -28.27
CA THR C 116 37.84 8.47 -27.89
C THR C 116 38.64 9.35 -26.94
N GLY C 117 39.81 8.88 -26.51
CA GLY C 117 40.70 9.68 -25.69
C GLY C 117 40.45 9.63 -24.19
N ASN C 118 39.21 9.32 -23.80
CA ASN C 118 38.81 9.33 -22.38
C ASN C 118 39.26 8.11 -21.59
N LEU C 119 39.09 8.13 -20.27
CA LEU C 119 39.40 6.97 -19.44
C LEU C 119 38.28 5.97 -19.47
N ALA C 120 38.64 4.71 -19.31
CA ALA C 120 37.63 3.66 -19.13
C ALA C 120 38.08 2.82 -17.93
N VAL C 121 37.16 2.25 -17.18
CA VAL C 121 37.59 1.47 -16.06
C VAL C 121 36.81 0.21 -16.08
N LEU C 122 37.55 -0.89 -15.95
CA LEU C 122 36.90 -2.17 -15.74
C LEU C 122 36.95 -2.39 -14.25
N GLY C 123 35.79 -2.70 -13.68
CA GLY C 123 35.69 -3.03 -12.27
C GLY C 123 35.41 -4.51 -12.10
N ILE C 124 36.21 -5.17 -11.26
CA ILE C 124 35.96 -6.58 -10.98
C ILE C 124 35.85 -6.79 -9.47
N MET C 125 34.85 -7.60 -9.07
CA MET C 125 34.63 -7.96 -7.67
C MET C 125 35.52 -9.11 -7.23
N LEU C 126 36.11 -8.96 -6.05
CA LEU C 126 36.79 -10.07 -5.40
C LEU C 126 35.96 -10.58 -4.24
N GLU C 127 35.67 -11.87 -4.26
CA GLU C 127 35.04 -12.58 -3.17
C GLU C 127 36.04 -13.38 -2.35
N PRO C 128 35.70 -13.66 -1.09
CA PRO C 128 36.50 -14.62 -0.33
C PRO C 128 36.14 -16.03 -0.74
N GLY C 129 36.81 -17.00 -0.13
CA GLY C 129 36.49 -18.40 -0.34
C GLY C 129 37.57 -19.13 -1.09
N GLY C 130 38.25 -18.39 -1.97
CA GLY C 130 39.26 -18.94 -2.85
C GLY C 130 40.39 -19.72 -2.18
N LEU C 131 41.00 -20.59 -2.96
CA LEU C 131 41.94 -21.55 -2.42
C LEU C 131 43.35 -21.30 -2.91
N ILE C 132 43.47 -20.59 -4.01
CA ILE C 132 44.77 -20.25 -4.56
C ILE C 132 44.94 -18.76 -4.48
N LYS C 133 46.09 -18.31 -4.01
CA LYS C 133 46.36 -16.88 -3.96
C LYS C 133 46.31 -16.42 -5.38
N ASN C 134 45.54 -15.36 -5.60
CA ASN C 134 45.62 -14.62 -6.85
C ASN C 134 46.98 -13.90 -6.97
N PRO C 135 47.78 -14.29 -7.96
CA PRO C 135 49.18 -13.84 -8.00
C PRO C 135 49.36 -12.36 -8.35
N ALA C 136 48.34 -11.75 -8.97
CA ALA C 136 48.43 -10.34 -9.33
C ALA C 136 48.24 -9.51 -8.06
N LEU C 137 47.19 -9.86 -7.31
CA LEU C 137 46.97 -9.25 -6.03
C LEU C 137 48.20 -9.50 -5.13
N SER C 138 48.71 -10.74 -5.16
CA SER C 138 49.85 -11.14 -4.35
C SER C 138 51.16 -10.41 -4.64
N THR C 139 51.49 -10.27 -5.91
CA THR C 139 52.64 -9.47 -6.27
C THR C 139 52.38 -8.02 -5.85
N ALA C 140 51.21 -7.49 -6.18
CA ALA C 140 50.92 -6.10 -5.85
C ALA C 140 51.05 -5.82 -4.35
N LEU C 141 50.71 -6.81 -3.55
CA LEU C 141 50.79 -6.68 -2.09
C LEU C 141 52.21 -6.84 -1.57
N GLU C 142 52.97 -7.74 -2.19
CA GLU C 142 54.35 -7.98 -1.80
C GLU C 142 55.36 -6.87 -2.17
N VAL C 143 55.01 -6.00 -3.11
CA VAL C 143 55.98 -5.08 -3.71
C VAL C 143 55.60 -3.65 -3.37
N ALA C 144 54.35 -3.46 -2.91
CA ALA C 144 53.83 -2.14 -2.53
C ALA C 144 54.76 -1.44 -1.56
N PRO C 145 55.40 -0.34 -2.01
CA PRO C 145 56.27 0.41 -1.08
C PRO C 145 55.56 0.96 0.17
N GLU C 146 56.25 0.86 1.30
CA GLU C 146 55.71 1.35 2.57
C GLU C 146 55.53 2.86 2.51
N VAL C 147 56.55 3.54 2.01
CA VAL C 147 56.55 4.98 1.96
C VAL C 147 55.48 5.48 1.01
N PRO C 148 54.45 6.17 1.53
CA PRO C 148 53.48 6.79 0.62
C PRO C 148 54.18 7.54 -0.47
N LEU C 149 53.58 7.46 -1.67
CA LEU C 149 54.01 8.15 -2.90
C LEU C 149 55.30 7.61 -3.49
N ALA C 150 55.88 6.58 -2.91
CA ALA C 150 57.04 5.93 -3.52
C ALA C 150 56.59 4.88 -4.53
N LYS C 151 57.49 4.54 -5.46
CA LYS C 151 57.20 3.50 -6.44
C LYS C 151 58.41 2.62 -6.66
N LYS C 152 58.17 1.31 -6.54
CA LYS C 152 59.21 0.29 -6.73
C LYS C 152 58.98 -0.56 -8.02
N PRO C 153 60.05 -0.80 -8.79
CA PRO C 153 59.87 -1.72 -9.92
C PRO C 153 59.63 -3.13 -9.40
N SER C 154 58.59 -3.80 -9.88
CA SER C 154 58.31 -5.16 -9.44
C SER C 154 59.31 -6.14 -10.02
N PRO C 155 60.14 -6.73 -9.17
CA PRO C 155 61.09 -7.65 -9.77
C PRO C 155 60.39 -8.83 -10.50
N LYS C 156 59.14 -9.06 -10.14
CA LYS C 156 58.38 -10.21 -10.65
C LYS C 156 57.35 -9.81 -11.72
N GLY C 157 57.14 -10.74 -12.64
CA GLY C 157 56.16 -10.56 -13.69
C GLY C 157 54.78 -10.51 -13.11
N ILE C 158 53.86 -9.91 -13.86
CA ILE C 158 52.49 -9.74 -13.40
C ILE C 158 51.55 -9.99 -14.57
N ASN C 159 50.53 -10.80 -14.32
CA ASN C 159 49.61 -11.17 -15.35
C ASN C 159 48.27 -10.53 -15.06
N PRO C 160 47.91 -9.53 -15.85
CA PRO C 160 46.69 -8.82 -15.48
C PRO C 160 45.46 -9.67 -15.72
N VAL C 161 45.62 -10.73 -16.50
CA VAL C 161 44.48 -11.55 -16.89
C VAL C 161 43.96 -12.24 -15.66
N MET C 162 44.81 -12.31 -14.64
CA MET C 162 44.47 -12.94 -13.40
C MET C 162 43.45 -12.13 -12.65
N LEU C 163 43.24 -10.88 -13.05
CA LEU C 163 42.22 -10.07 -12.40
C LEU C 163 40.88 -10.07 -13.10
N LEU C 164 40.74 -10.77 -14.23
CA LEU C 164 39.48 -10.75 -14.98
C LEU C 164 38.71 -12.04 -14.79
N PRO C 165 37.38 -11.97 -14.75
CA PRO C 165 36.60 -13.19 -14.56
C PRO C 165 36.83 -14.23 -15.64
N LYS C 166 36.65 -15.50 -15.27
CA LYS C 166 36.56 -16.59 -16.24
C LYS C 166 35.35 -16.39 -17.12
N LYS C 167 35.53 -16.68 -18.41
CA LYS C 167 34.43 -16.76 -19.36
C LYS C 167 33.33 -17.69 -18.82
N SER C 168 32.08 -17.26 -18.95
CA SER C 168 30.94 -18.11 -18.66
C SER C 168 31.07 -19.45 -19.38
N LYS C 169 30.26 -20.41 -18.98
CA LYS C 169 30.19 -21.65 -19.73
C LYS C 169 29.63 -21.35 -21.13
N ALA C 170 28.79 -20.33 -21.21
CA ALA C 170 28.33 -19.85 -22.50
C ALA C 170 29.45 -19.15 -23.30
N GLY C 171 30.63 -18.91 -22.70
CA GLY C 171 31.72 -18.19 -23.36
C GLY C 171 31.76 -16.65 -23.19
N THR C 172 30.95 -16.12 -22.27
CA THR C 172 30.83 -14.68 -22.05
C THR C 172 31.47 -14.19 -20.74
N ARG C 173 31.59 -12.88 -20.59
CA ARG C 173 31.92 -12.28 -19.30
C ARG C 173 30.89 -11.20 -19.14
N PRO C 174 29.76 -11.55 -18.53
CA PRO C 174 28.69 -10.54 -18.45
C PRO C 174 29.13 -9.30 -17.70
N PHE C 175 28.62 -8.16 -18.12
CA PHE C 175 29.01 -6.90 -17.56
C PHE C 175 27.92 -5.88 -17.72
N VAL C 176 28.10 -4.76 -17.00
CA VAL C 176 27.22 -3.61 -17.10
C VAL C 176 28.09 -2.38 -17.50
N HIS C 177 27.50 -1.39 -18.14
CA HIS C 177 28.29 -0.28 -18.63
C HIS C 177 27.56 0.97 -18.29
N TYR C 178 28.26 1.94 -17.76
CA TYR C 178 27.58 3.20 -17.57
C TYR C 178 28.57 4.32 -17.62
N PRO C 179 28.08 5.50 -17.89
CA PRO C 179 28.99 6.63 -17.87
C PRO C 179 29.13 7.18 -16.43
N GLY C 180 30.34 7.53 -15.98
CA GLY C 180 30.56 7.97 -14.62
C GLY C 180 31.84 8.77 -14.46
N SER C 181 32.51 8.58 -13.33
CA SER C 181 33.64 9.41 -12.96
C SER C 181 34.69 8.59 -12.27
N LEU C 182 35.86 9.17 -12.03
CA LEU C 182 36.75 8.68 -10.95
C LEU C 182 36.03 8.62 -9.58
N THR C 183 36.51 7.79 -8.66
CA THR C 183 35.90 7.67 -7.32
C THR C 183 36.72 8.34 -6.19
N THR C 184 37.88 8.88 -6.54
CA THR C 184 38.68 9.66 -5.63
C THR C 184 38.77 11.08 -6.16
N PRO C 185 39.06 12.06 -5.30
CA PRO C 185 39.13 13.41 -5.86
C PRO C 185 40.20 13.48 -6.98
N PRO C 186 39.99 14.31 -8.00
CA PRO C 186 38.96 15.35 -8.11
C PRO C 186 37.65 14.83 -8.70
N CYS C 187 37.49 13.51 -8.72
CA CYS C 187 36.25 12.87 -9.19
C CYS C 187 35.84 13.28 -10.60
N SER C 188 36.83 13.52 -11.44
CA SER C 188 36.60 13.86 -12.86
C SER C 188 35.61 12.96 -13.56
N GLU C 189 34.71 13.57 -14.31
CA GLU C 189 33.68 12.83 -15.03
C GLU C 189 34.15 12.44 -16.45
N GLY C 190 33.25 11.89 -17.26
CA GLY C 190 33.60 11.43 -18.59
C GLY C 190 34.45 10.18 -18.51
N VAL C 191 34.01 9.22 -17.70
CA VAL C 191 34.70 7.96 -17.51
C VAL C 191 33.77 6.84 -17.92
N ASP C 192 34.23 5.92 -18.76
CA ASP C 192 33.38 4.81 -19.17
C ASP C 192 33.62 3.70 -18.19
N TRP C 193 32.58 3.35 -17.46
CA TRP C 193 32.67 2.32 -16.44
C TRP C 193 32.05 1.04 -16.95
N PHE C 194 32.84 -0.03 -16.89
CA PHE C 194 32.33 -1.36 -17.20
C PHE C 194 32.56 -2.20 -15.96
N VAL C 195 31.51 -2.83 -15.47
CA VAL C 195 31.62 -3.62 -14.27
C VAL C 195 31.21 -5.04 -14.56
N PHE C 196 32.05 -5.99 -14.17
CA PHE C 196 31.72 -7.36 -14.49
C PHE C 196 30.80 -7.96 -13.43
N MET C 197 29.87 -8.79 -13.85
CA MET C 197 28.94 -9.45 -12.97
C MET C 197 29.53 -10.64 -12.23
N GLN C 198 30.56 -11.25 -12.78
CA GLN C 198 31.11 -12.44 -12.18
C GLN C 198 32.30 -12.05 -11.29
N PRO C 199 32.25 -12.43 -10.01
CA PRO C 199 33.40 -12.12 -9.17
C PRO C 199 34.50 -13.15 -9.35
N ILE C 200 35.74 -12.81 -8.99
CA ILE C 200 36.80 -13.79 -8.91
C ILE C 200 36.94 -14.09 -7.42
N LYS C 201 37.22 -15.35 -7.09
CA LYS C 201 37.38 -15.75 -5.71
C LYS C 201 38.83 -15.67 -5.27
N VAL C 202 39.04 -15.20 -4.05
CA VAL C 202 40.36 -14.94 -3.55
C VAL C 202 40.46 -15.47 -2.12
N PRO C 203 41.66 -15.89 -1.71
CA PRO C 203 41.73 -16.38 -0.35
C PRO C 203 41.53 -15.23 0.64
N ASP C 204 40.94 -15.53 1.79
CA ASP C 204 40.66 -14.49 2.80
C ASP C 204 41.93 -13.79 3.27
N SER C 205 43.04 -14.52 3.30
CA SER C 205 44.29 -13.92 3.65
C SER C 205 44.58 -12.72 2.75
N GLN C 206 44.33 -12.84 1.46
CA GLN C 206 44.69 -11.73 0.61
C GLN C 206 43.82 -10.52 0.86
N ILE C 207 42.53 -10.74 1.04
CA ILE C 207 41.66 -9.62 1.36
C ILE C 207 42.10 -8.95 2.66
N LEU C 208 42.34 -9.73 3.70
CA LEU C 208 42.78 -9.12 4.96
C LEU C 208 44.10 -8.38 4.80
N ASP C 209 45.04 -8.98 4.07
CA ASP C 209 46.30 -8.32 3.76
C ASP C 209 46.09 -6.95 3.10
N PHE C 210 45.19 -6.88 2.14
CA PHE C 210 44.88 -5.59 1.53
C PHE C 210 44.32 -4.57 2.56
N MET C 211 43.35 -5.01 3.37
CA MET C 211 42.79 -4.11 4.40
C MET C 211 43.84 -3.60 5.36
N ARG C 212 44.81 -4.46 5.67
CA ARG C 212 45.93 -4.11 6.52
C ARG C 212 46.75 -3.08 5.80
N PHE C 213 47.01 -3.31 4.51
CA PHE C 213 47.79 -2.35 3.73
C PHE C 213 47.15 -0.98 3.73
N VAL C 214 45.83 -0.95 3.52
CA VAL C 214 45.05 0.29 3.53
C VAL C 214 45.18 1.00 4.85
N GLY C 215 45.32 0.21 5.91
CA GLY C 215 45.46 0.72 7.26
C GLY C 215 46.90 1.00 7.63
N ASP C 216 47.72 1.32 6.62
CA ASP C 216 49.15 1.68 6.79
C ASP C 216 49.87 0.67 7.67
N ASN C 217 49.36 -0.56 7.66
CA ASN C 217 49.92 -1.64 8.48
C ASN C 217 49.77 -1.52 10.00
N LYS C 218 49.07 -0.50 10.46
CA LYS C 218 48.82 -0.36 11.89
C LYS C 218 47.43 -0.86 12.24
N THR C 219 46.51 -0.86 11.26
CA THR C 219 45.15 -1.31 11.53
C THR C 219 44.49 -1.98 10.34
N TYR C 220 43.18 -2.22 10.38
CA TYR C 220 42.45 -2.67 9.19
C TYR C 220 41.44 -1.62 8.78
N ALA C 221 41.43 -1.23 7.51
CA ALA C 221 40.61 -0.11 7.07
C ALA C 221 40.09 -0.29 5.65
N THR C 222 39.34 0.73 5.25
CA THR C 222 38.61 0.70 4.02
C THR C 222 38.96 1.91 3.18
N ASN C 223 38.83 1.76 1.86
CA ASN C 223 39.13 2.83 0.92
C ASN C 223 38.10 2.91 -0.18
N THR C 224 36.86 3.04 0.24
CA THR C 224 35.70 2.99 -0.64
C THR C 224 34.93 4.25 -0.37
N ARG C 225 34.23 4.76 -1.38
CA ARG C 225 33.39 5.92 -1.23
C ARG C 225 31.91 5.46 -1.29
N PRO C 226 30.99 6.23 -0.71
CA PRO C 226 29.56 5.87 -0.68
C PRO C 226 28.97 5.79 -2.06
N LEU C 227 27.81 5.15 -2.21
CA LEU C 227 27.15 5.08 -3.52
C LEU C 227 26.63 6.45 -3.94
N GLN C 228 26.56 6.68 -5.25
CA GLN C 228 26.17 7.98 -5.79
C GLN C 228 24.87 7.81 -6.51
N LEU C 229 24.15 8.92 -6.69
CA LEU C 229 22.87 8.90 -7.40
C LEU C 229 23.09 8.61 -8.89
N LEU C 230 22.32 7.68 -9.41
CA LEU C 230 22.30 7.45 -10.83
C LEU C 230 21.87 8.70 -11.57
N ASN C 231 20.94 9.44 -10.99
CA ASN C 231 20.29 10.60 -11.64
C ASN C 231 19.71 10.26 -13.01
N SER C 232 20.06 11.03 -14.04
CA SER C 232 19.46 10.85 -15.36
C SER C 232 20.24 9.86 -16.20
N ARG C 233 21.27 9.25 -15.63
CA ARG C 233 22.08 8.28 -16.36
C ARG C 233 21.35 6.95 -16.59
N LEU C 234 22.03 6.06 -17.29
CA LEU C 234 21.40 4.85 -17.71
C LEU C 234 22.45 3.76 -17.66
N VAL C 235 22.15 2.75 -16.85
CA VAL C 235 22.96 1.55 -16.78
C VAL C 235 22.60 0.66 -17.96
N GLU C 236 23.58 0.38 -18.84
CA GLU C 236 23.37 -0.50 -19.98
C GLU C 236 23.91 -1.90 -19.75
N TYR C 237 23.13 -2.94 -20.01
CA TYR C 237 23.56 -4.29 -19.63
C TYR C 237 24.01 -5.17 -20.80
N GLU C 238 24.98 -6.05 -20.57
CA GLU C 238 25.42 -6.98 -21.59
C GLU C 238 25.47 -8.31 -20.90
N LEU C 239 24.32 -8.75 -20.41
CA LEU C 239 24.27 -9.94 -19.55
C LEU C 239 24.21 -11.23 -20.37
N ALA D 3 -32.09 48.58 10.12
CA ALA D 3 -31.75 47.69 9.00
C ALA D 3 -30.41 48.14 8.41
N TRP D 4 -29.44 47.23 8.44
CA TRP D 4 -28.09 47.49 7.93
C TRP D 4 -27.72 46.49 6.86
N ASN D 5 -26.69 46.81 6.08
CA ASN D 5 -26.13 45.78 5.22
C ASN D 5 -24.70 46.04 4.88
N TYR D 6 -24.07 45.10 4.20
CA TYR D 6 -22.83 45.40 3.52
C TYR D 6 -23.05 46.15 2.17
N GLY D 7 -24.01 45.72 1.37
CA GLY D 7 -24.33 46.43 0.14
C GLY D 7 -23.37 46.23 -1.02
N GLU D 8 -23.61 46.91 -2.11
CA GLU D 8 -22.77 46.75 -3.28
C GLU D 8 -21.60 47.70 -3.15
N VAL D 9 -20.59 47.55 -4.01
CA VAL D 9 -19.42 48.41 -3.93
C VAL D 9 -19.87 49.84 -4.21
N ALA D 10 -19.16 50.82 -3.68
CA ALA D 10 -19.65 52.19 -3.65
C ALA D 10 -19.24 53.04 -4.84
N GLY D 11 -18.19 52.62 -5.56
CA GLY D 11 -17.67 53.39 -6.68
C GLY D 11 -18.67 53.70 -7.79
N PRO D 12 -19.23 52.65 -8.44
CA PRO D 12 -20.07 52.71 -9.65
C PRO D 12 -21.29 53.64 -9.62
N PRO D 13 -22.05 53.66 -8.52
CA PRO D 13 -23.23 54.55 -8.51
C PRO D 13 -22.87 56.03 -8.45
N THR D 14 -21.59 56.36 -8.25
CA THR D 14 -21.14 57.75 -8.24
C THR D 14 -20.51 58.16 -9.57
N TRP D 15 -20.55 57.26 -10.54
CA TRP D 15 -19.88 57.50 -11.81
C TRP D 15 -20.64 58.54 -12.57
N LYS D 16 -19.90 59.50 -13.09
CA LYS D 16 -20.46 60.68 -13.74
C LYS D 16 -20.62 60.59 -15.27
N GLY D 17 -21.35 61.56 -15.80
CA GLY D 17 -21.57 61.65 -17.23
C GLY D 17 -22.59 60.66 -17.73
N VAL D 18 -22.29 60.08 -18.89
CA VAL D 18 -23.18 59.13 -19.55
C VAL D 18 -23.41 57.89 -18.67
N CYS D 19 -22.42 57.57 -17.84
CA CYS D 19 -22.57 56.54 -16.81
C CYS D 19 -23.87 56.66 -16.03
N ALA D 20 -24.37 57.89 -15.87
CA ALA D 20 -25.56 58.15 -15.04
C ALA D 20 -26.80 58.46 -15.86
N THR D 21 -26.59 59.16 -16.97
CA THR D 21 -27.68 59.66 -17.80
C THR D 21 -28.00 58.76 -19.01
N GLY D 22 -27.08 57.89 -19.40
CA GLY D 22 -27.27 57.09 -20.60
C GLY D 22 -28.44 56.14 -20.41
N LYS D 23 -29.10 55.79 -21.52
CA LYS D 23 -30.25 54.88 -21.51
C LYS D 23 -29.98 53.62 -22.37
N ARG D 24 -28.77 53.48 -22.90
CA ARG D 24 -28.33 52.20 -23.44
C ARG D 24 -27.03 51.82 -22.76
N GLN D 25 -27.12 51.55 -21.46
CA GLN D 25 -25.94 51.24 -20.66
C GLN D 25 -25.76 49.73 -20.49
N SER D 26 -24.53 49.29 -20.32
CA SER D 26 -24.21 47.88 -20.07
C SER D 26 -23.59 47.74 -18.68
N PRO D 27 -23.60 46.52 -18.12
CA PRO D 27 -24.19 45.30 -18.66
C PRO D 27 -25.69 45.24 -18.38
N ILE D 28 -26.40 44.29 -18.98
CA ILE D 28 -27.83 44.18 -18.81
C ILE D 28 -28.12 42.79 -18.44
N ASN D 29 -29.35 42.52 -18.06
CA ASN D 29 -29.76 41.14 -17.87
C ASN D 29 -30.18 40.53 -19.20
N ILE D 30 -29.77 39.30 -19.46
CA ILE D 30 -30.18 38.62 -20.69
C ILE D 30 -31.19 37.51 -20.36
N PRO D 31 -32.45 37.74 -20.69
CA PRO D 31 -33.46 36.67 -20.53
C PRO D 31 -33.09 35.36 -21.24
N LEU D 32 -33.55 34.25 -20.67
CA LEU D 32 -33.26 32.95 -21.23
C LEU D 32 -34.43 31.97 -20.99
N ASN D 33 -34.53 31.43 -19.78
CA ASN D 33 -35.65 30.54 -19.43
C ASN D 33 -37.00 31.28 -19.41
N THR D 34 -36.99 32.60 -19.56
CA THR D 34 -38.21 33.37 -19.67
C THR D 34 -39.04 32.99 -20.93
N SER D 35 -40.36 33.16 -20.85
CA SER D 35 -41.27 32.72 -21.93
C SER D 35 -41.83 33.88 -22.75
N ALA D 36 -41.20 35.05 -22.66
CA ALA D 36 -41.65 36.15 -23.50
C ALA D 36 -41.04 35.95 -24.90
N PRO D 37 -41.58 36.67 -25.90
CA PRO D 37 -41.02 36.62 -27.24
C PRO D 37 -39.59 37.12 -27.27
N LYS D 38 -38.70 36.23 -27.75
CA LYS D 38 -37.33 36.55 -28.10
C LYS D 38 -37.24 36.82 -29.61
N VAL D 39 -36.59 37.93 -29.99
CA VAL D 39 -36.36 38.28 -31.38
C VAL D 39 -35.16 37.52 -31.93
N ASP D 40 -35.32 36.87 -33.10
CA ASP D 40 -34.17 36.22 -33.76
C ASP D 40 -33.27 37.22 -34.45
N ALA D 41 -31.97 36.96 -34.41
CA ALA D 41 -30.98 37.95 -34.75
C ALA D 41 -30.71 37.95 -36.26
N GLU D 42 -30.86 36.76 -36.86
CA GLU D 42 -30.71 36.61 -38.31
C GLU D 42 -29.40 37.24 -38.80
N MET D 43 -28.31 36.78 -38.20
CA MET D 43 -27.02 37.44 -38.31
C MET D 43 -25.95 36.42 -38.67
N GLY D 44 -26.35 35.17 -38.82
CA GLY D 44 -25.38 34.12 -39.06
C GLY D 44 -24.46 33.93 -37.86
N GLU D 45 -23.35 33.26 -38.09
CA GLU D 45 -22.43 32.90 -37.02
C GLU D 45 -21.12 33.67 -37.06
N PHE D 46 -20.43 33.65 -35.93
CA PHE D 46 -19.14 34.30 -35.83
C PHE D 46 -18.16 33.46 -36.59
N ASP D 47 -17.28 34.10 -37.36
CA ASP D 47 -16.14 33.40 -37.93
C ASP D 47 -14.90 34.04 -37.36
N PHE D 48 -13.96 33.21 -36.94
CA PHE D 48 -12.81 33.72 -36.23
C PHE D 48 -11.52 33.59 -36.98
N ALA D 49 -10.81 34.70 -37.04
CA ALA D 49 -9.49 34.74 -37.65
C ALA D 49 -8.46 35.27 -36.65
N TYR D 50 -8.32 34.57 -35.53
CA TYR D 50 -7.40 35.00 -34.49
C TYR D 50 -6.07 34.26 -34.62
N GLY D 51 -5.14 34.81 -35.39
CA GLY D 51 -3.92 34.09 -35.71
C GLY D 51 -2.62 34.79 -35.31
N SER D 52 -2.67 36.12 -35.20
CA SER D 52 -1.50 36.92 -34.84
C SER D 52 -1.41 37.16 -33.32
N PHE D 53 -1.09 36.12 -32.55
CA PHE D 53 -1.15 36.21 -31.10
C PHE D 53 0.14 35.88 -30.38
N GLU D 54 1.17 35.46 -31.09
CA GLU D 54 2.41 35.02 -30.41
C GLU D 54 3.19 36.16 -29.67
N LYS D 55 2.74 37.40 -29.87
CA LYS D 55 3.42 38.56 -29.35
C LYS D 55 2.39 39.52 -28.79
N CYS D 56 2.13 39.38 -27.50
CA CYS D 56 1.12 40.17 -26.82
C CYS D 56 1.66 40.91 -25.62
N ASP D 57 1.08 42.06 -25.34
CA ASP D 57 1.52 42.83 -24.18
C ASP D 57 0.46 42.82 -23.12
N VAL D 58 0.81 42.33 -21.94
CA VAL D 58 -0.14 42.34 -20.79
C VAL D 58 0.01 43.59 -19.88
N LEU D 59 -1.06 44.37 -19.83
CA LEU D 59 -1.08 45.64 -19.10
C LEU D 59 -1.93 45.49 -17.81
N ASN D 60 -1.42 46.01 -16.70
CA ASN D 60 -2.22 46.11 -15.47
C ASN D 60 -3.07 47.37 -15.54
N THR D 61 -4.37 47.25 -15.78
CA THR D 61 -5.17 48.45 -16.11
C THR D 61 -5.19 49.48 -15.02
N GLY D 62 -4.83 49.04 -13.82
CA GLY D 62 -4.96 49.89 -12.67
C GLY D 62 -6.35 49.81 -12.05
N HIS D 63 -7.33 49.23 -12.73
CA HIS D 63 -8.69 49.20 -12.23
C HIS D 63 -9.19 47.84 -11.93
N GLY D 64 -8.30 46.95 -11.59
CA GLY D 64 -8.70 45.62 -11.19
C GLY D 64 -8.24 44.54 -12.12
N THR D 65 -8.63 44.63 -13.39
CA THR D 65 -8.25 43.63 -14.37
C THR D 65 -6.89 43.88 -15.03
N MET D 66 -6.24 42.81 -15.50
CA MET D 66 -5.14 42.94 -16.44
C MET D 66 -5.76 42.95 -17.82
N GLN D 67 -4.99 43.35 -18.82
CA GLN D 67 -5.56 43.57 -20.13
C GLN D 67 -4.56 43.14 -21.12
N VAL D 68 -4.90 42.11 -21.91
CA VAL D 68 -3.96 41.57 -22.89
C VAL D 68 -4.15 42.31 -24.20
N ASN D 69 -3.20 43.17 -24.55
CA ASN D 69 -3.24 43.95 -25.78
C ASN D 69 -2.62 43.18 -26.93
N PHE D 70 -3.36 43.11 -28.04
CA PHE D 70 -2.94 42.36 -29.26
C PHE D 70 -2.50 43.25 -30.40
N PRO D 71 -1.53 42.77 -31.22
CA PRO D 71 -1.17 43.50 -32.45
C PRO D 71 -2.31 43.46 -33.43
N ALA D 72 -2.21 44.28 -34.47
CA ALA D 72 -3.17 44.25 -35.58
C ALA D 72 -3.15 42.89 -36.27
N GLY D 73 -4.30 42.49 -36.82
CA GLY D 73 -4.39 41.30 -37.62
C GLY D 73 -5.41 40.25 -37.21
N ASN D 74 -5.71 40.18 -35.92
CA ASN D 74 -6.71 39.22 -35.48
C ASN D 74 -8.11 39.76 -35.76
N LEU D 75 -8.83 39.10 -36.66
CA LEU D 75 -10.16 39.55 -37.06
C LEU D 75 -11.23 38.58 -36.62
N ALA D 76 -12.43 39.13 -36.49
CA ALA D 76 -13.64 38.33 -36.28
C ALA D 76 -14.74 38.88 -37.19
N PHE D 77 -15.53 38.00 -37.78
CA PHE D 77 -16.54 38.39 -38.78
C PHE D 77 -17.91 37.89 -38.37
N ILE D 78 -18.86 38.80 -38.33
CA ILE D 78 -20.24 38.44 -37.98
C ILE D 78 -21.07 39.32 -38.89
N GLY D 79 -22.11 38.78 -39.48
CA GLY D 79 -22.78 39.49 -40.55
C GLY D 79 -21.72 40.01 -41.53
N ASN D 80 -21.77 41.30 -41.80
CA ASN D 80 -20.81 41.97 -42.66
C ASN D 80 -20.00 42.98 -41.84
N MET D 81 -19.90 42.70 -40.55
CA MET D 81 -18.98 43.43 -39.70
C MET D 81 -17.62 42.70 -39.77
N GLU D 82 -16.55 43.48 -39.78
CA GLU D 82 -15.20 42.97 -39.63
C GLU D 82 -14.65 43.67 -38.39
N LEU D 83 -14.52 42.90 -37.31
CA LEU D 83 -14.14 43.37 -35.99
C LEU D 83 -12.67 43.05 -35.73
N GLU D 84 -11.83 44.07 -35.57
CA GLU D 84 -10.43 43.88 -35.27
C GLU D 84 -10.19 43.81 -33.73
N LEU D 85 -9.59 42.72 -33.25
CA LEU D 85 -9.36 42.51 -31.83
C LEU D 85 -8.32 43.47 -31.24
N LEU D 86 -8.71 44.31 -30.30
CA LEU D 86 -7.77 45.22 -29.66
C LEU D 86 -7.15 44.57 -28.41
N GLN D 87 -8.00 44.01 -27.54
CA GLN D 87 -7.53 43.45 -26.27
C GLN D 87 -8.58 42.56 -25.61
N PHE D 88 -8.17 41.71 -24.67
CA PHE D 88 -9.16 41.20 -23.73
C PHE D 88 -8.83 41.52 -22.26
N HIS D 89 -9.88 41.38 -21.44
CA HIS D 89 -9.77 41.53 -19.99
C HIS D 89 -10.93 40.81 -19.33
N PHE D 90 -10.96 40.85 -18.01
CA PHE D 90 -11.90 40.06 -17.26
C PHE D 90 -12.60 40.88 -16.20
N HIS D 91 -13.77 40.38 -15.81
CA HIS D 91 -14.50 40.93 -14.68
C HIS D 91 -14.90 39.79 -13.76
N ALA D 92 -14.88 40.04 -12.46
CA ALA D 92 -15.41 39.09 -11.47
C ALA D 92 -16.31 39.87 -10.54
N PRO D 93 -17.55 39.42 -10.35
CA PRO D 93 -18.21 38.33 -11.06
C PRO D 93 -18.52 38.76 -12.48
N SER D 94 -19.26 37.98 -13.23
CA SER D 94 -19.64 38.37 -14.56
C SER D 94 -20.39 39.70 -14.48
N GLU D 95 -20.43 40.42 -15.59
CA GLU D 95 -21.09 41.70 -15.62
C GLU D 95 -22.50 41.51 -16.13
N HIS D 96 -22.64 40.86 -17.30
CA HIS D 96 -23.95 40.45 -17.77
C HIS D 96 -24.49 39.35 -16.91
N ALA D 97 -25.79 39.13 -17.01
CA ALA D 97 -26.43 38.06 -16.28
C ALA D 97 -27.46 37.36 -17.15
N MET D 98 -27.62 36.06 -16.92
CA MET D 98 -28.65 35.26 -17.54
C MET D 98 -29.74 35.07 -16.50
N ASP D 99 -30.91 35.64 -16.77
CA ASP D 99 -32.08 35.53 -15.88
C ASP D 99 -31.83 35.99 -14.43
N GLY D 100 -31.07 37.08 -14.30
CA GLY D 100 -30.80 37.72 -13.03
C GLY D 100 -29.63 37.11 -12.27
N ARG D 101 -29.08 36.03 -12.82
CA ARG D 101 -27.98 35.27 -12.20
C ARG D 101 -26.64 35.56 -12.92
N ARG D 102 -25.61 35.93 -12.15
CA ARG D 102 -24.29 36.18 -12.70
C ARG D 102 -23.41 34.94 -12.52
N TYR D 103 -22.31 34.87 -13.29
CA TYR D 103 -21.37 33.74 -13.24
C TYR D 103 -20.12 34.16 -12.50
N ALA D 104 -19.24 33.21 -12.22
CA ALA D 104 -17.99 33.53 -11.58
C ALA D 104 -17.21 34.61 -12.31
N MET D 105 -17.09 34.53 -13.64
CA MET D 105 -16.34 35.59 -14.35
C MET D 105 -16.87 35.86 -15.74
N GLU D 106 -16.34 36.91 -16.33
CA GLU D 106 -16.73 37.25 -17.65
C GLU D 106 -15.47 37.77 -18.31
N ALA D 107 -15.18 37.20 -19.49
CA ALA D 107 -14.13 37.69 -20.36
C ALA D 107 -14.75 38.63 -21.37
N HIS D 108 -14.04 39.72 -21.59
CA HIS D 108 -14.40 40.67 -22.62
C HIS D 108 -13.33 40.74 -23.71
N LEU D 109 -13.71 40.44 -24.94
CA LEU D 109 -12.83 40.66 -26.08
C LEU D 109 -13.29 41.93 -26.75
N VAL D 110 -12.46 42.96 -26.68
CA VAL D 110 -12.81 44.25 -27.24
C VAL D 110 -12.33 44.41 -28.70
N HIS D 111 -13.26 44.63 -29.60
CA HIS D 111 -12.95 44.86 -31.02
C HIS D 111 -13.26 46.28 -31.52
N LYS D 112 -12.50 46.74 -32.51
CA LYS D 112 -12.90 47.88 -33.33
C LYS D 112 -13.65 47.33 -34.54
N ASN D 113 -14.80 47.90 -34.88
CA ASN D 113 -15.47 47.57 -36.15
C ASN D 113 -14.81 48.36 -37.25
N LYS D 114 -14.22 47.66 -38.23
CA LYS D 114 -13.32 48.30 -39.20
C LYS D 114 -13.94 49.37 -40.09
N SER D 115 -15.21 49.22 -40.46
CA SER D 115 -15.87 50.23 -41.30
C SER D 115 -16.35 51.47 -40.50
N THR D 116 -17.07 51.26 -39.40
CA THR D 116 -17.68 52.37 -38.65
C THR D 116 -16.86 52.84 -37.44
N GLY D 117 -15.75 52.18 -37.14
CA GLY D 117 -14.88 52.63 -36.07
C GLY D 117 -15.46 52.49 -34.67
N ASN D 118 -16.72 52.08 -34.58
CA ASN D 118 -17.35 51.85 -33.28
C ASN D 118 -16.77 50.59 -32.64
N LEU D 119 -16.88 50.49 -31.32
CA LEU D 119 -16.42 49.30 -30.64
C LEU D 119 -17.46 48.18 -30.64
N ALA D 120 -16.97 46.96 -30.72
CA ALA D 120 -17.79 45.81 -30.45
C ALA D 120 -17.14 45.04 -29.31
N VAL D 121 -17.93 44.36 -28.52
CA VAL D 121 -17.33 43.61 -27.43
C VAL D 121 -17.98 42.28 -27.32
N LEU D 122 -17.15 41.26 -27.29
CA LEU D 122 -17.61 39.90 -27.20
C LEU D 122 -17.45 39.47 -25.77
N GLY D 123 -18.56 39.06 -25.17
CA GLY D 123 -18.58 38.70 -23.77
C GLY D 123 -18.76 37.22 -23.66
N ILE D 124 -17.85 36.59 -22.91
CA ILE D 124 -17.98 35.17 -22.58
C ILE D 124 -17.99 34.99 -21.06
N MET D 125 -18.88 34.14 -20.56
CA MET D 125 -19.01 33.82 -19.14
C MET D 125 -18.15 32.64 -18.76
N LEU D 126 -17.56 32.69 -17.58
CA LEU D 126 -16.76 31.60 -17.03
C LEU D 126 -17.39 31.06 -15.73
N GLU D 127 -17.73 29.78 -15.70
CA GLU D 127 -18.18 29.12 -14.48
C GLU D 127 -17.03 28.40 -13.85
N PRO D 128 -17.11 28.15 -12.55
CA PRO D 128 -16.14 27.26 -11.91
C PRO D 128 -16.44 25.82 -12.29
N GLY D 129 -15.67 24.86 -11.74
CA GLY D 129 -15.83 23.44 -11.99
C GLY D 129 -14.95 22.86 -13.11
N GLY D 130 -14.15 23.70 -13.74
CA GLY D 130 -13.27 23.24 -14.80
C GLY D 130 -12.11 22.44 -14.27
N LEU D 131 -11.68 21.47 -15.06
CA LEU D 131 -10.57 20.61 -14.68
C LEU D 131 -9.36 20.83 -15.59
N ILE D 132 -9.47 21.75 -16.53
CA ILE D 132 -8.34 22.06 -17.38
C ILE D 132 -8.12 23.54 -17.28
N LYS D 133 -6.91 23.94 -16.88
CA LYS D 133 -6.58 25.35 -16.87
C LYS D 133 -6.82 25.99 -18.24
N ASN D 134 -7.55 27.10 -18.26
CA ASN D 134 -7.59 27.92 -19.45
C ASN D 134 -6.24 28.61 -19.63
N PRO D 135 -5.63 28.44 -20.81
CA PRO D 135 -4.23 28.89 -20.96
C PRO D 135 -4.10 30.35 -21.18
N ALA D 136 -5.15 30.98 -21.69
CA ALA D 136 -5.08 32.40 -21.99
C ALA D 136 -5.24 33.16 -20.72
N LEU D 137 -6.26 32.83 -19.93
CA LEU D 137 -6.39 33.40 -18.59
C LEU D 137 -5.14 33.11 -17.76
N SER D 138 -4.65 31.88 -17.85
CA SER D 138 -3.48 31.50 -17.07
C SER D 138 -2.26 32.32 -17.44
N THR D 139 -2.07 32.57 -18.71
CA THR D 139 -0.94 33.40 -19.10
C THR D 139 -1.19 34.85 -18.70
N ALA D 140 -2.43 35.32 -18.82
CA ALA D 140 -2.73 36.70 -18.47
C ALA D 140 -2.50 36.95 -16.96
N LEU D 141 -2.85 36.00 -16.11
CA LEU D 141 -2.54 36.13 -14.69
C LEU D 141 -1.07 36.15 -14.43
N GLU D 142 -0.38 35.21 -15.07
CA GLU D 142 1.00 34.88 -14.75
C GLU D 142 2.02 35.89 -15.27
N VAL D 143 1.54 36.87 -16.03
CA VAL D 143 2.41 37.81 -16.74
C VAL D 143 2.04 39.21 -16.35
N ALA D 144 0.81 39.37 -15.89
CA ALA D 144 0.30 40.66 -15.40
C ALA D 144 1.29 41.29 -14.44
N PRO D 145 1.79 42.49 -14.78
CA PRO D 145 2.62 43.22 -13.80
C PRO D 145 1.78 43.67 -12.60
N GLU D 146 2.44 43.80 -11.45
CA GLU D 146 1.80 44.16 -10.17
C GLU D 146 1.55 45.67 -9.99
N VAL D 147 2.40 46.50 -10.58
CA VAL D 147 2.19 47.94 -10.57
C VAL D 147 1.20 48.45 -11.64
N PRO D 148 0.14 49.15 -11.21
CA PRO D 148 -0.83 49.75 -12.14
C PRO D 148 -0.23 50.53 -13.29
N LEU D 149 -0.91 50.46 -14.42
CA LEU D 149 -0.54 51.17 -15.65
C LEU D 149 0.75 50.67 -16.28
N ALA D 150 1.42 49.72 -15.59
CA ALA D 150 2.62 49.08 -16.13
C ALA D 150 2.30 47.90 -17.10
N LYS D 151 3.09 47.72 -18.17
CA LYS D 151 2.86 46.59 -19.09
C LYS D 151 4.12 45.77 -19.32
N LYS D 152 3.93 44.46 -19.49
CA LYS D 152 5.03 43.55 -19.84
C LYS D 152 4.74 42.78 -21.14
N PRO D 153 5.77 42.61 -21.97
CA PRO D 153 5.60 41.65 -23.07
C PRO D 153 5.41 40.24 -22.52
N SER D 154 4.52 39.47 -23.13
CA SER D 154 4.29 38.10 -22.74
C SER D 154 5.29 37.19 -23.47
N PRO D 155 5.97 36.29 -22.74
CA PRO D 155 6.93 35.40 -23.39
C PRO D 155 6.25 34.36 -24.29
N LYS D 156 5.13 33.83 -23.82
CA LYS D 156 4.36 32.88 -24.59
C LYS D 156 3.38 33.57 -25.53
N GLY D 157 2.83 32.78 -26.44
CA GLY D 157 1.69 33.21 -27.21
C GLY D 157 0.45 33.07 -26.35
N ILE D 158 -0.54 33.87 -26.71
CA ILE D 158 -1.80 33.90 -26.02
C ILE D 158 -2.86 33.88 -27.07
N ASN D 159 -3.43 32.70 -27.27
CA ASN D 159 -4.49 32.48 -28.25
C ASN D 159 -5.90 32.90 -27.75
N PRO D 160 -6.43 34.01 -28.28
CA PRO D 160 -7.74 34.47 -27.78
C PRO D 160 -8.85 33.46 -28.03
N VAL D 161 -8.65 32.55 -28.95
CA VAL D 161 -9.68 31.59 -29.26
C VAL D 161 -9.96 30.71 -28.05
N MET D 162 -8.96 30.51 -27.21
CA MET D 162 -9.17 29.80 -25.92
C MET D 162 -10.26 30.41 -25.07
N LEU D 163 -10.55 31.69 -25.25
CA LEU D 163 -11.57 32.33 -24.44
C LEU D 163 -12.94 32.14 -25.01
N LEU D 164 -13.07 31.52 -26.17
CA LEU D 164 -14.38 31.38 -26.77
C LEU D 164 -15.01 30.07 -26.35
N PRO D 165 -16.35 30.03 -26.35
CA PRO D 165 -16.99 28.75 -26.04
C PRO D 165 -16.84 27.72 -27.18
N LYS D 166 -16.82 26.43 -26.86
CA LYS D 166 -16.78 25.39 -27.90
C LYS D 166 -18.07 25.43 -28.72
N LYS D 167 -17.92 25.22 -30.04
CA LYS D 167 -19.02 25.17 -30.97
C LYS D 167 -19.99 24.10 -30.52
N SER D 168 -21.26 24.29 -30.87
CA SER D 168 -22.32 23.33 -30.52
C SER D 168 -22.14 22.06 -31.36
N LYS D 169 -22.83 20.99 -30.98
CA LYS D 169 -22.83 19.77 -31.76
C LYS D 169 -23.25 20.13 -33.19
N ALA D 170 -24.28 20.97 -33.27
CA ALA D 170 -24.75 21.54 -34.53
C ALA D 170 -23.71 22.45 -35.24
N GLY D 171 -22.66 22.85 -34.52
CA GLY D 171 -21.59 23.66 -35.09
C GLY D 171 -21.65 25.13 -34.70
N THR D 172 -22.73 25.50 -34.01
CA THR D 172 -23.01 26.90 -33.70
C THR D 172 -22.43 27.39 -32.36
N ARG D 173 -22.34 28.72 -32.22
CA ARG D 173 -22.01 29.37 -30.96
C ARG D 173 -23.09 30.40 -30.74
N PRO D 174 -24.16 30.00 -30.07
CA PRO D 174 -25.26 30.91 -29.74
C PRO D 174 -24.80 32.19 -29.04
N PHE D 175 -25.45 33.30 -29.35
CA PHE D 175 -25.15 34.56 -28.67
C PHE D 175 -26.29 35.57 -28.77
N VAL D 176 -26.37 36.50 -27.81
CA VAL D 176 -27.25 37.65 -27.97
C VAL D 176 -26.48 38.81 -28.50
N HIS D 177 -27.18 39.69 -29.19
CA HIS D 177 -26.59 40.93 -29.64
C HIS D 177 -27.44 42.07 -29.16
N TYR D 178 -26.80 43.07 -28.57
CA TYR D 178 -27.53 44.29 -28.30
C TYR D 178 -26.57 45.46 -28.30
N PRO D 179 -27.11 46.68 -28.38
CA PRO D 179 -26.36 47.94 -28.26
C PRO D 179 -26.28 48.43 -26.79
N GLY D 180 -25.08 48.73 -26.33
CA GLY D 180 -24.88 49.13 -24.96
C GLY D 180 -23.70 50.05 -24.94
N SER D 181 -22.85 49.88 -23.92
CA SER D 181 -21.79 50.84 -23.66
C SER D 181 -20.59 50.13 -23.08
N LEU D 182 -19.51 50.87 -22.92
CA LEU D 182 -18.49 50.44 -21.98
C LEU D 182 -19.06 50.32 -20.55
N THR D 183 -18.53 49.40 -19.79
CA THR D 183 -19.04 49.12 -18.50
C THR D 183 -18.23 49.86 -17.45
N THR D 184 -17.20 50.60 -17.90
CA THR D 184 -16.41 51.47 -17.03
C THR D 184 -16.46 52.91 -17.54
N PRO D 185 -16.16 53.90 -16.68
CA PRO D 185 -16.19 55.29 -17.15
C PRO D 185 -15.25 55.50 -18.34
N PRO D 186 -15.62 56.37 -19.29
CA PRO D 186 -16.78 57.27 -19.31
C PRO D 186 -18.11 56.62 -19.68
N CYS D 187 -18.14 55.30 -19.81
CA CYS D 187 -19.35 54.56 -20.22
C CYS D 187 -19.88 55.06 -21.54
N SER D 188 -18.98 55.39 -22.45
CA SER D 188 -19.38 55.76 -23.82
C SER D 188 -20.40 54.78 -24.41
N GLU D 189 -21.46 55.31 -25.01
CA GLU D 189 -22.45 54.46 -25.67
C GLU D 189 -22.08 54.14 -27.14
N GLY D 190 -22.94 53.38 -27.81
CA GLY D 190 -22.70 52.99 -29.18
C GLY D 190 -21.81 51.77 -29.34
N VAL D 191 -21.65 51.01 -28.26
CA VAL D 191 -20.91 49.75 -28.30
C VAL D 191 -21.85 48.62 -28.71
N ASP D 192 -21.45 47.80 -29.69
CA ASP D 192 -22.20 46.57 -29.96
C ASP D 192 -21.77 45.45 -29.04
N TRP D 193 -22.73 44.85 -28.35
CA TRP D 193 -22.39 43.74 -27.48
C TRP D 193 -22.82 42.47 -28.12
N PHE D 194 -21.94 41.47 -28.05
CA PHE D 194 -22.31 40.11 -28.39
C PHE D 194 -21.93 39.31 -27.19
N VAL D 195 -22.89 38.64 -26.58
CA VAL D 195 -22.60 37.86 -25.38
C VAL D 195 -22.97 36.44 -25.68
N PHE D 196 -22.02 35.53 -25.49
CA PHE D 196 -22.27 34.13 -25.76
C PHE D 196 -23.08 33.46 -24.66
N MET D 197 -23.93 32.53 -25.08
CA MET D 197 -24.82 31.81 -24.17
C MET D 197 -24.12 30.66 -23.47
N GLN D 198 -23.08 30.11 -24.09
CA GLN D 198 -22.43 28.96 -23.48
C GLN D 198 -21.25 29.42 -22.63
N PRO D 199 -21.27 29.06 -21.35
CA PRO D 199 -20.09 29.42 -20.59
C PRO D 199 -18.95 28.51 -20.94
N ILE D 200 -17.73 28.91 -20.62
CA ILE D 200 -16.61 28.01 -20.59
C ILE D 200 -16.40 27.69 -19.12
N LYS D 201 -16.09 26.43 -18.81
CA LYS D 201 -15.74 26.06 -17.44
C LYS D 201 -14.28 26.35 -17.28
N VAL D 202 -13.84 26.48 -16.06
CA VAL D 202 -12.53 26.99 -15.76
C VAL D 202 -12.30 26.52 -14.35
N PRO D 203 -11.06 26.22 -13.98
CA PRO D 203 -10.81 25.77 -12.60
C PRO D 203 -10.98 26.87 -11.51
N ASP D 204 -11.65 26.54 -10.41
CA ASP D 204 -11.88 27.50 -9.30
C ASP D 204 -10.64 28.24 -8.89
N SER D 205 -9.51 27.56 -8.87
CA SER D 205 -8.26 28.19 -8.58
C SER D 205 -8.04 29.42 -9.46
N GLN D 206 -8.38 29.36 -10.75
CA GLN D 206 -8.09 30.50 -11.63
C GLN D 206 -9.02 31.67 -11.31
N ILE D 207 -10.28 31.34 -11.02
CA ILE D 207 -11.20 32.36 -10.65
C ILE D 207 -10.65 33.05 -9.37
N LEU D 208 -10.32 32.26 -8.35
CA LEU D 208 -9.79 32.89 -7.15
C LEU D 208 -8.50 33.65 -7.42
N ASP D 209 -7.63 33.16 -8.29
CA ASP D 209 -6.41 33.91 -8.65
C ASP D 209 -6.75 35.26 -9.23
N PHE D 210 -7.81 35.29 -10.01
CA PHE D 210 -8.19 36.54 -10.60
C PHE D 210 -8.73 37.51 -9.56
N MET D 211 -9.63 37.03 -8.71
CA MET D 211 -10.15 37.88 -7.62
C MET D 211 -9.03 38.33 -6.68
N ARG D 212 -8.05 37.47 -6.52
CA ARG D 212 -6.87 37.80 -5.74
C ARG D 212 -6.13 38.91 -6.42
N PHE D 213 -6.01 38.82 -7.75
CA PHE D 213 -5.36 39.87 -8.53
C PHE D 213 -6.12 41.16 -8.42
N VAL D 214 -7.45 41.09 -8.52
CA VAL D 214 -8.26 42.31 -8.44
C VAL D 214 -8.02 42.96 -7.08
N GLY D 215 -7.86 42.12 -6.07
CA GLY D 215 -7.62 42.61 -4.74
C GLY D 215 -6.19 43.06 -4.53
N ASP D 216 -5.47 43.26 -5.62
CA ASP D 216 -4.14 43.86 -5.58
C ASP D 216 -3.17 42.97 -4.84
N ASN D 217 -3.56 41.71 -4.74
CA ASN D 217 -2.77 40.65 -4.14
C ASN D 217 -2.75 40.61 -2.62
N LYS D 218 -3.66 41.35 -1.99
CA LYS D 218 -3.75 41.43 -0.52
C LYS D 218 -5.14 41.03 -0.04
N THR D 219 -6.09 40.88 -0.96
CA THR D 219 -7.43 40.46 -0.53
C THR D 219 -8.15 39.89 -1.76
N TYR D 220 -9.44 39.59 -1.67
CA TYR D 220 -10.19 39.19 -2.85
C TYR D 220 -11.17 40.29 -3.10
N ALA D 221 -11.24 40.76 -4.33
CA ALA D 221 -12.07 41.91 -4.66
C ALA D 221 -12.96 41.62 -5.85
N THR D 222 -13.84 42.54 -6.19
CA THR D 222 -14.63 42.42 -7.41
C THR D 222 -14.49 43.69 -8.25
N ASN D 223 -14.73 43.57 -9.55
CA ASN D 223 -14.57 44.67 -10.48
C ASN D 223 -15.68 44.74 -11.52
N THR D 224 -16.91 44.73 -11.04
CA THR D 224 -18.08 44.68 -11.89
C THR D 224 -19.05 45.79 -11.53
N ARG D 225 -19.68 46.31 -12.57
CA ARG D 225 -20.70 47.35 -12.43
C ARG D 225 -22.04 46.63 -12.33
N PRO D 226 -23.00 47.20 -11.60
CA PRO D 226 -24.32 46.55 -11.46
C PRO D 226 -25.14 46.59 -12.73
N LEU D 227 -26.15 45.73 -12.83
CA LEU D 227 -26.98 45.63 -14.04
C LEU D 227 -27.68 46.95 -14.36
N GLN D 228 -27.91 47.22 -15.64
CA GLN D 228 -28.56 48.46 -16.04
C GLN D 228 -29.92 48.16 -16.60
N LEU D 229 -30.69 49.23 -16.76
CA LEU D 229 -32.04 49.18 -17.34
C LEU D 229 -31.95 49.02 -18.85
N LEU D 230 -32.68 48.00 -19.30
CA LEU D 230 -32.79 47.65 -20.69
C LEU D 230 -33.32 48.84 -21.46
N ASN D 231 -34.32 49.47 -20.86
CA ASN D 231 -35.08 50.51 -21.54
C ASN D 231 -35.69 49.99 -22.82
N SER D 232 -35.87 50.85 -23.79
CA SER D 232 -36.69 50.45 -24.91
C SER D 232 -36.00 49.44 -25.85
N ARG D 233 -34.75 49.06 -25.56
CA ARG D 233 -33.91 48.44 -26.59
C ARG D 233 -34.10 46.93 -26.78
N LEU D 234 -33.61 46.45 -27.92
CA LEU D 234 -33.86 45.10 -28.43
C LEU D 234 -32.68 44.23 -28.16
N VAL D 235 -32.95 43.03 -27.65
CA VAL D 235 -31.93 42.02 -27.43
C VAL D 235 -32.19 40.95 -28.47
N GLU D 236 -31.30 40.86 -29.46
CA GLU D 236 -31.47 39.90 -30.57
C GLU D 236 -30.78 38.58 -30.24
N TYR D 237 -31.43 37.47 -30.57
CA TYR D 237 -30.87 36.15 -30.29
C TYR D 237 -30.43 35.37 -31.55
N GLU D 238 -29.18 34.94 -31.57
CA GLU D 238 -28.69 34.14 -32.65
C GLU D 238 -28.42 32.81 -32.03
N LEU D 239 -29.00 31.79 -32.62
CA LEU D 239 -28.65 30.43 -32.26
C LEU D 239 -27.55 29.95 -33.23
N ALA E 2 44.51 19.72 -2.85
CA ALA E 2 43.98 19.86 -1.50
C ALA E 2 43.88 18.49 -0.84
N ALA E 3 44.39 18.38 0.39
CA ALA E 3 44.48 17.11 1.09
C ALA E 3 43.11 16.49 1.25
N TRP E 4 43.03 15.20 0.95
CA TRP E 4 41.78 14.49 1.13
C TRP E 4 42.12 13.10 1.62
N ASN E 5 41.14 12.48 2.26
CA ASN E 5 41.33 11.15 2.78
C ASN E 5 40.00 10.47 2.93
N TYR E 6 40.03 9.23 3.41
CA TYR E 6 38.81 8.52 3.68
C TYR E 6 38.42 8.75 5.12
N GLY E 7 39.41 8.98 5.96
CA GLY E 7 39.11 9.36 7.33
C GLY E 7 38.56 8.22 8.14
N GLU E 8 38.32 8.50 9.42
CA GLU E 8 37.73 7.49 10.27
C GLU E 8 36.21 7.59 10.29
N VAL E 9 35.61 6.52 10.74
CA VAL E 9 34.17 6.41 10.83
C VAL E 9 33.52 7.59 11.62
N ALA E 10 32.42 8.11 11.08
CA ALA E 10 31.91 9.42 11.47
C ALA E 10 31.08 9.49 12.77
N GLY E 11 30.59 8.35 13.22
CA GLY E 11 29.69 8.31 14.38
C GLY E 11 30.32 8.73 15.70
N PRO E 12 31.36 7.98 16.15
CA PRO E 12 31.99 8.19 17.44
C PRO E 12 32.22 9.66 17.76
N PRO E 13 32.83 10.43 16.87
CA PRO E 13 33.06 11.82 17.33
C PRO E 13 31.79 12.62 17.66
N THR E 14 30.59 12.09 17.38
CA THR E 14 29.36 12.83 17.61
C THR E 14 28.51 12.19 18.70
N TRP E 15 29.07 11.17 19.34
CA TRP E 15 28.37 10.52 20.41
C TRP E 15 28.29 11.52 21.55
N LYS E 16 27.12 11.62 22.19
CA LYS E 16 26.84 12.67 23.16
C LYS E 16 27.21 12.28 24.60
N GLY E 17 27.29 13.25 25.49
CA GLY E 17 27.47 12.99 26.92
C GLY E 17 28.90 12.67 27.35
N VAL E 18 29.03 11.64 28.18
CA VAL E 18 30.34 11.33 28.71
C VAL E 18 31.24 10.90 27.55
N CYS E 19 30.63 10.42 26.47
CA CYS E 19 31.35 10.04 25.25
C CYS E 19 32.23 11.18 24.80
N ALA E 20 31.79 12.41 25.04
CA ALA E 20 32.53 13.60 24.60
C ALA E 20 33.32 14.24 25.76
N THR E 21 32.74 14.29 26.96
CA THR E 21 33.34 15.02 28.08
C THR E 21 34.27 14.18 28.96
N GLY E 22 34.08 12.87 29.04
CA GLY E 22 34.87 12.02 29.92
C GLY E 22 36.38 12.15 29.76
N LYS E 23 37.11 11.95 30.86
CA LYS E 23 38.57 11.95 30.83
C LYS E 23 39.12 10.59 31.23
N ARG E 24 38.24 9.60 31.40
CA ARG E 24 38.68 8.22 31.58
C ARG E 24 38.03 7.33 30.51
N GLN E 25 38.27 7.64 29.23
CA GLN E 25 37.60 6.96 28.14
C GLN E 25 38.44 5.84 27.55
N SER E 26 37.76 4.77 27.15
CA SER E 26 38.40 3.66 26.41
C SER E 26 37.99 3.65 24.93
N PRO E 27 38.78 3.03 24.05
CA PRO E 27 40.06 2.36 24.30
C PRO E 27 41.22 3.33 24.26
N ILE E 28 42.40 2.82 24.58
CA ILE E 28 43.60 3.62 24.62
C ILE E 28 44.75 2.85 23.99
N ASN E 29 45.81 3.54 23.59
CA ASN E 29 47.02 2.82 23.21
C ASN E 29 47.64 2.25 24.47
N ILE E 30 48.11 1.03 24.34
CA ILE E 30 48.89 0.40 25.38
C ILE E 30 50.37 0.31 24.98
N PRO E 31 51.24 1.23 25.48
CA PRO E 31 52.69 1.03 25.29
C PRO E 31 53.14 -0.34 25.76
N LEU E 32 54.12 -0.90 25.08
CA LEU E 32 54.55 -2.25 25.43
C LEU E 32 56.06 -2.40 25.18
N ASN E 33 56.49 -1.99 23.99
CA ASN E 33 57.90 -2.05 23.61
C ASN E 33 58.50 -0.64 23.67
N THR E 34 58.46 -0.07 24.86
CA THR E 34 59.01 1.26 25.10
C THR E 34 60.13 1.23 26.16
N SER E 35 60.94 2.28 26.12
CA SER E 35 62.08 2.43 27.01
C SER E 35 61.59 2.86 28.40
N ALA E 36 60.57 3.73 28.43
CA ALA E 36 60.07 4.27 29.68
C ALA E 36 59.68 3.15 30.64
N PRO E 37 59.61 3.46 31.97
CA PRO E 37 59.32 2.44 33.00
C PRO E 37 57.82 2.11 33.15
N LYS E 38 57.55 0.85 33.50
CA LYS E 38 56.18 0.34 33.60
C LYS E 38 55.79 0.00 35.03
N VAL E 39 54.64 0.51 35.45
CA VAL E 39 54.13 0.30 36.78
C VAL E 39 53.60 -1.12 36.95
N ASP E 40 54.21 -1.92 37.81
CA ASP E 40 53.73 -3.29 38.06
C ASP E 40 52.30 -3.27 38.61
N ALA E 41 51.60 -4.39 38.53
CA ALA E 41 50.18 -4.40 38.85
C ALA E 41 49.89 -4.99 40.25
N GLU E 42 50.75 -5.90 40.70
CA GLU E 42 50.64 -6.49 42.02
C GLU E 42 49.28 -7.15 42.21
N MET E 43 48.71 -7.65 41.12
CA MET E 43 47.34 -8.17 41.13
C MET E 43 47.28 -9.69 40.94
N GLY E 44 48.45 -10.30 40.73
CA GLY E 44 48.51 -11.73 40.51
C GLY E 44 47.97 -12.15 39.17
N GLU E 45 47.72 -13.45 39.02
CA GLU E 45 47.27 -14.00 37.76
C GLU E 45 45.78 -14.21 37.77
N PHE E 46 45.21 -14.27 36.57
CA PHE E 46 43.80 -14.50 36.43
C PHE E 46 43.53 -15.98 36.57
N ASP E 47 42.41 -16.26 37.22
CA ASP E 47 41.91 -17.62 37.36
C ASP E 47 40.47 -17.65 36.87
N PHE E 48 40.11 -18.62 36.04
CA PHE E 48 38.80 -18.61 35.39
C PHE E 48 37.96 -19.77 35.85
N ALA E 49 36.68 -19.51 36.08
CA ALA E 49 35.70 -20.52 36.48
C ALA E 49 34.45 -20.35 35.65
N TYR E 50 34.60 -20.33 34.33
CA TYR E 50 33.45 -20.28 33.44
C TYR E 50 32.85 -21.69 33.26
N GLY E 51 31.95 -22.05 34.16
CA GLY E 51 31.42 -23.40 34.20
C GLY E 51 29.92 -23.44 34.20
N SER E 52 29.31 -22.62 33.37
CA SER E 52 27.87 -22.55 33.30
C SER E 52 27.54 -21.90 31.98
N PHE E 53 27.78 -22.63 30.90
CA PHE E 53 27.75 -22.03 29.60
C PHE E 53 26.97 -22.80 28.53
N GLU E 54 26.06 -23.65 28.95
CA GLU E 54 25.32 -24.48 28.01
C GLU E 54 23.97 -23.87 27.60
N LYS E 55 23.61 -22.75 28.22
CA LYS E 55 22.32 -22.11 28.00
C LYS E 55 22.48 -20.60 27.81
N CYS E 56 23.11 -20.20 26.70
CA CYS E 56 23.35 -18.80 26.37
C CYS E 56 22.45 -18.24 25.27
N ASP E 57 22.13 -16.96 25.37
CA ASP E 57 21.39 -16.24 24.33
C ASP E 57 22.34 -15.40 23.46
N VAL E 58 22.13 -15.44 22.15
CA VAL E 58 22.83 -14.54 21.24
C VAL E 58 21.91 -13.41 20.73
N LEU E 59 22.35 -12.19 20.98
CA LEU E 59 21.56 -11.01 20.72
C LEU E 59 22.22 -10.34 19.55
N ASN E 60 21.41 -9.80 18.65
CA ASN E 60 21.96 -9.00 17.58
C ASN E 60 21.75 -7.59 17.98
N THR E 61 22.87 -6.92 18.21
CA THR E 61 22.90 -5.58 18.77
C THR E 61 22.32 -4.48 17.90
N GLY E 62 22.44 -4.60 16.60
CA GLY E 62 22.05 -3.52 15.72
C GLY E 62 23.17 -2.49 15.67
N HIS E 63 24.35 -2.87 16.12
CA HIS E 63 25.49 -1.97 16.12
C HIS E 63 26.69 -2.78 15.82
N GLY E 64 26.54 -3.66 14.85
CA GLY E 64 27.67 -4.37 14.37
C GLY E 64 27.81 -5.70 15.04
N THR E 65 28.10 -5.73 16.33
CA THR E 65 28.47 -7.01 16.92
C THR E 65 27.25 -7.83 17.32
N MET E 66 27.43 -9.15 17.39
CA MET E 66 26.51 -9.99 18.16
C MET E 66 27.01 -10.04 19.60
N GLN E 67 26.09 -10.39 20.50
CA GLN E 67 26.36 -10.41 21.93
C GLN E 67 25.84 -11.69 22.58
N VAL E 68 26.74 -12.54 23.06
CA VAL E 68 26.37 -13.76 23.77
C VAL E 68 26.12 -13.44 25.26
N ASN E 69 24.87 -13.45 25.68
CA ASN E 69 24.52 -13.30 27.08
C ASN E 69 24.70 -14.61 27.83
N PHE E 70 25.17 -14.51 29.07
CA PHE E 70 25.37 -15.70 29.88
C PHE E 70 24.47 -15.62 31.08
N PRO E 71 24.13 -16.78 31.65
CA PRO E 71 23.44 -16.81 32.94
C PRO E 71 24.47 -16.77 34.06
N ALA E 72 23.99 -16.51 35.27
CA ALA E 72 24.89 -16.43 36.43
C ALA E 72 25.66 -17.74 36.57
N GLY E 73 26.86 -17.68 37.14
CA GLY E 73 27.61 -18.89 37.43
C GLY E 73 29.03 -18.86 36.92
N ASN E 74 29.31 -17.88 36.08
CA ASN E 74 30.61 -17.81 35.42
C ASN E 74 31.42 -16.76 36.10
N LEU E 75 32.51 -17.19 36.74
CA LEU E 75 33.30 -16.28 37.54
C LEU E 75 34.75 -16.29 37.09
N ALA E 76 35.35 -15.10 37.15
CA ALA E 76 36.77 -14.90 36.90
C ALA E 76 37.35 -14.19 38.11
N PHE E 77 38.44 -14.74 38.66
CA PHE E 77 39.09 -14.20 39.86
C PHE E 77 40.43 -13.54 39.48
N ILE E 78 40.56 -12.25 39.77
CA ILE E 78 41.84 -11.58 39.65
C ILE E 78 41.98 -10.72 40.88
N GLY E 79 43.20 -10.62 41.41
CA GLY E 79 43.44 -9.96 42.67
C GLY E 79 42.44 -10.41 43.72
N ASN E 80 41.84 -9.44 44.40
CA ASN E 80 40.81 -9.72 45.37
C ASN E 80 39.44 -9.53 44.74
N MET E 81 39.41 -9.36 43.42
CA MET E 81 38.17 -9.12 42.72
C MET E 81 37.52 -10.45 42.33
N GLU E 82 36.20 -10.49 42.38
CA GLU E 82 35.40 -11.59 41.90
C GLU E 82 34.47 -11.13 40.77
N LEU E 83 34.85 -11.37 39.52
CA LEU E 83 34.14 -10.84 38.36
C LEU E 83 33.17 -11.88 37.79
N GLU E 84 31.92 -11.48 37.57
CA GLU E 84 30.91 -12.37 37.03
C GLU E 84 30.64 -12.06 35.56
N LEU E 85 30.71 -13.07 34.70
CA LEU E 85 30.51 -12.86 33.28
C LEU E 85 29.06 -12.53 32.96
N LEU E 86 28.86 -11.43 32.23
CA LEU E 86 27.53 -11.08 31.76
C LEU E 86 27.37 -11.46 30.30
N GLN E 87 28.36 -11.09 29.50
CA GLN E 87 28.25 -11.25 28.06
C GLN E 87 29.59 -11.05 27.39
N PHE E 88 29.70 -11.52 26.15
CA PHE E 88 30.80 -11.13 25.29
C PHE E 88 30.35 -10.76 23.89
N HIS E 89 31.23 -10.02 23.21
CA HIS E 89 31.00 -9.52 21.89
C HIS E 89 32.31 -9.14 21.28
N PHE E 90 32.29 -8.65 20.04
CA PHE E 90 33.52 -8.34 19.34
C PHE E 90 33.58 -6.97 18.64
N HIS E 91 34.81 -6.61 18.29
CA HIS E 91 35.06 -5.47 17.44
C HIS E 91 36.07 -5.80 16.35
N ALA E 92 35.83 -5.27 15.16
CA ALA E 92 36.79 -5.27 14.09
C ALA E 92 37.01 -3.84 13.62
N PRO E 93 38.27 -3.39 13.59
CA PRO E 93 39.46 -4.00 14.16
C PRO E 93 39.41 -3.94 15.69
N SER E 94 40.50 -4.31 16.34
CA SER E 94 40.58 -4.25 17.78
C SER E 94 40.39 -2.79 18.14
N GLU E 95 39.85 -2.59 19.34
CA GLU E 95 39.64 -1.26 19.83
C GLU E 95 40.94 -0.74 20.40
N HIS E 96 41.52 -1.53 21.30
CA HIS E 96 42.81 -1.15 21.88
C HIS E 96 43.92 -1.31 20.86
N ALA E 97 44.92 -0.47 21.00
CA ALA E 97 46.10 -0.56 20.19
C ALA E 97 47.21 -0.98 21.11
N MET E 98 48.18 -1.71 20.58
CA MET E 98 49.41 -2.01 21.29
C MET E 98 50.62 -1.49 20.53
N ASP E 99 51.24 -0.47 21.10
CA ASP E 99 52.34 0.25 20.46
C ASP E 99 51.88 0.73 19.07
N GLY E 100 50.66 1.22 19.06
CA GLY E 100 50.12 1.90 17.91
C GLY E 100 49.45 0.96 16.93
N ARG E 101 49.42 -0.34 17.24
CA ARG E 101 48.86 -1.31 16.29
C ARG E 101 47.61 -1.95 16.79
N ARG E 102 46.55 -1.84 16.00
CA ARG E 102 45.34 -2.59 16.26
C ARG E 102 45.44 -3.95 15.56
N TYR E 103 44.59 -4.88 15.97
CA TYR E 103 44.58 -6.23 15.42
C TYR E 103 43.31 -6.44 14.68
N ALA E 104 43.17 -7.64 14.15
CA ALA E 104 42.03 -7.95 13.33
C ALA E 104 40.74 -7.86 14.14
N MET E 105 40.72 -8.43 15.33
CA MET E 105 39.52 -8.32 16.17
C MET E 105 39.87 -8.16 17.62
N GLU E 106 38.92 -7.76 18.46
CA GLU E 106 39.11 -7.73 19.89
C GLU E 106 37.86 -8.27 20.49
N ALA E 107 37.99 -9.30 21.32
CA ALA E 107 36.85 -9.82 22.10
C ALA E 107 36.76 -9.14 23.48
N HIS E 108 35.54 -8.80 23.84
CA HIS E 108 35.24 -8.12 25.09
C HIS E 108 34.39 -9.01 25.92
N LEU E 109 34.93 -9.44 27.06
CA LEU E 109 34.18 -10.24 28.03
C LEU E 109 33.79 -9.29 29.15
N VAL E 110 32.52 -8.95 29.16
CA VAL E 110 32.01 -7.97 30.09
C VAL E 110 31.61 -8.67 31.36
N HIS E 111 32.21 -8.23 32.45
CA HIS E 111 31.88 -8.74 33.78
C HIS E 111 31.29 -7.68 34.71
N LYS E 112 30.67 -8.17 35.77
CA LYS E 112 30.26 -7.32 36.88
C LYS E 112 31.10 -7.73 38.06
N ASN E 113 31.70 -6.74 38.72
CA ASN E 113 32.33 -6.94 40.04
C ASN E 113 31.30 -7.29 41.11
N LYS E 114 31.48 -8.46 41.75
CA LYS E 114 30.44 -8.97 42.64
C LYS E 114 30.29 -8.09 43.90
N SER E 115 31.38 -7.53 44.39
CA SER E 115 31.30 -6.61 45.52
C SER E 115 30.74 -5.24 45.11
N THR E 116 31.55 -4.45 44.40
CA THR E 116 31.19 -3.08 44.06
C THR E 116 30.00 -2.94 43.09
N GLY E 117 29.95 -3.82 42.08
CA GLY E 117 28.93 -3.74 41.04
C GLY E 117 29.42 -2.97 39.81
N ASN E 118 30.63 -2.41 39.89
CA ASN E 118 31.33 -1.82 38.76
C ASN E 118 31.41 -2.83 37.63
N LEU E 119 31.49 -2.36 36.39
CA LEU E 119 31.82 -3.26 35.30
C LEU E 119 33.31 -3.49 35.20
N ALA E 120 33.67 -4.71 34.82
CA ALA E 120 35.06 -5.05 34.44
C ALA E 120 35.06 -5.72 33.06
N VAL E 121 35.80 -5.17 32.10
CA VAL E 121 35.87 -5.77 30.76
C VAL E 121 37.25 -6.38 30.52
N LEU E 122 37.24 -7.66 30.15
CA LEU E 122 38.47 -8.31 29.70
C LEU E 122 38.54 -8.21 28.17
N GLY E 123 39.65 -7.69 27.68
CA GLY E 123 39.82 -7.46 26.25
C GLY E 123 40.87 -8.40 25.70
N ILE E 124 40.48 -9.17 24.69
CA ILE E 124 41.40 -10.09 24.05
C ILE E 124 41.53 -9.86 22.54
N MET E 125 42.77 -9.70 22.09
CA MET E 125 43.10 -9.45 20.69
C MET E 125 43.10 -10.72 19.86
N LEU E 126 42.43 -10.67 18.73
CA LEU E 126 42.35 -11.79 17.79
C LEU E 126 43.12 -11.45 16.52
N GLU E 127 44.01 -12.36 16.14
CA GLU E 127 44.87 -12.26 14.97
C GLU E 127 44.39 -13.19 13.86
N PRO E 128 44.69 -12.85 12.59
CA PRO E 128 44.42 -13.76 11.49
C PRO E 128 45.53 -14.79 11.40
N GLY E 129 45.34 -15.77 10.52
CA GLY E 129 46.35 -16.79 10.26
C GLY E 129 46.17 -18.11 10.99
N GLY E 130 45.07 -18.25 11.71
CA GLY E 130 44.81 -19.44 12.49
C GLY E 130 44.34 -20.60 11.63
N LEU E 131 44.56 -21.81 12.12
CA LEU E 131 44.09 -23.01 11.45
C LEU E 131 42.79 -23.56 12.06
N ILE E 132 42.74 -23.70 13.38
CA ILE E 132 41.50 -24.15 13.98
C ILE E 132 40.51 -22.98 14.14
N LYS E 133 39.24 -23.24 13.87
CA LYS E 133 38.20 -22.23 14.05
C LYS E 133 37.94 -22.08 15.54
N ASN E 134 37.80 -20.84 16.00
CA ASN E 134 37.50 -20.62 17.38
C ASN E 134 36.01 -20.91 17.59
N PRO E 135 35.69 -21.98 18.36
CA PRO E 135 34.30 -22.46 18.40
C PRO E 135 33.34 -21.48 19.03
N ALA E 136 33.82 -20.61 19.91
CA ALA E 136 32.98 -19.58 20.51
C ALA E 136 32.58 -18.51 19.48
N LEU E 137 33.58 -17.94 18.81
CA LEU E 137 33.34 -16.98 17.75
C LEU E 137 32.54 -17.65 16.64
N SER E 138 32.88 -18.90 16.38
CA SER E 138 32.14 -19.69 15.38
C SER E 138 30.65 -19.83 15.69
N THR E 139 30.33 -20.23 16.91
CA THR E 139 28.93 -20.37 17.29
C THR E 139 28.24 -19.01 17.35
N ALA E 140 28.92 -18.05 17.95
CA ALA E 140 28.43 -16.69 17.99
C ALA E 140 28.01 -16.25 16.59
N LEU E 141 28.83 -16.56 15.58
CA LEU E 141 28.52 -16.18 14.21
C LEU E 141 27.37 -16.97 13.59
N GLU E 142 27.45 -18.30 13.65
CA GLU E 142 26.40 -19.17 13.14
C GLU E 142 25.00 -18.93 13.75
N VAL E 143 24.94 -18.62 15.03
CA VAL E 143 23.69 -18.57 15.77
C VAL E 143 23.09 -17.14 15.84
N ALA E 144 23.89 -16.12 15.63
CA ALA E 144 23.38 -14.77 15.83
C ALA E 144 22.30 -14.51 14.80
N PRO E 145 21.14 -13.97 15.21
CA PRO E 145 20.08 -13.51 14.31
C PRO E 145 20.57 -12.46 13.33
N GLU E 146 19.92 -12.35 12.17
CA GLU E 146 20.28 -11.32 11.18
C GLU E 146 19.43 -10.06 11.39
N VAL E 147 18.22 -10.22 11.91
CA VAL E 147 17.41 -9.06 12.20
C VAL E 147 17.89 -8.32 13.45
N PRO E 148 18.25 -7.05 13.30
CA PRO E 148 18.72 -6.30 14.48
C PRO E 148 17.77 -6.32 15.70
N LEU E 149 18.37 -6.45 16.86
CA LEU E 149 17.70 -6.39 18.17
C LEU E 149 16.94 -7.66 18.45
N ALA E 150 17.02 -8.59 17.52
CA ALA E 150 16.48 -9.92 17.71
C ALA E 150 17.44 -10.72 18.57
N LYS E 151 16.89 -11.58 19.41
CA LYS E 151 17.70 -12.41 20.31
C LYS E 151 17.26 -13.83 20.11
N LYS E 152 18.20 -14.76 20.15
CA LYS E 152 17.88 -16.17 19.96
C LYS E 152 18.68 -17.05 20.93
N PRO E 153 18.09 -18.16 21.42
CA PRO E 153 18.87 -19.12 22.22
C PRO E 153 19.76 -20.02 21.37
N SER E 154 20.92 -20.42 21.88
CA SER E 154 21.82 -21.29 21.14
C SER E 154 21.65 -22.73 21.55
N PRO E 155 21.62 -23.65 20.58
CA PRO E 155 21.59 -25.05 20.96
C PRO E 155 22.91 -25.48 21.61
N LYS E 156 24.04 -25.17 20.98
CA LYS E 156 25.32 -25.55 21.54
C LYS E 156 25.67 -24.64 22.71
N GLY E 157 26.40 -25.19 23.67
CA GLY E 157 26.97 -24.36 24.73
C GLY E 157 28.20 -23.64 24.23
N ILE E 158 28.37 -22.39 24.65
CA ILE E 158 29.49 -21.56 24.21
C ILE E 158 30.47 -21.38 25.36
N ASN E 159 31.61 -22.03 25.30
CA ASN E 159 32.60 -21.93 26.36
C ASN E 159 33.45 -20.68 26.20
N PRO E 160 33.25 -19.66 27.05
CA PRO E 160 33.90 -18.36 26.79
C PRO E 160 35.40 -18.40 27.05
N VAL E 161 35.89 -19.46 27.70
CA VAL E 161 37.31 -19.54 27.99
C VAL E 161 38.07 -19.87 26.72
N MET E 162 37.33 -20.27 25.71
CA MET E 162 37.89 -20.46 24.39
C MET E 162 38.39 -19.14 23.82
N LEU E 163 37.86 -18.02 24.33
CA LEU E 163 38.31 -16.70 23.89
C LEU E 163 39.51 -16.20 24.67
N LEU E 164 39.97 -16.97 25.66
CA LEU E 164 41.09 -16.53 26.48
C LEU E 164 42.39 -17.05 25.88
N PRO E 165 43.47 -16.24 25.91
CA PRO E 165 44.74 -16.74 25.37
C PRO E 165 45.28 -17.86 26.24
N LYS E 166 46.13 -18.71 25.69
CA LYS E 166 46.64 -19.84 26.48
C LYS E 166 47.71 -19.34 27.42
N LYS E 167 47.83 -20.03 28.56
CA LYS E 167 48.91 -19.76 29.49
C LYS E 167 50.29 -19.85 28.78
N SER E 168 51.17 -18.90 29.07
CA SER E 168 52.55 -18.96 28.61
C SER E 168 53.35 -20.05 29.32
N LYS E 169 54.61 -20.23 28.95
CA LYS E 169 55.48 -21.26 29.52
C LYS E 169 55.51 -21.18 31.05
N ALA E 170 55.49 -19.96 31.55
CA ALA E 170 55.47 -19.66 32.99
C ALA E 170 54.09 -19.83 33.61
N GLY E 171 53.11 -20.25 32.81
CA GLY E 171 51.76 -20.49 33.29
C GLY E 171 50.96 -19.23 33.63
N THR E 172 51.25 -18.15 32.92
CA THR E 172 50.63 -16.86 33.16
C THR E 172 50.02 -16.30 31.88
N ARG E 173 49.02 -15.43 32.03
CA ARG E 173 48.49 -14.68 30.91
C ARG E 173 48.74 -13.20 31.19
N PRO E 174 49.86 -12.67 30.66
CA PRO E 174 50.22 -11.26 30.88
C PRO E 174 49.10 -10.32 30.46
N PHE E 175 48.93 -9.19 31.14
CA PHE E 175 47.88 -8.25 30.76
C PHE E 175 48.19 -6.88 31.31
N VAL E 176 47.47 -5.89 30.85
CA VAL E 176 47.53 -4.60 31.41
C VAL E 176 46.24 -4.32 32.11
N HIS E 177 46.29 -3.38 33.02
CA HIS E 177 45.12 -3.01 33.77
C HIS E 177 45.05 -1.55 33.88
N TYR E 178 43.89 -1.00 33.53
CA TYR E 178 43.65 0.44 33.63
C TYR E 178 42.16 0.71 33.73
N PRO E 179 41.78 1.82 34.35
CA PRO E 179 40.35 2.16 34.48
C PRO E 179 39.86 3.05 33.35
N GLY E 180 38.73 2.68 32.73
CA GLY E 180 38.20 3.48 31.63
C GLY E 180 36.69 3.46 31.55
N SER E 181 36.19 3.41 30.32
CA SER E 181 34.79 3.47 30.06
C SER E 181 34.31 2.31 29.29
N LEU E 182 33.05 2.34 28.99
CA LEU E 182 32.52 1.60 27.88
C LEU E 182 32.95 2.30 26.60
N THR E 183 33.17 1.51 25.56
CA THR E 183 33.59 1.99 24.24
C THR E 183 32.42 2.37 23.29
N THR E 184 31.19 2.16 23.73
CA THR E 184 30.00 2.58 22.98
C THR E 184 29.16 3.41 23.95
N PRO E 185 28.24 4.23 23.40
CA PRO E 185 27.39 5.06 24.23
C PRO E 185 26.61 4.21 25.22
N PRO E 186 26.44 4.71 26.44
CA PRO E 186 26.71 6.06 26.90
C PRO E 186 28.16 6.33 27.35
N CYS E 187 29.04 5.35 27.21
CA CYS E 187 30.48 5.48 27.54
C CYS E 187 30.67 5.75 29.01
N SER E 188 29.78 5.16 29.80
CA SER E 188 29.86 5.24 31.26
C SER E 188 31.26 4.89 31.76
N GLU E 189 31.81 5.71 32.67
CA GLU E 189 33.14 5.45 33.21
C GLU E 189 33.09 4.55 34.46
N GLY E 190 34.24 4.37 35.09
CA GLY E 190 34.35 3.50 36.24
C GLY E 190 34.40 2.02 35.90
N VAL E 191 34.90 1.71 34.71
CA VAL E 191 35.04 0.35 34.23
C VAL E 191 36.48 -0.10 34.43
N ASP E 192 36.67 -1.24 35.07
CA ASP E 192 38.00 -1.82 35.17
C ASP E 192 38.33 -2.58 33.88
N TRP E 193 39.40 -2.16 33.20
CA TRP E 193 39.78 -2.73 31.92
C TRP E 193 40.99 -3.54 32.13
N PHE E 194 40.91 -4.80 31.72
CA PHE E 194 42.06 -5.70 31.67
C PHE E 194 42.22 -6.12 30.22
N VAL E 195 43.39 -5.87 29.64
CA VAL E 195 43.61 -6.19 28.26
C VAL E 195 44.76 -7.16 28.21
N PHE E 196 44.57 -8.27 27.50
CA PHE E 196 45.59 -9.31 27.50
C PHE E 196 46.65 -9.00 26.47
N MET E 197 47.89 -9.37 26.78
CA MET E 197 49.01 -9.06 25.89
C MET E 197 49.17 -10.04 24.76
N GLN E 198 48.71 -11.27 25.00
CA GLN E 198 48.92 -12.39 24.10
C GLN E 198 47.70 -12.62 23.21
N PRO E 199 47.82 -12.39 21.89
CA PRO E 199 46.67 -12.62 21.00
C PRO E 199 46.38 -14.10 20.83
N ILE E 200 45.16 -14.40 20.39
CA ILE E 200 44.81 -15.72 19.92
C ILE E 200 44.67 -15.62 18.41
N LYS E 201 45.16 -16.65 17.73
CA LYS E 201 45.07 -16.74 16.28
C LYS E 201 43.70 -17.30 15.89
N VAL E 202 43.25 -16.91 14.72
CA VAL E 202 41.93 -17.26 14.26
C VAL E 202 42.02 -17.36 12.74
N PRO E 203 41.23 -18.23 12.13
CA PRO E 203 41.23 -18.27 10.67
C PRO E 203 40.64 -16.99 10.08
N ASP E 204 41.14 -16.56 8.93
CA ASP E 204 40.69 -15.33 8.29
C ASP E 204 39.24 -15.41 7.85
N SER E 205 38.78 -16.62 7.59
CA SER E 205 37.37 -16.77 7.30
C SER E 205 36.53 -16.24 8.46
N GLN E 206 36.93 -16.51 9.71
CA GLN E 206 36.14 -15.99 10.85
C GLN E 206 36.17 -14.44 10.95
N ILE E 207 37.33 -13.86 10.67
CA ILE E 207 37.45 -12.44 10.77
C ILE E 207 36.53 -11.80 9.76
N LEU E 208 36.60 -12.30 8.52
CA LEU E 208 35.79 -11.71 7.47
C LEU E 208 34.32 -12.00 7.68
N ASP E 209 33.98 -13.19 8.14
CA ASP E 209 32.60 -13.47 8.56
C ASP E 209 32.14 -12.39 9.53
N PHE E 210 32.99 -12.06 10.50
CA PHE E 210 32.56 -11.05 11.44
C PHE E 210 32.36 -9.70 10.76
N MET E 211 33.34 -9.26 10.00
CA MET E 211 33.22 -7.95 9.33
C MET E 211 31.99 -7.91 8.43
N ARG E 212 31.68 -9.03 7.82
CA ARG E 212 30.48 -9.16 7.03
C ARG E 212 29.26 -9.01 7.91
N PHE E 213 29.30 -9.59 9.09
CA PHE E 213 28.19 -9.42 10.04
C PHE E 213 28.05 -7.98 10.53
N VAL E 214 29.18 -7.32 10.76
CA VAL E 214 29.13 -5.91 11.14
C VAL E 214 28.46 -5.10 10.01
N GLY E 215 28.55 -5.56 8.78
CA GLY E 215 27.99 -4.84 7.63
C GLY E 215 26.61 -5.33 7.26
N ASP E 216 25.98 -6.11 8.15
CA ASP E 216 24.60 -6.59 7.98
C ASP E 216 24.47 -7.56 6.78
N ASN E 217 25.55 -8.26 6.49
CA ASN E 217 25.61 -9.19 5.35
C ASN E 217 25.40 -8.49 4.02
N LYS E 218 25.49 -7.16 4.03
CA LYS E 218 25.34 -6.37 2.81
C LYS E 218 26.71 -5.83 2.37
N THR E 219 27.67 -5.77 3.30
CA THR E 219 28.99 -5.22 3.00
C THR E 219 30.03 -5.68 4.03
N TYR E 220 31.16 -5.02 4.13
CA TYR E 220 32.11 -5.28 5.21
C TYR E 220 32.34 -3.97 5.95
N ALA E 221 32.30 -4.01 7.28
CA ALA E 221 32.28 -2.78 8.04
C ALA E 221 33.13 -2.95 9.23
N THR E 222 33.39 -1.82 9.92
CA THR E 222 34.10 -1.79 11.20
C THR E 222 33.18 -1.31 12.32
N ASN E 223 33.40 -1.79 13.55
CA ASN E 223 32.66 -1.29 14.72
C ASN E 223 33.60 -0.94 15.89
N THR E 224 34.41 0.09 15.69
CA THR E 224 35.45 0.43 16.63
C THR E 224 35.51 1.90 16.89
N ARG E 225 35.88 2.25 18.11
CA ARG E 225 35.95 3.63 18.48
C ARG E 225 37.39 4.12 18.34
N PRO E 226 37.57 5.43 18.08
CA PRO E 226 38.96 5.92 18.03
C PRO E 226 39.67 5.94 19.43
N LEU E 227 40.99 5.90 19.43
CA LEU E 227 41.77 5.85 20.66
C LEU E 227 41.52 7.10 21.48
N GLN E 228 41.49 6.93 22.79
CA GLN E 228 41.07 8.00 23.69
C GLN E 228 42.27 8.52 24.43
N LEU E 229 42.22 9.78 24.80
CA LEU E 229 43.32 10.37 25.53
C LEU E 229 43.52 9.62 26.84
N LEU E 230 44.77 9.24 27.10
CA LEU E 230 45.14 8.62 28.36
C LEU E 230 44.82 9.56 29.51
N ASN E 231 45.16 10.84 29.34
CA ASN E 231 45.07 11.87 30.40
C ASN E 231 45.92 11.47 31.60
N SER E 232 45.49 11.74 32.81
CA SER E 232 46.40 11.52 33.95
C SER E 232 46.38 10.05 34.37
N ARG E 233 45.77 9.20 33.55
CA ARG E 233 45.55 7.83 33.94
C ARG E 233 46.83 7.02 33.92
N LEU E 234 46.75 5.90 34.62
CA LEU E 234 47.87 5.04 34.85
C LEU E 234 47.59 3.64 34.38
N VAL E 235 48.44 3.18 33.46
CA VAL E 235 48.32 1.85 32.94
C VAL E 235 49.27 0.97 33.74
N GLU E 236 48.71 -0.06 34.36
CA GLU E 236 49.47 -0.98 35.16
C GLU E 236 49.68 -2.27 34.40
N TYR E 237 50.86 -2.86 34.54
CA TYR E 237 51.21 -4.06 33.80
C TYR E 237 51.38 -5.24 34.73
N GLU E 238 50.70 -6.34 34.46
CA GLU E 238 51.03 -7.61 35.10
C GLU E 238 51.75 -8.47 34.11
N LEU E 239 52.93 -8.04 33.68
CA LEU E 239 53.69 -8.83 32.70
C LEU E 239 54.37 -10.03 33.37
N ALA F 2 -12.04 62.04 -14.26
CA ALA F 2 -11.78 61.84 -12.82
C ALA F 2 -11.32 60.41 -12.46
N ALA F 3 -10.55 60.29 -11.38
CA ALA F 3 -10.15 59.00 -10.82
C ALA F 3 -11.41 58.27 -10.46
N TRP F 4 -11.60 57.09 -11.01
CA TRP F 4 -12.76 56.28 -10.64
C TRP F 4 -12.30 54.96 -10.05
N ASN F 5 -13.22 54.28 -9.39
CA ASN F 5 -12.96 52.94 -8.86
C ASN F 5 -14.25 52.15 -8.73
N TYR F 6 -14.10 50.89 -8.34
CA TYR F 6 -15.25 50.11 -7.96
C TYR F 6 -15.49 50.33 -6.44
N GLY F 7 -14.41 50.58 -5.71
CA GLY F 7 -14.48 50.87 -4.29
C GLY F 7 -14.81 49.67 -3.42
N GLU F 8 -15.13 49.95 -2.15
CA GLU F 8 -15.55 48.90 -1.25
C GLU F 8 -17.04 48.99 -1.03
N VAL F 9 -17.60 47.96 -0.40
CA VAL F 9 -19.02 47.93 -0.15
C VAL F 9 -19.46 49.13 0.68
N ALA F 10 -20.58 49.73 0.27
CA ALA F 10 -20.99 51.06 0.76
C ALA F 10 -21.56 51.13 2.16
N GLY F 11 -21.86 49.98 2.76
CA GLY F 11 -22.62 49.90 4.00
C GLY F 11 -21.85 50.21 5.28
N PRO F 12 -20.72 49.53 5.49
CA PRO F 12 -19.88 49.72 6.68
C PRO F 12 -19.54 51.17 7.03
N PRO F 13 -18.99 51.97 6.09
CA PRO F 13 -18.72 53.35 6.52
C PRO F 13 -19.97 54.16 6.84
N THR F 14 -21.16 53.57 6.73
CA THR F 14 -22.39 54.27 7.13
C THR F 14 -23.09 53.60 8.31
N TRP F 15 -22.43 52.62 8.90
CA TRP F 15 -22.94 52.04 10.12
C TRP F 15 -22.78 53.06 11.24
N LYS F 16 -23.87 53.33 11.95
CA LYS F 16 -23.84 54.32 13.05
C LYS F 16 -23.70 53.71 14.44
N GLY F 17 -23.32 54.56 15.38
CA GLY F 17 -23.21 54.19 16.77
C GLY F 17 -21.77 53.98 17.17
N VAL F 18 -21.60 52.95 17.98
CA VAL F 18 -20.29 52.57 18.45
C VAL F 18 -19.52 52.19 17.21
N CYS F 19 -20.23 51.70 16.21
CA CYS F 19 -19.61 51.33 14.96
C CYS F 19 -18.73 52.45 14.42
N ALA F 20 -19.08 53.70 14.72
CA ALA F 20 -18.33 54.84 14.17
C ALA F 20 -17.57 55.61 15.26
N THR F 21 -18.10 55.56 16.48
CA THR F 21 -17.53 56.34 17.56
C THR F 21 -16.58 55.51 18.43
N GLY F 22 -16.87 54.22 18.63
CA GLY F 22 -16.08 53.37 19.50
C GLY F 22 -14.63 53.40 19.12
N LYS F 23 -13.72 53.17 20.07
CA LYS F 23 -12.27 53.19 19.76
C LYS F 23 -11.61 51.84 20.00
N ARG F 24 -12.43 50.83 20.27
CA ARG F 24 -11.97 49.44 20.40
C ARG F 24 -12.72 48.55 19.39
N GLN F 25 -12.63 48.90 18.11
CA GLN F 25 -13.42 48.24 17.06
C GLN F 25 -12.71 47.08 16.34
N SER F 26 -13.45 46.03 16.00
CA SER F 26 -12.90 44.96 15.17
C SER F 26 -13.40 45.07 13.71
N PRO F 27 -12.66 44.50 12.75
CA PRO F 27 -11.37 43.82 12.88
C PRO F 27 -10.19 44.79 12.83
N ILE F 28 -9.01 44.23 13.00
CA ILE F 28 -7.82 45.04 13.03
C ILE F 28 -6.79 44.29 12.24
N ASN F 29 -5.79 45.02 11.75
CA ASN F 29 -4.60 44.39 11.22
C ASN F 29 -3.77 43.79 12.38
N ILE F 30 -3.29 42.59 12.18
CA ILE F 30 -2.46 41.89 13.13
C ILE F 30 -1.04 41.79 12.58
N PRO F 31 -0.11 42.61 13.11
CA PRO F 31 1.31 42.48 12.73
C PRO F 31 1.85 41.11 13.07
N LEU F 32 2.90 40.67 12.39
CA LEU F 32 3.61 39.45 12.79
C LEU F 32 5.08 39.63 12.56
N ASN F 33 5.43 39.59 11.28
CA ASN F 33 6.78 39.84 10.77
C ASN F 33 7.05 41.34 10.89
N THR F 34 6.94 41.82 12.12
CA THR F 34 7.17 43.21 12.42
C THR F 34 8.31 43.26 13.45
N SER F 35 8.87 44.45 13.65
CA SER F 35 10.01 44.62 14.54
C SER F 35 9.59 45.03 15.96
N ALA F 36 8.31 45.38 16.15
CA ALA F 36 7.82 45.77 17.48
C ALA F 36 7.93 44.59 18.46
N PRO F 37 8.35 44.86 19.73
CA PRO F 37 8.41 43.81 20.77
C PRO F 37 7.02 43.44 21.31
N LYS F 38 6.63 42.19 21.07
CA LYS F 38 5.27 41.72 21.34
C LYS F 38 5.03 41.48 22.83
N VAL F 39 3.85 41.91 23.30
CA VAL F 39 3.41 41.61 24.66
C VAL F 39 2.91 40.17 24.64
N ASP F 40 3.39 39.33 25.55
CA ASP F 40 2.96 37.93 25.58
C ASP F 40 1.57 37.86 26.14
N ALA F 41 0.78 36.91 25.65
CA ALA F 41 -0.56 36.79 26.17
C ALA F 41 -0.53 36.12 27.54
N GLU F 42 0.49 35.30 27.77
CA GLU F 42 0.62 34.61 29.05
C GLU F 42 -0.66 33.88 29.37
N MET F 43 -1.21 33.19 28.38
CA MET F 43 -2.53 32.57 28.53
C MET F 43 -2.51 31.06 28.35
N GLY F 44 -1.33 30.51 28.10
CA GLY F 44 -1.20 29.10 27.82
C GLY F 44 -1.90 28.75 26.51
N GLU F 45 -2.51 27.57 26.46
CA GLU F 45 -3.07 27.07 25.21
C GLU F 45 -4.54 26.77 25.35
N PHE F 46 -5.22 26.72 24.21
CA PHE F 46 -6.65 26.45 24.17
C PHE F 46 -6.90 24.96 24.38
N ASP F 47 -8.00 24.65 25.06
CA ASP F 47 -8.48 23.27 25.14
C ASP F 47 -9.95 23.21 24.72
N PHE F 48 -10.23 22.29 23.81
CA PHE F 48 -11.55 22.26 23.19
C PHE F 48 -12.42 21.12 23.72
N ALA F 49 -13.69 21.40 23.84
CA ALA F 49 -14.64 20.43 24.36
C ALA F 49 -16.01 20.74 23.78
N TYR F 50 -16.07 20.69 22.44
CA TYR F 50 -17.33 20.79 21.73
C TYR F 50 -17.80 19.37 21.51
N GLY F 51 -18.94 19.03 22.11
CA GLY F 51 -19.41 17.66 22.14
C GLY F 51 -20.91 17.51 22.32
N SER F 52 -21.65 18.57 22.05
CA SER F 52 -23.12 18.51 22.01
C SER F 52 -23.54 19.10 20.67
N PHE F 53 -22.94 18.57 19.62
CA PHE F 53 -23.11 19.11 18.28
C PHE F 53 -23.85 18.18 17.34
N GLU F 54 -24.60 17.24 17.91
CA GLU F 54 -25.26 16.23 17.08
C GLU F 54 -26.67 16.66 16.70
N LYS F 55 -27.04 17.91 16.98
CA LYS F 55 -28.20 18.48 16.31
C LYS F 55 -28.26 20.00 16.43
N CYS F 56 -27.63 20.66 15.46
CA CYS F 56 -27.53 22.11 15.42
C CYS F 56 -28.47 22.66 14.38
N ASP F 57 -28.94 23.89 14.57
CA ASP F 57 -29.65 24.61 13.53
C ASP F 57 -28.65 25.17 12.54
N VAL F 58 -29.15 25.50 11.35
CA VAL F 58 -28.44 26.35 10.42
C VAL F 58 -29.43 27.43 10.00
N LEU F 59 -28.98 28.68 9.87
CA LEU F 59 -29.91 29.75 9.56
C LEU F 59 -29.31 30.86 8.72
N ASN F 60 -30.16 31.39 7.87
CA ASN F 60 -29.75 32.35 6.88
C ASN F 60 -29.98 33.69 7.53
N THR F 61 -28.91 34.41 7.81
CA THR F 61 -29.01 35.65 8.55
C THR F 61 -29.59 36.80 7.73
N GLY F 62 -29.76 36.58 6.42
CA GLY F 62 -30.09 37.65 5.50
C GLY F 62 -28.95 38.67 5.37
N HIS F 63 -27.80 38.38 5.97
CA HIS F 63 -26.67 39.30 5.98
C HIS F 63 -25.42 38.65 5.43
N GLY F 64 -25.65 37.88 4.38
CA GLY F 64 -24.56 37.26 3.68
C GLY F 64 -24.24 35.90 4.22
N THR F 65 -23.83 35.83 5.47
CA THR F 65 -23.36 34.54 5.96
C THR F 65 -24.53 33.64 6.38
N MET F 66 -24.26 32.34 6.47
CA MET F 66 -25.17 31.49 7.19
C MET F 66 -24.54 31.44 8.57
N GLN F 67 -25.34 31.06 9.55
CA GLN F 67 -24.94 30.94 10.95
C GLN F 67 -25.43 29.57 11.43
N VAL F 68 -24.53 28.80 12.03
CA VAL F 68 -24.85 27.49 12.61
C VAL F 68 -24.97 27.62 14.14
N ASN F 69 -26.20 27.72 14.65
CA ASN F 69 -26.45 27.85 16.08
C ASN F 69 -26.34 26.54 16.81
N PHE F 70 -25.54 26.54 17.87
CA PHE F 70 -25.38 25.37 18.71
C PHE F 70 -26.25 25.42 19.99
N PRO F 71 -26.55 24.22 20.53
CA PRO F 71 -27.14 24.14 21.87
C PRO F 71 -26.01 24.16 22.89
N ALA F 72 -26.37 24.42 24.16
CA ALA F 72 -25.41 24.49 25.25
C ALA F 72 -24.62 23.17 25.39
N GLY F 73 -23.48 23.24 26.09
CA GLY F 73 -22.68 22.04 26.34
C GLY F 73 -21.35 22.00 25.62
N ASN F 74 -21.15 22.93 24.69
CA ASN F 74 -19.95 22.97 23.88
C ASN F 74 -18.98 23.99 24.44
N LEU F 75 -17.80 23.52 24.85
CA LEU F 75 -16.93 24.35 25.67
C LEU F 75 -15.53 24.45 25.12
N ALA F 76 -14.93 25.63 25.31
CA ALA F 76 -13.52 25.83 25.01
C ALA F 76 -12.89 26.52 26.22
N PHE F 77 -11.63 26.21 26.49
CA PHE F 77 -10.95 26.67 27.68
C PHE F 77 -9.60 27.29 27.37
N ILE F 78 -9.50 28.61 27.57
CA ILE F 78 -8.24 29.34 27.48
C ILE F 78 -8.02 30.12 28.79
N GLY F 79 -6.76 30.37 29.13
CA GLY F 79 -6.40 31.06 30.35
C GLY F 79 -7.02 30.22 31.44
N ASN F 80 -7.83 30.85 32.26
CA ASN F 80 -8.66 30.10 33.18
C ASN F 80 -10.07 30.55 32.98
N MET F 81 -10.37 30.97 31.76
CA MET F 81 -11.71 31.34 31.39
C MET F 81 -12.38 30.19 30.64
N GLU F 82 -13.70 30.19 30.67
CA GLU F 82 -14.49 29.11 30.06
C GLU F 82 -15.47 29.72 29.09
N LEU F 83 -15.34 29.28 27.84
CA LEU F 83 -16.10 29.80 26.71
C LEU F 83 -17.10 28.75 26.23
N GLU F 84 -18.37 29.17 26.17
CA GLU F 84 -19.46 28.31 25.71
C GLU F 84 -19.93 28.68 24.30
N LEU F 85 -19.72 27.76 23.35
CA LEU F 85 -20.07 27.99 21.95
C LEU F 85 -21.53 28.32 21.72
N LEU F 86 -21.80 29.44 21.04
CA LEU F 86 -23.16 29.87 20.76
C LEU F 86 -23.60 29.61 19.32
N GLN F 87 -22.62 29.71 18.42
CA GLN F 87 -22.83 29.68 16.98
C GLN F 87 -21.54 29.96 16.24
N PHE F 88 -21.46 29.58 14.97
CA PHE F 88 -20.34 29.99 14.12
C PHE F 88 -20.83 30.46 12.74
N HIS F 89 -20.00 31.23 12.06
CA HIS F 89 -20.34 31.74 10.75
C HIS F 89 -19.05 32.15 10.08
N PHE F 90 -19.17 32.68 8.84
CA PHE F 90 -17.99 33.06 8.10
C PHE F 90 -18.09 34.43 7.42
N HIS F 91 -16.93 34.91 6.96
CA HIS F 91 -16.86 36.09 6.12
C HIS F 91 -15.92 35.82 4.97
N ALA F 92 -16.21 36.40 3.80
CA ALA F 92 -15.27 36.39 2.66
C ALA F 92 -15.21 37.78 2.10
N PRO F 93 -14.01 38.29 1.91
CA PRO F 93 -12.75 37.76 2.37
C PRO F 93 -12.69 37.85 3.89
N SER F 94 -11.56 37.47 4.47
CA SER F 94 -11.42 37.49 5.90
C SER F 94 -11.54 38.94 6.38
N GLU F 95 -11.98 39.09 7.63
CA GLU F 95 -12.13 40.38 8.22
C GLU F 95 -10.76 40.82 8.71
N HIS F 96 -10.11 40.01 9.52
CA HIS F 96 -8.79 40.36 10.00
C HIS F 96 -7.78 40.21 8.94
N ALA F 97 -6.65 40.89 9.11
CA ALA F 97 -5.54 40.86 8.15
C ALA F 97 -4.28 40.56 8.88
N MET F 98 -3.34 39.89 8.19
CA MET F 98 -2.03 39.62 8.75
C MET F 98 -1.06 40.37 7.92
N ASP F 99 -0.43 41.38 8.54
CA ASP F 99 0.44 42.30 7.84
C ASP F 99 -0.26 42.84 6.57
N GLY F 100 -1.47 43.37 6.72
CA GLY F 100 -2.23 43.97 5.63
C GLY F 100 -2.71 43.01 4.54
N ARG F 101 -2.60 41.71 4.78
CA ARG F 101 -3.07 40.70 3.82
C ARG F 101 -4.28 39.94 4.40
N ARG F 102 -5.41 39.96 3.70
CA ARG F 102 -6.56 39.14 4.03
C ARG F 102 -6.53 37.75 3.38
N TYR F 103 -7.40 36.86 3.83
CA TYR F 103 -7.48 35.51 3.31
C TYR F 103 -8.83 35.29 2.66
N ALA F 104 -9.01 34.12 2.08
CA ALA F 104 -10.21 33.89 1.30
C ALA F 104 -11.42 33.95 2.21
N MET F 105 -11.31 33.33 3.38
CA MET F 105 -12.41 33.43 4.34
C MET F 105 -11.92 33.50 5.79
N GLU F 106 -12.82 33.86 6.69
CA GLU F 106 -12.53 33.82 8.11
C GLU F 106 -13.70 33.13 8.77
N ALA F 107 -13.42 32.06 9.49
CA ALA F 107 -14.43 31.46 10.34
C ALA F 107 -14.48 32.19 11.70
N HIS F 108 -15.69 32.45 12.15
CA HIS F 108 -15.92 33.08 13.44
C HIS F 108 -16.69 32.13 14.36
N LEU F 109 -16.01 31.60 15.39
CA LEU F 109 -16.72 30.81 16.46
C LEU F 109 -17.07 31.68 17.68
N VAL F 110 -18.33 32.11 17.73
CA VAL F 110 -18.80 33.03 18.74
C VAL F 110 -19.18 32.29 20.05
N HIS F 111 -18.44 32.59 21.11
CA HIS F 111 -18.70 32.02 22.44
C HIS F 111 -19.25 33.04 23.40
N LYS F 112 -20.07 32.55 24.32
CA LYS F 112 -20.37 33.30 25.54
C LYS F 112 -19.19 33.00 26.50
N ASN F 113 -18.70 34.07 27.14
CA ASN F 113 -17.62 33.94 28.11
C ASN F 113 -18.26 33.93 29.51
N LYS F 114 -18.28 32.75 30.15
CA LYS F 114 -18.83 32.61 31.51
C LYS F 114 -18.08 33.53 32.47
N SER F 115 -16.78 33.66 32.26
CA SER F 115 -15.89 34.38 33.17
C SER F 115 -15.84 35.91 33.02
N THR F 116 -16.70 36.51 32.19
CA THR F 116 -16.62 37.95 31.97
C THR F 116 -17.96 38.57 31.57
N GLY F 117 -18.87 37.72 31.12
CA GLY F 117 -20.21 38.15 30.71
C GLY F 117 -20.28 38.52 29.25
N ASN F 118 -19.12 38.80 28.67
CA ASN F 118 -19.07 39.31 27.33
C ASN F 118 -19.06 38.15 26.34
N LEU F 119 -18.81 38.44 25.07
CA LEU F 119 -18.62 37.41 24.05
C LEU F 119 -17.14 37.21 23.82
N ALA F 120 -16.74 35.99 23.50
CA ALA F 120 -15.38 35.75 23.03
C ALA F 120 -15.45 35.13 21.61
N VAL F 121 -14.75 35.72 20.65
CA VAL F 121 -14.89 35.25 19.27
C VAL F 121 -13.57 34.68 18.81
N LEU F 122 -13.64 33.43 18.38
CA LEU F 122 -12.44 32.81 17.84
C LEU F 122 -12.47 32.98 16.31
N GLY F 123 -11.37 33.50 15.78
CA GLY F 123 -11.23 33.76 14.36
C GLY F 123 -10.23 32.80 13.76
N ILE F 124 -10.71 32.04 12.77
CA ILE F 124 -9.79 31.18 12.01
C ILE F 124 -9.73 31.56 10.52
N MET F 125 -8.51 31.70 10.01
CA MET F 125 -8.27 31.97 8.62
C MET F 125 -8.47 30.71 7.74
N LEU F 126 -9.22 30.90 6.65
CA LEU F 126 -9.50 29.87 5.64
C LEU F 126 -8.84 30.21 4.30
N GLU F 127 -7.87 29.38 3.90
CA GLU F 127 -7.08 29.55 2.67
C GLU F 127 -7.51 28.60 1.59
N PRO F 128 -7.33 28.95 0.32
CA PRO F 128 -7.59 28.01 -0.77
C PRO F 128 -6.43 27.04 -0.93
N GLY F 129 -6.66 25.95 -1.67
CA GLY F 129 -5.67 24.88 -1.86
C GLY F 129 -6.06 23.56 -1.17
N GLY F 130 -7.22 23.55 -0.54
CA GLY F 130 -7.64 22.38 0.20
C GLY F 130 -7.91 21.16 -0.64
N LEU F 131 -7.46 20.02 -0.13
CA LEU F 131 -7.64 18.74 -0.82
C LEU F 131 -8.94 18.08 -0.36
N ILE F 132 -9.26 18.19 0.91
CA ILE F 132 -10.50 17.66 1.45
C ILE F 132 -11.44 18.82 1.70
N LYS F 133 -12.69 18.66 1.27
CA LYS F 133 -13.72 19.59 1.68
C LYS F 133 -13.71 19.69 3.22
N ASN F 134 -13.77 20.89 3.77
CA ASN F 134 -14.02 21.03 5.21
C ASN F 134 -15.47 20.65 5.52
N PRO F 135 -15.65 19.66 6.41
CA PRO F 135 -16.99 19.11 6.69
C PRO F 135 -17.97 20.06 7.30
N ALA F 136 -17.49 20.86 8.25
CA ALA F 136 -18.37 21.77 8.96
C ALA F 136 -18.86 22.81 7.99
N LEU F 137 -17.91 23.33 7.21
CA LEU F 137 -18.25 24.29 6.16
C LEU F 137 -19.20 23.64 5.14
N SER F 138 -18.86 22.42 4.73
CA SER F 138 -19.70 21.68 3.79
C SER F 138 -21.14 21.65 4.29
N THR F 139 -21.32 21.06 5.47
CA THR F 139 -22.65 20.86 6.02
C THR F 139 -23.35 22.19 6.16
N ALA F 140 -22.60 23.21 6.58
CA ALA F 140 -23.16 24.55 6.71
C ALA F 140 -23.78 25.03 5.38
N LEU F 141 -23.02 24.89 4.29
CA LEU F 141 -23.47 25.29 2.93
C LEU F 141 -24.65 24.44 2.38
N GLU F 142 -24.51 23.13 2.58
CA GLU F 142 -25.51 22.11 2.22
C GLU F 142 -26.87 22.40 2.86
N VAL F 143 -26.88 22.45 4.20
CA VAL F 143 -28.13 22.60 4.95
C VAL F 143 -28.75 23.99 4.76
N ALA F 144 -27.89 25.00 4.64
CA ALA F 144 -28.29 26.40 4.81
C ALA F 144 -29.50 26.79 3.98
N PRO F 145 -30.63 27.07 4.64
CA PRO F 145 -31.79 27.53 3.86
C PRO F 145 -31.45 28.72 3.01
N GLU F 146 -32.20 28.91 1.94
CA GLU F 146 -31.83 29.92 0.96
C GLU F 146 -32.77 31.12 0.99
N VAL F 147 -33.76 31.07 1.88
CA VAL F 147 -34.63 32.25 2.12
C VAL F 147 -34.11 33.05 3.32
N PRO F 148 -33.86 34.37 3.14
CA PRO F 148 -33.31 35.18 4.24
C PRO F 148 -34.18 35.13 5.49
N LEU F 149 -33.51 34.96 6.63
CA LEU F 149 -34.17 34.91 7.93
C LEU F 149 -35.04 33.67 8.04
N ALA F 150 -34.47 32.51 7.74
CA ALA F 150 -35.20 31.26 7.93
C ALA F 150 -34.23 30.21 8.45
N LYS F 151 -34.68 29.40 9.40
CA LYS F 151 -33.80 28.39 10.01
C LYS F 151 -34.05 27.04 9.36
N LYS F 152 -33.21 26.06 9.70
CA LYS F 152 -33.50 24.66 9.37
C LYS F 152 -32.61 23.77 10.23
N PRO F 153 -33.17 22.70 10.80
CA PRO F 153 -32.30 21.79 11.56
C PRO F 153 -31.34 21.01 10.69
N SER F 154 -30.26 20.51 11.27
CA SER F 154 -29.28 19.70 10.55
C SER F 154 -29.39 18.23 10.91
N PRO F 155 -29.78 17.40 9.92
CA PRO F 155 -29.77 15.94 10.10
C PRO F 155 -28.36 15.34 10.11
N LYS F 156 -27.35 16.19 9.99
CA LYS F 156 -25.98 15.77 10.22
C LYS F 156 -25.41 16.46 11.45
N GLY F 157 -24.24 16.00 11.88
CA GLY F 157 -23.54 16.60 12.99
C GLY F 157 -22.41 17.45 12.47
N ILE F 158 -22.32 18.67 12.99
CA ILE F 158 -21.34 19.67 12.53
C ILE F 158 -20.24 19.91 13.56
N ASN F 159 -19.19 19.10 13.53
CA ASN F 159 -18.14 19.23 14.54
C ASN F 159 -17.29 20.52 14.46
N PRO F 160 -17.56 21.50 15.36
CA PRO F 160 -16.89 22.80 15.21
C PRO F 160 -15.38 22.69 15.27
N VAL F 161 -14.87 21.65 15.90
CA VAL F 161 -13.43 21.51 16.02
C VAL F 161 -12.76 21.48 14.65
N MET F 162 -13.56 21.12 13.63
CA MET F 162 -13.07 21.00 12.26
C MET F 162 -12.68 22.34 11.67
N LEU F 163 -13.18 23.43 12.27
CA LEU F 163 -12.77 24.76 11.85
C LEU F 163 -11.42 25.25 12.45
N LEU F 164 -10.73 24.43 13.24
CA LEU F 164 -9.58 24.89 14.00
C LEU F 164 -8.31 24.40 13.37
N PRO F 165 -7.22 25.18 13.44
CA PRO F 165 -5.94 24.75 12.87
C PRO F 165 -5.40 23.51 13.53
N LYS F 166 -4.58 22.75 12.81
CA LYS F 166 -3.96 21.60 13.43
C LYS F 166 -2.96 22.13 14.42
N LYS F 167 -2.84 21.45 15.57
CA LYS F 167 -1.83 21.77 16.55
C LYS F 167 -0.45 21.85 15.89
N SER F 168 0.38 22.73 16.43
CA SER F 168 1.75 22.93 15.99
C SER F 168 2.55 21.65 16.22
N LYS F 169 3.79 21.64 15.73
CA LYS F 169 4.73 20.57 16.04
C LYS F 169 5.20 20.75 17.50
N ALA F 170 5.01 21.94 18.03
CA ALA F 170 5.28 22.21 19.43
C ALA F 170 4.03 21.94 20.29
N GLY F 171 2.97 21.39 19.70
CA GLY F 171 1.72 21.10 20.39
C GLY F 171 0.78 22.29 20.59
N THR F 172 1.27 23.47 20.25
CA THR F 172 0.54 24.74 20.43
C THR F 172 -0.38 25.03 19.25
N ARG F 173 -1.36 25.90 19.45
CA ARG F 173 -2.06 26.57 18.35
C ARG F 173 -1.89 28.05 18.59
N PRO F 174 -0.84 28.65 18.01
CA PRO F 174 -0.58 30.10 18.20
C PRO F 174 -1.77 31.00 17.85
N PHE F 175 -1.95 32.06 18.62
CA PHE F 175 -3.03 32.98 18.30
C PHE F 175 -2.67 34.36 18.81
N VAL F 176 -3.56 35.32 18.58
CA VAL F 176 -3.42 36.62 19.24
C VAL F 176 -4.71 36.92 19.90
N HIS F 177 -4.59 37.62 21.02
CA HIS F 177 -5.76 38.06 21.76
C HIS F 177 -5.77 39.56 21.82
N TYR F 178 -6.96 40.13 21.65
CA TYR F 178 -7.05 41.57 21.78
C TYR F 178 -8.50 41.89 22.04
N PRO F 179 -8.75 42.99 22.75
CA PRO F 179 -10.12 43.35 23.05
C PRO F 179 -10.71 44.17 21.95
N GLY F 180 -11.91 43.86 21.52
CA GLY F 180 -12.50 44.61 20.44
C GLY F 180 -13.99 44.44 20.37
N SER F 181 -14.53 44.64 19.18
CA SER F 181 -15.97 44.74 19.03
C SER F 181 -16.48 43.57 18.20
N LEU F 182 -17.80 43.41 18.16
CA LEU F 182 -18.47 42.72 17.10
C LEU F 182 -18.20 43.45 15.80
N THR F 183 -18.07 42.72 14.69
CA THR F 183 -17.79 43.36 13.40
C THR F 183 -19.05 43.76 12.62
N THR F 184 -20.23 43.31 13.03
CA THR F 184 -21.48 43.79 12.43
C THR F 184 -22.27 44.63 13.45
N PRO F 185 -23.06 45.63 12.98
CA PRO F 185 -23.77 46.52 13.92
C PRO F 185 -24.59 45.70 14.91
N PRO F 186 -24.65 46.14 16.18
CA PRO F 186 -24.30 47.46 16.71
C PRO F 186 -22.82 47.67 17.04
N CYS F 187 -22.00 46.65 16.83
CA CYS F 187 -20.55 46.76 16.99
C CYS F 187 -20.17 46.94 18.43
N SER F 188 -21.02 46.37 19.29
CA SER F 188 -20.84 46.43 20.73
C SER F 188 -19.40 46.11 21.10
N GLU F 189 -18.81 46.91 21.96
CA GLU F 189 -17.46 46.61 22.36
C GLU F 189 -17.50 45.60 23.49
N GLY F 190 -16.33 45.30 24.07
CA GLY F 190 -16.26 44.33 25.12
C GLY F 190 -16.10 42.89 24.68
N VAL F 191 -15.86 42.68 23.39
CA VAL F 191 -15.65 41.33 22.89
C VAL F 191 -14.18 40.92 22.95
N ASP F 192 -13.89 39.77 23.56
CA ASP F 192 -12.54 39.23 23.53
C ASP F 192 -12.30 38.48 22.21
N TRP F 193 -11.35 38.98 21.40
CA TRP F 193 -10.98 38.36 20.15
C TRP F 193 -9.74 37.52 20.33
N PHE F 194 -9.86 36.29 19.86
CA PHE F 194 -8.74 35.37 19.72
C PHE F 194 -8.62 34.98 18.24
N VAL F 195 -7.49 35.23 17.61
CA VAL F 195 -7.35 34.97 16.19
C VAL F 195 -6.16 34.08 15.97
N PHE F 196 -6.43 32.90 15.41
CA PHE F 196 -5.42 31.87 15.30
C PHE F 196 -4.56 32.23 14.15
N MET F 197 -3.29 31.91 14.25
CA MET F 197 -2.29 32.35 13.27
C MET F 197 -2.09 31.39 12.11
N GLN F 198 -2.35 30.12 12.38
CA GLN F 198 -2.24 29.05 11.40
C GLN F 198 -3.56 28.96 10.62
N PRO F 199 -3.53 29.22 9.30
CA PRO F 199 -4.80 29.12 8.56
C PRO F 199 -5.09 27.69 8.21
N ILE F 200 -6.36 27.34 8.02
CA ILE F 200 -6.71 26.00 7.52
C ILE F 200 -7.02 26.05 6.03
N LYS F 201 -6.63 25.00 5.31
CA LYS F 201 -6.80 24.98 3.86
C LYS F 201 -8.13 24.35 3.47
N VAL F 202 -8.80 25.00 2.53
CA VAL F 202 -10.12 24.59 2.10
C VAL F 202 -10.07 24.50 0.57
N PRO F 203 -10.88 23.62 -0.03
CA PRO F 203 -10.95 23.62 -1.48
C PRO F 203 -11.63 24.88 -1.99
N ASP F 204 -11.12 25.33 -3.14
CA ASP F 204 -11.56 26.57 -3.77
C ASP F 204 -13.04 26.50 -4.09
N SER F 205 -13.55 25.27 -4.22
CA SER F 205 -14.96 25.06 -4.47
C SER F 205 -15.75 25.66 -3.34
N GLN F 206 -15.34 25.42 -2.09
CA GLN F 206 -16.12 25.90 -0.97
C GLN F 206 -16.02 27.41 -0.74
N ILE F 207 -14.84 27.97 -0.97
CA ILE F 207 -14.74 29.41 -0.93
C ILE F 207 -15.71 30.02 -1.96
N LEU F 208 -15.71 29.51 -3.20
CA LEU F 208 -16.68 30.02 -4.16
C LEU F 208 -18.13 29.70 -3.78
N ASP F 209 -18.40 28.50 -3.26
CA ASP F 209 -19.76 28.16 -2.82
C ASP F 209 -20.24 29.17 -1.77
N PHE F 210 -19.33 29.52 -0.83
CA PHE F 210 -19.64 30.48 0.21
C PHE F 210 -19.93 31.85 -0.39
N MET F 211 -19.03 32.29 -1.29
CA MET F 211 -19.25 33.59 -1.93
C MET F 211 -20.54 33.55 -2.72
N ARG F 212 -20.86 32.40 -3.29
CA ARG F 212 -22.11 32.26 -4.01
C ARG F 212 -23.32 32.45 -3.11
N PHE F 213 -23.30 31.81 -1.95
CA PHE F 213 -24.30 32.04 -0.90
C PHE F 213 -24.38 33.51 -0.48
N VAL F 214 -23.26 34.13 -0.13
CA VAL F 214 -23.27 35.55 0.25
C VAL F 214 -23.94 36.40 -0.84
N GLY F 215 -23.74 35.99 -2.08
CA GLY F 215 -24.30 36.69 -3.22
C GLY F 215 -25.71 36.22 -3.54
N ASP F 216 -26.45 35.75 -2.54
CA ASP F 216 -27.87 35.43 -2.73
C ASP F 216 -28.10 34.35 -3.79
N ASN F 217 -27.10 33.51 -4.05
CA ASN F 217 -27.19 32.53 -5.15
C ASN F 217 -27.52 33.13 -6.54
N LYS F 218 -27.04 34.35 -6.77
CA LYS F 218 -27.28 35.05 -8.02
C LYS F 218 -26.05 35.89 -8.42
N THR F 219 -24.95 35.73 -7.70
CA THR F 219 -23.73 36.50 -7.97
C THR F 219 -22.74 36.03 -6.92
N TYR F 220 -21.60 36.69 -6.82
CA TYR F 220 -20.59 36.35 -5.82
C TYR F 220 -20.28 37.63 -5.10
N ALA F 221 -20.27 37.57 -3.78
CA ALA F 221 -20.23 38.78 -3.02
C ALA F 221 -19.41 38.57 -1.75
N THR F 222 -19.09 39.68 -1.12
CA THR F 222 -18.26 39.71 0.03
C THR F 222 -19.18 40.17 1.15
N ASN F 223 -18.78 39.89 2.40
CA ASN F 223 -19.49 40.31 3.61
C ASN F 223 -18.44 40.61 4.68
N THR F 224 -17.54 41.53 4.36
CA THR F 224 -16.45 41.86 5.27
C THR F 224 -16.54 43.34 5.67
N ARG F 225 -15.91 43.68 6.77
CA ARG F 225 -15.86 45.06 7.20
C ARG F 225 -14.41 45.52 7.08
N PRO F 226 -14.24 46.80 6.83
CA PRO F 226 -12.88 47.35 6.74
C PRO F 226 -12.12 47.26 8.06
N LEU F 227 -10.79 47.21 7.96
CA LEU F 227 -9.93 47.21 9.14
C LEU F 227 -10.12 48.48 10.01
N GLN F 228 -10.07 48.32 11.35
CA GLN F 228 -10.30 49.43 12.28
C GLN F 228 -8.99 49.85 12.97
N LEU F 229 -8.91 51.10 13.41
CA LEU F 229 -7.70 51.58 14.07
C LEU F 229 -7.47 50.85 15.39
N LEU F 230 -6.23 50.43 15.63
CA LEU F 230 -5.89 49.79 16.90
C LEU F 230 -6.15 50.76 18.03
N ASN F 231 -5.80 52.03 17.85
CA ASN F 231 -5.92 53.05 18.88
C ASN F 231 -5.13 52.66 20.14
N SER F 232 -5.68 52.90 21.33
CA SER F 232 -4.92 52.69 22.57
C SER F 232 -4.59 51.23 22.88
N ARG F 233 -5.26 50.31 22.17
CA ARG F 233 -5.08 48.90 22.41
C ARG F 233 -3.69 48.41 22.07
N LEU F 234 -3.36 47.27 22.65
CA LEU F 234 -2.17 46.52 22.26
C LEU F 234 -2.65 45.11 21.96
N VAL F 235 -1.86 44.43 21.14
CA VAL F 235 -2.18 43.08 20.73
C VAL F 235 -1.29 42.14 21.53
N GLU F 236 -1.92 41.13 22.11
CA GLU F 236 -1.21 40.13 22.88
C GLU F 236 -0.98 38.92 21.99
N TYR F 237 0.20 38.35 22.10
CA TYR F 237 0.59 37.25 21.24
C TYR F 237 0.80 36.00 22.07
N GLU F 238 -0.04 34.99 21.84
CA GLU F 238 0.21 33.67 22.39
C GLU F 238 0.96 32.86 21.33
N LEU F 239 2.01 33.44 20.78
CA LEU F 239 2.84 32.71 19.81
C LEU F 239 3.70 31.69 20.56
N ALA G 2 -18.58 -7.14 -5.60
CA ALA G 2 -18.59 -6.96 -4.13
C ALA G 2 -18.33 -8.28 -3.34
N ALA G 3 -18.16 -8.18 -2.02
CA ALA G 3 -17.90 -9.36 -1.17
C ALA G 3 -19.20 -10.02 -0.75
N TRP G 4 -19.16 -11.34 -0.65
CA TRP G 4 -20.35 -12.12 -0.34
C TRP G 4 -19.93 -13.48 0.15
N ASN G 5 -20.82 -14.10 0.87
CA ASN G 5 -20.58 -15.38 1.50
C ASN G 5 -21.87 -16.09 1.72
N TYR G 6 -21.79 -17.30 2.21
CA TYR G 6 -22.95 -17.98 2.72
C TYR G 6 -23.23 -17.72 4.21
N GLY G 7 -22.17 -17.71 4.96
CA GLY G 7 -22.27 -17.44 6.37
C GLY G 7 -22.64 -18.61 7.20
N GLU G 8 -23.14 -18.31 8.38
CA GLU G 8 -23.51 -19.34 9.29
C GLU G 8 -24.93 -19.09 9.44
N VAL G 9 -25.62 -19.93 10.17
CA VAL G 9 -27.00 -19.73 10.38
C VAL G 9 -27.29 -18.42 11.01
N ALA G 10 -28.46 -17.91 10.73
CA ALA G 10 -28.80 -16.58 11.10
C ALA G 10 -29.49 -16.42 12.45
N GLY G 11 -29.87 -17.52 13.07
CA GLY G 11 -30.66 -17.43 14.28
C GLY G 11 -29.87 -17.11 15.54
N PRO G 12 -28.87 -17.92 15.86
CA PRO G 12 -28.07 -17.72 17.08
C PRO G 12 -27.64 -16.26 17.39
N PRO G 13 -27.05 -15.53 16.43
CA PRO G 13 -26.59 -14.18 16.81
C PRO G 13 -27.71 -13.23 17.24
N THR G 14 -28.96 -13.66 17.11
CA THR G 14 -30.12 -12.86 17.48
C THR G 14 -30.90 -13.44 18.68
N TRP G 15 -30.44 -14.58 19.23
CA TRP G 15 -31.04 -15.10 20.46
C TRP G 15 -30.88 -14.00 21.50
N LYS G 16 -31.89 -13.86 22.36
CA LYS G 16 -31.91 -12.77 23.31
C LYS G 16 -31.75 -13.28 24.74
N GLY G 17 -31.73 -12.35 25.67
CA GLY G 17 -31.55 -12.67 27.07
C GLY G 17 -30.11 -13.03 27.31
N VAL G 18 -29.91 -14.00 28.20
CA VAL G 18 -28.58 -14.38 28.65
C VAL G 18 -27.73 -14.84 27.47
N CYS G 19 -28.40 -15.41 26.47
CA CYS G 19 -27.69 -15.81 25.26
C CYS G 19 -26.77 -14.72 24.81
N ALA G 20 -27.22 -13.49 24.96
CA ALA G 20 -26.47 -12.33 24.51
C ALA G 20 -25.61 -11.69 25.59
N THR G 21 -26.14 -11.60 26.81
CA THR G 21 -25.47 -10.84 27.84
C THR G 21 -24.53 -11.64 28.73
N GLY G 22 -24.83 -12.92 28.96
CA GLY G 22 -24.08 -13.70 29.93
C GLY G 22 -22.60 -13.80 29.61
N LYS G 23 -21.75 -13.97 30.63
CA LYS G 23 -20.30 -14.09 30.41
C LYS G 23 -19.75 -15.51 30.68
N ARG G 24 -20.64 -16.47 30.83
CA ARG G 24 -20.28 -17.85 31.05
C ARG G 24 -21.05 -18.71 30.03
N GLN G 25 -21.04 -18.31 28.77
CA GLN G 25 -21.79 -19.03 27.72
C GLN G 25 -21.05 -20.25 27.15
N SER G 26 -21.81 -21.25 26.69
CA SER G 26 -21.22 -22.36 25.93
C SER G 26 -21.71 -22.30 24.49
N PRO G 27 -21.01 -22.95 23.54
CA PRO G 27 -19.76 -23.69 23.73
C PRO G 27 -18.55 -22.77 23.62
N ILE G 28 -17.37 -23.36 23.76
CA ILE G 28 -16.14 -22.59 23.74
C ILE G 28 -15.11 -23.39 22.99
N ASN G 29 -14.03 -22.74 22.58
CA ASN G 29 -12.90 -23.49 22.09
C ASN G 29 -12.13 -24.04 23.27
N ILE G 30 -11.74 -25.29 23.17
CA ILE G 30 -10.95 -25.95 24.19
C ILE G 30 -9.50 -26.13 23.71
N PRO G 31 -8.59 -25.23 24.13
CA PRO G 31 -7.18 -25.44 23.75
C PRO G 31 -6.65 -26.75 24.25
N LEU G 32 -5.79 -27.43 23.51
CA LEU G 32 -5.05 -28.51 24.10
C LEU G 32 -3.59 -28.46 23.66
N ASN G 33 -3.36 -28.25 22.37
CA ASN G 33 -1.99 -28.04 21.88
C ASN G 33 -1.67 -26.58 22.09
N THR G 34 -1.63 -26.21 23.36
CA THR G 34 -1.29 -24.85 23.77
C THR G 34 -0.09 -24.92 24.71
N SER G 35 0.81 -23.95 24.55
CA SER G 35 1.92 -23.78 25.46
C SER G 35 1.35 -23.60 26.84
N ALA G 36 0.44 -22.62 26.94
CA ALA G 36 -0.16 -22.18 28.20
C ALA G 36 -0.32 -23.32 29.24
N PRO G 37 -0.05 -23.03 30.53
CA PRO G 37 -0.23 -24.07 31.57
C PRO G 37 -1.70 -24.32 31.85
N LYS G 38 -2.01 -25.51 32.35
CA LYS G 38 -3.38 -25.98 32.46
C LYS G 38 -3.72 -26.34 33.90
N VAL G 39 -4.89 -25.90 34.36
CA VAL G 39 -5.32 -26.17 35.72
C VAL G 39 -5.86 -27.59 35.82
N ASP G 40 -5.28 -28.43 36.65
CA ASP G 40 -5.77 -29.80 36.74
C ASP G 40 -7.11 -29.87 37.49
N ALA G 41 -8.02 -30.69 36.96
CA ALA G 41 -9.37 -30.75 37.50
C ALA G 41 -9.40 -31.44 38.85
N GLU G 42 -8.44 -32.34 39.09
CA GLU G 42 -8.29 -33.11 40.35
C GLU G 42 -9.63 -33.53 40.88
N MET G 43 -10.31 -34.33 40.09
CA MET G 43 -11.70 -34.64 40.27
C MET G 43 -11.90 -36.14 40.10
N GLY G 44 -10.83 -36.83 39.73
CA GLY G 44 -10.88 -38.26 39.49
C GLY G 44 -11.50 -38.61 38.14
N GLU G 45 -11.99 -39.84 38.03
CA GLU G 45 -12.63 -40.30 36.81
C GLU G 45 -14.11 -40.57 36.95
N PHE G 46 -14.80 -40.51 35.83
CA PHE G 46 -16.23 -40.77 35.81
C PHE G 46 -16.46 -42.24 36.03
N ASP G 47 -17.50 -42.54 36.80
CA ASP G 47 -18.07 -43.87 36.84
C ASP G 47 -19.53 -43.81 36.40
N PHE G 48 -19.98 -44.83 35.68
CA PHE G 48 -21.31 -44.82 35.13
C PHE G 48 -22.16 -45.97 35.62
N ALA G 49 -23.36 -45.62 36.04
CA ALA G 49 -24.38 -46.56 36.50
C ALA G 49 -25.68 -46.28 35.77
N TYR G 50 -25.65 -46.42 34.44
CA TYR G 50 -26.83 -46.24 33.62
C TYR G 50 -27.55 -47.58 33.51
N GLY G 51 -28.71 -47.69 34.17
CA GLY G 51 -29.42 -48.96 34.28
C GLY G 51 -30.83 -48.96 33.73
N SER G 52 -31.61 -47.96 34.15
CA SER G 52 -33.01 -47.79 33.73
C SER G 52 -33.12 -47.27 32.32
N PHE G 53 -32.43 -47.90 31.38
CA PHE G 53 -32.44 -47.40 30.02
C PHE G 53 -33.43 -48.11 29.09
N GLU G 54 -34.06 -49.16 29.58
CA GLU G 54 -35.17 -49.72 28.85
C GLU G 54 -36.35 -48.78 28.96
N LYS G 55 -37.23 -48.81 27.96
CA LYS G 55 -38.46 -48.03 27.98
C LYS G 55 -38.16 -46.57 28.22
N CYS G 56 -37.73 -45.89 27.17
CA CYS G 56 -37.45 -44.48 27.22
C CYS G 56 -38.06 -43.82 25.99
N ASP G 57 -38.34 -42.53 26.09
CA ASP G 57 -39.01 -41.81 25.03
C ASP G 57 -38.02 -41.15 24.09
N VAL G 58 -38.39 -41.07 22.81
CA VAL G 58 -37.64 -40.30 21.81
C VAL G 58 -38.53 -39.16 21.33
N LEU G 59 -38.03 -37.94 21.46
CA LEU G 59 -38.83 -36.75 21.20
C LEU G 59 -38.20 -35.88 20.09
N ASN G 60 -39.04 -35.38 19.17
CA ASN G 60 -38.60 -34.47 18.13
C ASN G 60 -38.86 -33.03 18.53
N THR G 61 -37.81 -32.27 18.73
CA THR G 61 -37.92 -31.01 19.45
C THR G 61 -38.33 -29.82 18.60
N GLY G 62 -38.32 -30.02 17.28
CA GLY G 62 -38.58 -28.95 16.33
C GLY G 62 -37.46 -27.91 16.30
N HIS G 63 -36.27 -28.35 16.72
CA HIS G 63 -35.10 -27.49 16.74
C HIS G 63 -33.92 -28.28 16.24
N GLY G 64 -34.22 -29.38 15.59
CA GLY G 64 -33.19 -30.01 14.81
C GLY G 64 -32.97 -31.37 15.36
N THR G 65 -32.48 -31.46 16.58
CA THR G 65 -32.07 -32.77 17.05
C THR G 65 -33.29 -33.56 17.52
N MET G 66 -33.12 -34.88 17.67
CA MET G 66 -34.03 -35.64 18.52
C MET G 66 -33.45 -35.69 19.94
N GLN G 67 -34.30 -36.03 20.89
CA GLN G 67 -33.98 -36.02 22.33
C GLN G 67 -34.47 -37.32 22.95
N VAL G 68 -33.55 -38.16 23.41
CA VAL G 68 -33.94 -39.39 24.08
C VAL G 68 -34.11 -39.12 25.58
N ASN G 69 -35.35 -39.01 26.05
CA ASN G 69 -35.63 -38.78 27.47
C ASN G 69 -35.50 -40.05 28.27
N PHE G 70 -34.90 -39.97 29.45
CA PHE G 70 -34.81 -41.17 30.29
C PHE G 70 -35.72 -41.08 31.49
N PRO G 71 -36.05 -42.24 32.08
CA PRO G 71 -36.66 -42.27 33.41
C PRO G 71 -35.61 -41.97 34.48
N ALA G 72 -36.06 -41.72 35.71
CA ALA G 72 -35.12 -41.51 36.81
C ALA G 72 -34.29 -42.79 37.04
N GLY G 73 -33.10 -42.68 37.62
CA GLY G 73 -32.37 -43.87 38.05
C GLY G 73 -31.08 -44.19 37.33
N ASN G 74 -30.79 -43.50 36.25
CA ASN G 74 -29.49 -43.63 35.64
C ASN G 74 -28.56 -42.60 36.24
N LEU G 75 -27.47 -43.07 36.82
CA LEU G 75 -26.60 -42.19 37.57
C LEU G 75 -25.21 -42.23 36.99
N ALA G 76 -24.54 -41.08 37.05
CA ALA G 76 -23.11 -40.99 36.80
C ALA G 76 -22.46 -40.33 38.01
N PHE G 77 -21.25 -40.75 38.35
CA PHE G 77 -20.51 -40.19 39.49
C PHE G 77 -19.17 -39.67 39.08
N ILE G 78 -18.91 -38.43 39.45
CA ILE G 78 -17.60 -37.83 39.20
C ILE G 78 -17.40 -36.87 40.34
N GLY G 79 -16.15 -36.81 40.82
CA GLY G 79 -15.87 -36.06 42.04
C GLY G 79 -16.68 -36.68 43.15
N ASN G 80 -17.17 -35.86 44.05
CA ASN G 80 -18.02 -36.40 45.10
C ASN G 80 -19.48 -36.33 44.64
N MET G 81 -19.67 -36.16 43.34
CA MET G 81 -20.96 -35.70 42.82
C MET G 81 -21.80 -36.76 42.11
N GLU G 82 -23.12 -36.64 42.27
CA GLU G 82 -24.11 -37.55 41.66
C GLU G 82 -24.88 -36.85 40.53
N LEU G 83 -24.74 -37.36 39.31
CA LEU G 83 -25.37 -36.76 38.13
C LEU G 83 -26.47 -37.68 37.65
N GLU G 84 -27.70 -37.20 37.64
CA GLU G 84 -28.82 -38.01 37.18
C GLU G 84 -29.22 -37.73 35.73
N LEU G 85 -29.08 -38.74 34.89
CA LEU G 85 -29.36 -38.59 33.48
C LEU G 85 -30.83 -38.31 33.15
N LEU G 86 -31.08 -37.18 32.50
CA LEU G 86 -32.42 -36.75 32.12
C LEU G 86 -32.71 -37.11 30.67
N GLN G 87 -31.72 -36.87 29.83
CA GLN G 87 -31.82 -37.10 28.39
C GLN G 87 -30.47 -36.96 27.66
N PHE G 88 -30.43 -37.47 26.41
CA PHE G 88 -29.37 -37.05 25.46
C PHE G 88 -29.90 -36.58 24.11
N HIS G 89 -29.07 -35.83 23.39
CA HIS G 89 -29.37 -35.41 22.03
C HIS G 89 -28.05 -35.12 21.38
N PHE G 90 -28.09 -34.68 20.13
CA PHE G 90 -26.87 -34.39 19.39
C PHE G 90 -26.89 -33.06 18.65
N HIS G 91 -25.71 -32.68 18.14
CA HIS G 91 -25.52 -31.53 17.27
C HIS G 91 -24.56 -31.90 16.13
N ALA G 92 -24.78 -31.32 14.97
CA ALA G 92 -23.85 -31.46 13.88
C ALA G 92 -23.70 -30.07 13.30
N PRO G 93 -22.45 -29.62 13.10
CA PRO G 93 -21.21 -30.24 13.53
C PRO G 93 -21.11 -30.15 15.06
N SER G 94 -19.96 -30.46 15.65
CA SER G 94 -19.87 -30.42 17.11
C SER G 94 -20.00 -28.98 17.53
N GLU G 95 -20.44 -28.79 18.76
CA GLU G 95 -20.63 -27.47 19.30
C GLU G 95 -19.31 -26.99 19.88
N HIS G 96 -18.69 -27.77 20.75
CA HIS G 96 -17.36 -27.42 21.23
C HIS G 96 -16.33 -27.66 20.16
N ALA G 97 -15.22 -26.95 20.22
CA ALA G 97 -14.12 -27.18 19.27
C ALA G 97 -12.86 -27.43 20.06
N MET G 98 -11.91 -28.11 19.42
CA MET G 98 -10.64 -28.41 20.08
C MET G 98 -9.53 -27.87 19.22
N ASP G 99 -8.85 -26.82 19.70
CA ASP G 99 -7.96 -25.97 18.87
C ASP G 99 -8.66 -25.54 17.58
N GLY G 100 -9.84 -24.97 17.74
CA GLY G 100 -10.58 -24.42 16.62
C GLY G 100 -11.13 -25.44 15.65
N ARG G 101 -10.97 -26.73 15.95
CA ARG G 101 -11.54 -27.81 15.12
C ARG G 101 -12.84 -28.40 15.68
N ARG G 102 -13.93 -28.22 14.95
CA ARG G 102 -15.17 -28.93 15.24
C ARG G 102 -15.17 -30.33 14.63
N TYR G 103 -15.87 -31.25 15.28
CA TYR G 103 -15.99 -32.62 14.80
C TYR G 103 -17.32 -32.77 14.10
N ALA G 104 -17.60 -33.94 13.54
CA ALA G 104 -18.82 -34.12 12.77
C ALA G 104 -20.09 -34.05 13.61
N MET G 105 -20.08 -34.74 14.73
CA MET G 105 -21.19 -34.56 15.65
C MET G 105 -20.70 -34.42 17.10
N GLU G 106 -21.55 -33.91 17.97
CA GLU G 106 -21.24 -33.90 19.39
C GLU G 106 -22.46 -34.43 20.08
N ALA G 107 -22.29 -35.44 20.92
CA ALA G 107 -23.39 -35.95 21.73
C ALA G 107 -23.41 -35.22 23.07
N HIS G 108 -24.59 -34.86 23.51
CA HIS G 108 -24.77 -34.23 24.81
C HIS G 108 -25.62 -35.10 25.72
N LEU G 109 -25.02 -35.63 26.77
CA LEU G 109 -25.80 -36.35 27.79
C LEU G 109 -26.12 -35.37 28.89
N VAL G 110 -27.40 -35.01 29.04
CA VAL G 110 -27.79 -33.97 30.01
C VAL G 110 -28.25 -34.55 31.34
N HIS G 111 -27.58 -34.16 32.43
CA HIS G 111 -27.90 -34.64 33.78
C HIS G 111 -28.39 -33.53 34.70
N LYS G 112 -29.13 -33.89 35.75
CA LYS G 112 -29.29 -32.96 36.88
C LYS G 112 -28.18 -33.28 37.87
N ASN G 113 -27.42 -32.26 38.31
CA ASN G 113 -26.39 -32.44 39.33
C ASN G 113 -27.05 -32.39 40.72
N LYS G 114 -27.26 -33.56 41.30
CA LYS G 114 -27.98 -33.72 42.56
C LYS G 114 -27.27 -32.95 43.67
N SER G 115 -25.97 -32.74 43.46
CA SER G 115 -25.08 -32.17 44.45
C SER G 115 -25.02 -30.65 44.48
N THR G 116 -25.45 -30.02 43.41
CA THR G 116 -25.39 -28.57 43.34
C THR G 116 -26.73 -28.03 42.88
N GLY G 117 -27.57 -28.89 42.35
CA GLY G 117 -28.87 -28.46 41.87
C GLY G 117 -28.72 -27.76 40.54
N ASN G 118 -27.52 -27.83 39.96
CA ASN G 118 -27.30 -27.36 38.59
C ASN G 118 -27.62 -28.47 37.57
N LEU G 119 -27.51 -28.16 36.28
CA LEU G 119 -27.50 -29.20 35.28
C LEU G 119 -26.06 -29.53 35.09
N ALA G 120 -25.75 -30.72 34.61
CA ALA G 120 -24.39 -31.02 34.17
C ALA G 120 -24.48 -31.69 32.83
N VAL G 121 -23.65 -31.32 31.87
CA VAL G 121 -23.72 -31.92 30.52
C VAL G 121 -22.43 -32.59 30.14
N LEU G 122 -22.52 -33.88 29.82
CA LEU G 122 -21.36 -34.59 29.30
C LEU G 122 -21.40 -34.48 27.75
N GLY G 123 -20.23 -34.33 27.14
CA GLY G 123 -20.15 -33.96 25.74
C GLY G 123 -19.13 -34.80 25.02
N ILE G 124 -19.60 -35.60 24.08
CA ILE G 124 -18.72 -36.52 23.37
C ILE G 124 -18.64 -36.14 21.90
N MET G 125 -17.42 -36.05 21.37
CA MET G 125 -17.25 -35.85 19.92
C MET G 125 -17.44 -37.15 19.11
N LEU G 126 -18.16 -37.02 18.00
CA LEU G 126 -18.34 -38.11 17.05
C LEU G 126 -17.59 -37.78 15.78
N GLU G 127 -16.65 -38.64 15.45
CA GLU G 127 -15.94 -38.60 14.19
C GLU G 127 -16.52 -39.57 13.15
N PRO G 128 -16.30 -39.31 11.85
CA PRO G 128 -16.67 -40.33 10.86
C PRO G 128 -15.58 -41.40 10.74
N GLY G 129 -15.85 -42.53 10.10
CA GLY G 129 -14.83 -43.56 9.87
C GLY G 129 -14.94 -44.78 10.78
N GLY G 130 -16.12 -44.97 11.33
CA GLY G 130 -16.36 -46.06 12.23
C GLY G 130 -16.92 -47.21 11.47
N LEU G 131 -16.59 -48.42 11.90
CA LEU G 131 -17.10 -49.62 11.26
C LEU G 131 -18.45 -50.15 11.81
N ILE G 132 -18.85 -49.74 13.01
CA ILE G 132 -20.10 -50.21 13.60
C ILE G 132 -21.06 -49.05 13.85
N LYS G 133 -22.31 -49.21 13.40
CA LYS G 133 -23.33 -48.21 13.68
C LYS G 133 -23.31 -48.04 15.19
N ASN G 134 -23.28 -46.82 15.71
CA ASN G 134 -23.51 -46.65 17.15
C ASN G 134 -24.99 -46.94 17.52
N PRO G 135 -25.23 -47.91 18.42
CA PRO G 135 -26.60 -48.37 18.73
C PRO G 135 -27.52 -47.31 19.32
N ALA G 136 -26.97 -46.40 20.12
CA ALA G 136 -27.79 -45.40 20.78
C ALA G 136 -28.24 -44.40 19.73
N LEU G 137 -27.25 -43.87 19.01
CA LEU G 137 -27.52 -42.98 17.88
C LEU G 137 -28.43 -43.68 16.84
N SER G 138 -28.14 -44.96 16.55
CA SER G 138 -28.98 -45.74 15.61
C SER G 138 -30.45 -45.81 16.00
N THR G 139 -30.74 -46.32 17.19
CA THR G 139 -32.11 -46.37 17.67
C THR G 139 -32.73 -44.98 17.76
N ALA G 140 -31.92 -44.01 18.16
CA ALA G 140 -32.38 -42.64 18.22
C ALA G 140 -32.92 -42.20 16.84
N LEU G 141 -32.12 -42.46 15.80
CA LEU G 141 -32.51 -42.17 14.42
C LEU G 141 -33.74 -42.96 13.96
N GLU G 142 -33.73 -44.28 14.16
CA GLU G 142 -34.88 -45.16 13.80
C GLU G 142 -36.19 -44.74 14.44
N VAL G 143 -36.19 -44.59 15.76
CA VAL G 143 -37.43 -44.39 16.51
C VAL G 143 -37.92 -42.96 16.46
N ALA G 144 -37.01 -42.02 16.22
CA ALA G 144 -37.36 -40.61 16.30
C ALA G 144 -38.52 -40.30 15.36
N PRO G 145 -39.61 -39.76 15.92
CA PRO G 145 -40.71 -39.30 15.07
C PRO G 145 -40.30 -38.13 14.19
N GLU G 146 -40.75 -38.12 12.94
CA GLU G 146 -40.36 -37.10 11.97
C GLU G 146 -41.23 -35.86 12.06
N VAL G 147 -42.41 -35.99 12.65
CA VAL G 147 -43.30 -34.85 12.89
C VAL G 147 -42.78 -34.02 14.07
N PRO G 148 -42.59 -32.70 13.89
CA PRO G 148 -42.06 -31.91 15.02
C PRO G 148 -42.95 -31.92 16.24
N LEU G 149 -42.33 -31.79 17.40
CA LEU G 149 -42.97 -31.76 18.72
C LEU G 149 -43.51 -33.11 19.16
N ALA G 150 -43.52 -34.09 18.26
CA ALA G 150 -44.06 -35.43 18.56
C ALA G 150 -43.04 -36.33 19.24
N LYS G 151 -43.52 -37.14 20.20
CA LYS G 151 -42.66 -38.08 20.91
C LYS G 151 -43.20 -39.50 20.81
N LYS G 152 -42.28 -40.47 20.77
CA LYS G 152 -42.65 -41.87 20.67
C LYS G 152 -41.79 -42.74 21.59
N PRO G 153 -42.44 -43.60 22.39
CA PRO G 153 -41.72 -44.58 23.20
C PRO G 153 -40.83 -45.47 22.37
N SER G 154 -39.60 -45.67 22.83
CA SER G 154 -38.70 -46.59 22.16
C SER G 154 -39.00 -48.04 22.50
N PRO G 155 -39.16 -48.89 21.48
CA PRO G 155 -39.40 -50.32 21.68
C PRO G 155 -38.19 -51.03 22.28
N LYS G 156 -37.04 -50.86 21.64
CA LYS G 156 -35.79 -51.37 22.19
C LYS G 156 -35.25 -50.47 23.32
N GLY G 157 -34.35 -51.00 24.14
CA GLY G 157 -33.69 -50.21 25.16
C GLY G 157 -32.53 -49.45 24.56
N ILE G 158 -32.34 -48.20 25.00
CA ILE G 158 -31.30 -47.34 24.44
C ILE G 158 -30.20 -47.12 25.44
N ASN G 159 -29.12 -47.88 25.33
CA ASN G 159 -28.07 -47.81 26.33
C ASN G 159 -27.16 -46.60 26.22
N PRO G 160 -27.32 -45.62 27.12
CA PRO G 160 -26.65 -44.33 26.94
C PRO G 160 -25.16 -44.44 27.09
N VAL G 161 -24.71 -45.51 27.71
CA VAL G 161 -23.28 -45.70 27.93
C VAL G 161 -22.55 -45.77 26.61
N MET G 162 -23.25 -46.26 25.60
CA MET G 162 -22.72 -46.43 24.26
C MET G 162 -22.19 -45.14 23.64
N LEU G 163 -22.67 -44.01 24.15
CA LEU G 163 -22.20 -42.72 23.66
C LEU G 163 -20.90 -42.24 24.30
N LEU G 164 -20.34 -43.00 25.24
CA LEU G 164 -19.15 -42.57 25.96
C LEU G 164 -17.95 -43.18 25.30
N PRO G 165 -16.84 -42.44 25.19
CA PRO G 165 -15.63 -42.97 24.56
C PRO G 165 -15.07 -44.16 25.32
N LYS G 166 -14.20 -44.94 24.67
CA LYS G 166 -13.60 -46.08 25.35
C LYS G 166 -12.51 -45.60 26.27
N LYS G 167 -12.41 -46.23 27.45
CA LYS G 167 -11.33 -45.95 28.40
C LYS G 167 -9.97 -46.05 27.70
N SER G 168 -9.03 -45.25 28.15
CA SER G 168 -7.70 -45.21 27.56
C SER G 168 -6.91 -46.38 28.10
N LYS G 169 -5.65 -46.47 27.68
CA LYS G 169 -4.79 -47.57 28.09
C LYS G 169 -4.26 -47.39 29.52
N ALA G 170 -4.90 -46.49 30.25
CA ALA G 170 -4.63 -46.25 31.66
C ALA G 170 -5.94 -46.29 32.44
N GLY G 171 -7.00 -46.75 31.78
CA GLY G 171 -8.29 -46.96 32.42
C GLY G 171 -9.17 -45.73 32.49
N THR G 172 -8.68 -44.61 31.96
CA THR G 172 -9.37 -43.31 32.13
C THR G 172 -10.04 -42.79 30.84
N ARG G 173 -11.00 -41.88 31.00
CA ARG G 173 -11.53 -41.12 29.88
C ARG G 173 -11.20 -39.65 30.10
N PRO G 174 -10.09 -39.15 29.52
CA PRO G 174 -9.65 -37.77 29.74
C PRO G 174 -10.77 -36.77 29.45
N PHE G 175 -10.89 -35.70 30.21
CA PHE G 175 -11.93 -34.74 29.86
C PHE G 175 -11.56 -33.36 30.31
N VAL G 176 -12.31 -32.35 29.87
CA VAL G 176 -12.11 -31.04 30.41
C VAL G 176 -13.41 -30.61 31.01
N HIS G 177 -13.29 -29.81 32.06
CA HIS G 177 -14.44 -29.33 32.82
C HIS G 177 -14.48 -27.80 32.77
N TYR G 178 -15.69 -27.24 32.69
CA TYR G 178 -15.80 -25.79 32.75
C TYR G 178 -17.23 -25.38 32.97
N PRO G 179 -17.45 -24.29 33.72
CA PRO G 179 -18.81 -23.78 33.95
C PRO G 179 -19.31 -23.01 32.75
N GLY G 180 -20.50 -23.34 32.26
CA GLY G 180 -21.03 -22.72 31.07
C GLY G 180 -22.54 -22.67 31.09
N SER G 181 -23.15 -22.63 29.92
CA SER G 181 -24.58 -22.47 29.81
C SER G 181 -25.12 -23.55 28.91
N LEU G 182 -26.44 -23.56 28.78
CA LEU G 182 -27.11 -24.31 27.74
C LEU G 182 -26.75 -23.72 26.36
N THR G 183 -26.64 -24.55 25.33
CA THR G 183 -26.25 -24.00 24.02
C THR G 183 -27.43 -23.50 23.21
N THR G 184 -28.64 -23.63 23.76
CA THR G 184 -29.87 -23.16 23.12
C THR G 184 -30.64 -22.22 24.08
N PRO G 185 -31.55 -21.40 23.53
CA PRO G 185 -32.25 -20.46 24.42
C PRO G 185 -33.04 -21.19 25.48
N PRO G 186 -33.17 -20.59 26.68
CA PRO G 186 -32.68 -19.28 27.14
C PRO G 186 -31.19 -19.18 27.55
N CYS G 187 -30.37 -20.19 27.25
CA CYS G 187 -28.92 -20.18 27.52
C CYS G 187 -28.56 -19.98 28.97
N SER G 188 -29.38 -20.56 29.84
CA SER G 188 -29.23 -20.41 31.28
C SER G 188 -27.85 -20.82 31.73
N GLU G 189 -27.23 -20.03 32.61
CA GLU G 189 -25.88 -20.35 33.06
C GLU G 189 -25.89 -21.29 34.25
N GLY G 190 -24.71 -21.59 34.76
CA GLY G 190 -24.62 -22.58 35.83
C GLY G 190 -24.82 -24.01 35.36
N VAL G 191 -24.29 -24.34 34.21
CA VAL G 191 -24.32 -25.71 33.73
C VAL G 191 -22.88 -26.13 33.91
N ASP G 192 -22.64 -27.32 34.42
CA ASP G 192 -21.28 -27.81 34.52
C ASP G 192 -21.05 -28.53 33.23
N TRP G 193 -20.04 -28.14 32.45
CA TRP G 193 -19.67 -28.91 31.25
C TRP G 193 -18.47 -29.83 31.45
N PHE G 194 -18.65 -31.09 31.09
CA PHE G 194 -17.53 -32.03 30.97
C PHE G 194 -17.44 -32.47 29.51
N VAL G 195 -16.37 -32.11 28.81
CA VAL G 195 -16.23 -32.51 27.41
C VAL G 195 -15.13 -33.56 27.31
N PHE G 196 -15.45 -34.72 26.77
CA PHE G 196 -14.46 -35.78 26.69
C PHE G 196 -13.56 -35.49 25.54
N MET G 197 -12.32 -35.95 25.63
CA MET G 197 -11.27 -35.60 24.66
C MET G 197 -11.11 -36.67 23.59
N GLN G 198 -11.68 -37.84 23.84
CA GLN G 198 -11.50 -38.99 23.00
C GLN G 198 -12.79 -39.15 22.20
N PRO G 199 -12.71 -38.95 20.87
CA PRO G 199 -13.96 -39.03 20.12
C PRO G 199 -14.34 -40.46 19.96
N ILE G 200 -15.58 -40.74 19.61
CA ILE G 200 -15.95 -42.05 19.11
C ILE G 200 -16.11 -41.98 17.59
N LYS G 201 -15.51 -42.94 16.89
CA LYS G 201 -15.66 -43.05 15.45
C LYS G 201 -17.04 -43.61 15.14
N VAL G 202 -17.66 -43.13 14.07
CA VAL G 202 -19.03 -43.50 13.73
C VAL G 202 -19.13 -43.65 12.22
N PRO G 203 -20.00 -44.54 11.74
CA PRO G 203 -20.07 -44.66 10.30
C PRO G 203 -20.66 -43.39 9.69
N ASP G 204 -20.09 -42.94 8.58
CA ASP G 204 -20.50 -41.72 7.91
C ASP G 204 -22.02 -41.72 7.61
N SER G 205 -22.57 -42.92 7.42
CA SER G 205 -23.98 -43.04 7.17
C SER G 205 -24.73 -42.33 8.27
N GLN G 206 -24.30 -42.53 9.52
CA GLN G 206 -25.10 -42.09 10.66
C GLN G 206 -25.02 -40.58 10.80
N ILE G 207 -23.83 -40.04 10.58
CA ILE G 207 -23.68 -38.60 10.58
C ILE G 207 -24.59 -37.93 9.50
N LEU G 208 -24.57 -38.45 8.25
CA LEU G 208 -25.46 -37.90 7.23
C LEU G 208 -26.92 -38.13 7.59
N ASP G 209 -27.24 -39.30 8.14
CA ASP G 209 -28.60 -39.57 8.63
C ASP G 209 -29.05 -38.54 9.67
N PHE G 210 -28.18 -38.19 10.60
CA PHE G 210 -28.54 -37.19 11.59
C PHE G 210 -28.70 -35.81 10.95
N MET G 211 -27.75 -35.40 10.11
CA MET G 211 -27.88 -34.11 9.41
C MET G 211 -29.17 -34.08 8.58
N ARG G 212 -29.56 -35.25 8.10
CA ARG G 212 -30.81 -35.41 7.41
C ARG G 212 -31.98 -35.20 8.31
N PHE G 213 -31.97 -35.85 9.47
CA PHE G 213 -33.00 -35.56 10.48
C PHE G 213 -33.06 -34.08 10.85
N VAL G 214 -31.92 -33.45 11.09
CA VAL G 214 -31.90 -32.02 11.41
C VAL G 214 -32.56 -31.23 10.31
N GLY G 215 -32.46 -31.71 9.08
CA GLY G 215 -33.05 -31.02 7.96
C GLY G 215 -34.46 -31.49 7.64
N ASP G 216 -35.29 -31.80 8.65
CA ASP G 216 -36.69 -32.17 8.40
C ASP G 216 -36.82 -33.26 7.31
N ASN G 217 -35.83 -34.11 7.18
CA ASN G 217 -35.92 -35.20 6.23
C ASN G 217 -36.22 -34.70 4.82
N LYS G 218 -35.64 -33.55 4.49
CA LYS G 218 -35.76 -32.98 3.17
C LYS G 218 -34.51 -32.21 2.77
N THR G 219 -33.50 -32.14 3.63
CA THR G 219 -32.24 -31.45 3.27
C THR G 219 -31.18 -31.94 4.26
N TYR G 220 -30.01 -31.32 4.28
CA TYR G 220 -29.01 -31.64 5.28
C TYR G 220 -28.65 -30.32 5.94
N ALA G 221 -28.69 -30.32 7.27
CA ALA G 221 -28.57 -29.09 8.02
C ALA G 221 -27.80 -29.29 9.31
N THR G 222 -27.42 -28.17 9.89
CA THR G 222 -26.60 -28.12 11.08
C THR G 222 -27.47 -27.58 12.22
N ASN G 223 -27.03 -27.73 13.47
CA ASN G 223 -27.76 -27.19 14.62
C ASN G 223 -26.80 -26.84 15.70
N THR G 224 -25.92 -25.90 15.41
CA THR G 224 -24.84 -25.56 16.32
C THR G 224 -24.74 -24.05 16.52
N ARG G 225 -24.42 -23.68 17.74
CA ARG G 225 -24.21 -22.29 18.06
C ARG G 225 -22.74 -21.97 17.81
N PRO G 226 -22.45 -20.73 17.41
CA PRO G 226 -21.04 -20.32 17.36
C PRO G 226 -20.31 -20.42 18.71
N LEU G 227 -18.98 -20.37 18.67
CA LEU G 227 -18.16 -20.38 19.87
C LEU G 227 -18.36 -19.09 20.68
N GLN G 228 -18.13 -19.16 21.98
CA GLN G 228 -18.45 -18.05 22.90
C GLN G 228 -17.20 -17.71 23.66
N LEU G 229 -17.01 -16.45 24.00
CA LEU G 229 -15.83 -16.03 24.72
C LEU G 229 -15.69 -16.76 26.04
N LEU G 230 -14.47 -17.18 26.33
CA LEU G 230 -14.15 -17.77 27.62
C LEU G 230 -14.33 -16.77 28.76
N ASN G 231 -13.95 -15.52 28.51
CA ASN G 231 -14.01 -14.45 29.49
C ASN G 231 -13.19 -14.75 30.76
N SER G 232 -13.80 -14.70 31.94
CA SER G 232 -13.04 -14.92 33.19
C SER G 232 -12.73 -16.38 33.54
N ARG G 233 -13.42 -17.33 32.91
CA ARG G 233 -13.30 -18.73 33.29
C ARG G 233 -11.94 -19.29 32.91
N LEU G 234 -11.62 -20.42 33.51
CA LEU G 234 -10.53 -21.25 33.07
C LEU G 234 -11.15 -22.61 32.80
N VAL G 235 -10.42 -23.39 32.03
CA VAL G 235 -10.78 -24.74 31.73
C VAL G 235 -9.93 -25.66 32.60
N GLU G 236 -10.61 -26.52 33.34
CA GLU G 236 -9.96 -27.59 34.09
C GLU G 236 -9.79 -28.85 33.22
N TYR G 237 -8.57 -29.34 33.13
CA TYR G 237 -8.28 -30.54 32.40
C TYR G 237 -8.10 -31.71 33.34
N GLU G 238 -8.94 -32.73 33.26
CA GLU G 238 -8.62 -34.03 33.88
C GLU G 238 -8.10 -34.93 32.76
N LEU G 239 -6.90 -34.65 32.28
CA LEU G 239 -6.29 -35.51 31.27
C LEU G 239 -5.52 -36.57 32.04
N MET H 1 24.55 -14.90 4.90
CA MET H 1 23.32 -14.62 4.18
C MET H 1 23.55 -14.51 2.64
N ALA H 2 22.70 -15.20 1.86
CA ALA H 2 22.74 -15.15 0.40
C ALA H 2 22.05 -13.90 -0.11
N ALA H 3 22.42 -13.47 -1.34
CA ALA H 3 21.72 -12.35 -1.94
C ALA H 3 20.32 -12.80 -2.35
N TRP H 4 19.42 -11.85 -2.45
CA TRP H 4 18.06 -12.20 -2.73
C TRP H 4 17.32 -10.96 -3.17
N ASN H 5 16.31 -11.17 -3.99
CA ASN H 5 15.40 -10.11 -4.35
C ASN H 5 14.06 -10.71 -4.78
N TYR H 6 13.17 -9.86 -5.28
CA TYR H 6 11.87 -10.30 -5.71
C TYR H 6 11.85 -10.67 -7.21
N GLY H 7 12.61 -9.93 -8.01
CA GLY H 7 12.86 -10.32 -9.39
C GLY H 7 11.86 -9.89 -10.47
N GLU H 8 12.09 -10.40 -11.67
CA GLU H 8 11.18 -10.20 -12.79
C GLU H 8 10.06 -11.20 -12.71
N VAL H 9 8.91 -10.84 -13.24
CA VAL H 9 7.86 -11.81 -13.38
C VAL H 9 8.36 -13.06 -14.12
N ALA H 10 8.01 -14.23 -13.63
CA ALA H 10 8.68 -15.48 -14.05
C ALA H 10 8.42 -16.00 -15.47
N GLY H 11 7.29 -15.62 -16.06
CA GLY H 11 6.81 -16.23 -17.31
C GLY H 11 7.59 -15.95 -18.59
N PRO H 12 7.72 -14.66 -18.97
CA PRO H 12 8.35 -14.24 -20.23
C PRO H 12 9.70 -14.87 -20.58
N PRO H 13 10.63 -15.00 -19.62
CA PRO H 13 11.91 -15.59 -20.03
C PRO H 13 11.84 -17.06 -20.37
N THR H 14 10.73 -17.71 -20.04
CA THR H 14 10.49 -19.10 -20.38
C THR H 14 9.66 -19.23 -21.65
N TRP H 15 9.30 -18.11 -22.27
CA TRP H 15 8.49 -18.16 -23.47
C TRP H 15 9.40 -18.64 -24.55
N LYS H 16 8.85 -19.50 -25.41
CA LYS H 16 9.66 -20.18 -26.40
C LYS H 16 9.18 -19.85 -27.79
N GLY H 17 9.92 -20.35 -28.77
CA GLY H 17 9.67 -20.05 -30.17
C GLY H 17 10.38 -18.78 -30.60
N VAL H 18 9.75 -18.03 -31.50
CA VAL H 18 10.33 -16.78 -31.97
C VAL H 18 10.57 -15.86 -30.79
N CYS H 19 9.83 -16.05 -29.70
CA CYS H 19 10.00 -15.25 -28.50
C CYS H 19 11.42 -15.36 -27.93
N ALA H 20 12.08 -16.48 -28.22
CA ALA H 20 13.44 -16.72 -27.74
C ALA H 20 14.51 -16.47 -28.82
N THR H 21 14.21 -16.90 -30.03
CA THR H 21 15.19 -16.86 -31.13
C THR H 21 15.11 -15.61 -32.00
N GLY H 22 13.92 -15.04 -32.09
CA GLY H 22 13.64 -13.84 -32.88
C GLY H 22 14.59 -12.69 -32.63
N LYS H 23 14.85 -11.93 -33.69
CA LYS H 23 15.85 -10.86 -33.66
C LYS H 23 15.21 -9.51 -33.90
N ARG H 24 13.90 -9.52 -34.04
CA ARG H 24 13.15 -8.29 -34.20
C ARG H 24 11.97 -8.26 -33.19
N GLN H 25 12.31 -8.41 -31.90
CA GLN H 25 11.33 -8.55 -30.84
C GLN H 25 11.00 -7.20 -30.19
N SER H 26 9.74 -7.06 -29.83
CA SER H 26 9.30 -5.95 -29.03
C SER H 26 8.94 -6.45 -27.63
N PRO H 27 8.99 -5.56 -26.63
CA PRO H 27 9.28 -4.13 -26.78
C PRO H 27 10.79 -3.83 -26.72
N ILE H 28 11.12 -2.56 -26.89
CA ILE H 28 12.49 -2.13 -26.88
C ILE H 28 12.63 -0.80 -26.12
N ASN H 29 13.87 -0.47 -25.78
CA ASN H 29 14.15 0.87 -25.33
C ASN H 29 14.21 1.83 -26.51
N ILE H 30 13.59 2.98 -26.29
CA ILE H 30 13.56 4.05 -27.26
C ILE H 30 14.46 5.18 -26.76
N PRO H 31 15.65 5.30 -27.37
CA PRO H 31 16.50 6.41 -26.96
C PRO H 31 15.94 7.73 -27.43
N LEU H 32 15.96 8.72 -26.55
CA LEU H 32 15.81 10.13 -26.95
C LEU H 32 17.02 10.76 -26.31
N ASN H 33 17.11 12.08 -26.25
CA ASN H 33 18.06 12.72 -25.31
C ASN H 33 19.49 12.16 -25.32
N THR H 34 19.83 11.42 -26.37
CA THR H 34 21.17 10.87 -26.53
C THR H 34 21.84 11.48 -27.75
N SER H 35 23.13 11.69 -27.61
CA SER H 35 23.96 12.25 -28.66
C SER H 35 23.77 11.52 -30.01
N ALA H 36 23.43 10.23 -29.94
CA ALA H 36 23.34 9.38 -31.12
C ALA H 36 22.50 10.04 -32.21
N PRO H 37 23.01 10.06 -33.46
CA PRO H 37 22.23 10.63 -34.57
C PRO H 37 20.98 9.81 -34.87
N LYS H 38 19.85 10.49 -35.03
CA LYS H 38 18.55 9.87 -35.19
C LYS H 38 18.01 9.94 -36.63
N VAL H 39 17.96 8.78 -37.30
CA VAL H 39 17.39 8.66 -38.65
C VAL H 39 15.97 9.19 -38.65
N ASP H 40 15.71 10.21 -39.46
CA ASP H 40 14.36 10.75 -39.57
C ASP H 40 13.45 9.77 -40.33
N ALA H 41 12.21 9.65 -39.86
CA ALA H 41 11.26 8.69 -40.41
C ALA H 41 10.71 9.06 -41.82
N GLU H 42 10.67 10.36 -42.13
CA GLU H 42 10.21 10.86 -43.44
C GLU H 42 8.81 10.34 -43.74
N MET H 43 7.89 10.52 -42.81
CA MET H 43 6.66 9.73 -42.81
C MET H 43 5.36 10.50 -42.53
N GLY H 44 5.49 11.72 -42.02
CA GLY H 44 4.37 12.63 -41.88
C GLY H 44 3.55 12.39 -40.64
N GLU H 45 2.39 13.03 -40.57
CA GLU H 45 1.49 12.86 -39.43
C GLU H 45 0.50 11.75 -39.63
N PHE H 46 -0.05 11.27 -38.53
CA PHE H 46 -1.19 10.39 -38.56
C PHE H 46 -2.50 11.19 -38.74
N ASP H 47 -3.51 10.53 -39.29
CA ASP H 47 -4.85 11.09 -39.33
C ASP H 47 -5.77 9.97 -38.89
N PHE H 48 -6.65 10.30 -37.96
CA PHE H 48 -7.48 9.30 -37.33
C PHE H 48 -8.90 9.46 -37.81
N ALA H 49 -9.52 8.34 -38.13
CA ALA H 49 -10.84 8.29 -38.74
C ALA H 49 -11.52 7.06 -38.16
N TYR H 50 -11.55 7.07 -36.84
CA TYR H 50 -12.19 6.05 -36.03
C TYR H 50 -13.65 6.43 -35.82
N GLY H 51 -14.50 5.99 -36.76
CA GLY H 51 -15.90 6.39 -36.82
C GLY H 51 -16.83 5.36 -36.24
N SER H 52 -16.86 4.19 -36.85
CA SER H 52 -17.73 3.12 -36.36
C SER H 52 -17.26 2.45 -35.05
N PHE H 53 -17.40 3.17 -33.95
CA PHE H 53 -17.02 2.65 -32.66
C PHE H 53 -18.17 2.46 -31.68
N GLU H 54 -19.41 2.61 -32.16
CA GLU H 54 -20.55 2.73 -31.26
C GLU H 54 -20.97 1.41 -30.66
N LYS H 55 -20.49 0.31 -31.21
CA LYS H 55 -20.66 -0.94 -30.49
C LYS H 55 -19.57 -1.92 -30.80
N CYS H 56 -18.96 -2.37 -29.71
CA CYS H 56 -17.76 -3.19 -29.73
C CYS H 56 -17.74 -4.12 -28.51
N ASP H 57 -17.10 -5.28 -28.70
CA ASP H 57 -16.98 -6.30 -27.65
C ASP H 57 -15.83 -5.97 -26.71
N VAL H 58 -15.95 -6.36 -25.46
CA VAL H 58 -14.83 -6.24 -24.52
C VAL H 58 -14.57 -7.60 -23.98
N LEU H 59 -13.35 -8.11 -24.12
CA LEU H 59 -13.09 -9.47 -23.66
C LEU H 59 -11.99 -9.54 -22.65
N ASN H 60 -12.17 -10.47 -21.73
CA ASN H 60 -11.18 -10.72 -20.73
C ASN H 60 -10.24 -11.72 -21.36
N THR H 61 -9.12 -11.23 -21.86
CA THR H 61 -8.10 -12.07 -22.49
C THR H 61 -7.69 -13.29 -21.70
N GLY H 62 -7.75 -13.20 -20.39
CA GLY H 62 -7.28 -14.25 -19.53
C GLY H 62 -5.79 -14.13 -19.34
N HIS H 63 -5.19 -13.09 -19.93
CA HIS H 63 -3.75 -12.86 -19.80
C HIS H 63 -3.41 -11.55 -19.18
N GLY H 64 -4.35 -10.97 -18.46
CA GLY H 64 -4.11 -9.74 -17.74
C GLY H 64 -5.01 -8.66 -18.25
N THR H 65 -4.80 -8.21 -19.47
CA THR H 65 -5.57 -7.07 -19.91
C THR H 65 -6.98 -7.49 -20.33
N MET H 66 -7.87 -6.51 -20.46
CA MET H 66 -9.07 -6.69 -21.25
C MET H 66 -8.70 -6.27 -22.69
N GLN H 67 -9.55 -6.60 -23.64
CA GLN H 67 -9.34 -6.23 -25.03
C GLN H 67 -10.65 -5.78 -25.66
N VAL H 68 -10.70 -4.55 -26.12
CA VAL H 68 -11.88 -4.03 -26.81
C VAL H 68 -11.68 -4.34 -28.31
N ASN H 69 -12.53 -5.21 -28.86
CA ASN H 69 -12.53 -5.50 -30.28
C ASN H 69 -13.47 -4.57 -31.05
N PHE H 70 -13.02 -4.06 -32.19
CA PHE H 70 -13.84 -3.19 -33.01
C PHE H 70 -14.33 -3.90 -34.27
N PRO H 71 -15.38 -3.33 -34.89
CA PRO H 71 -15.78 -3.70 -36.26
C PRO H 71 -14.98 -2.93 -37.32
N ALA H 72 -15.20 -3.27 -38.58
CA ALA H 72 -14.51 -2.58 -39.66
C ALA H 72 -14.99 -1.14 -39.75
N GLY H 73 -14.15 -0.29 -40.32
CA GLY H 73 -14.52 1.11 -40.53
C GLY H 73 -13.76 2.09 -39.65
N ASN H 74 -12.84 1.57 -38.85
CA ASN H 74 -12.04 2.46 -38.05
C ASN H 74 -10.66 2.54 -38.60
N LEU H 75 -10.34 3.69 -39.17
CA LEU H 75 -9.13 3.81 -39.96
C LEU H 75 -8.19 4.90 -39.49
N ALA H 76 -6.91 4.57 -39.60
CA ALA H 76 -5.86 5.54 -39.36
C ALA H 76 -4.97 5.58 -40.61
N PHE H 77 -4.62 6.79 -41.00
CA PHE H 77 -3.79 7.00 -42.15
C PHE H 77 -2.46 7.59 -41.71
N ILE H 78 -1.40 6.96 -42.20
CA ILE H 78 -0.05 7.47 -42.09
C ILE H 78 0.60 7.18 -43.43
N GLY H 79 1.26 8.19 -44.02
CA GLY H 79 2.03 8.02 -45.25
C GLY H 79 1.24 7.44 -46.42
N ASN H 80 -0.01 7.93 -46.53
CA ASN H 80 -1.02 7.52 -47.50
C ASN H 80 -1.42 6.03 -47.46
N MET H 81 -1.00 5.32 -46.42
CA MET H 81 -1.44 3.95 -46.15
C MET H 81 -2.65 3.97 -45.22
N GLU H 82 -3.51 2.98 -45.37
CA GLU H 82 -4.68 2.82 -44.55
C GLU H 82 -4.48 1.68 -43.54
N LEU H 83 -4.64 2.02 -42.27
CA LEU H 83 -4.53 1.07 -41.19
C LEU H 83 -5.93 0.91 -40.61
N GLU H 84 -6.38 -0.34 -40.47
CA GLU H 84 -7.71 -0.60 -39.95
C GLU H 84 -7.61 -1.14 -38.53
N LEU H 85 -8.35 -0.52 -37.62
CA LEU H 85 -8.29 -0.86 -36.20
C LEU H 85 -8.98 -2.15 -35.92
N LEU H 86 -8.32 -3.00 -35.16
CA LEU H 86 -8.89 -4.28 -34.75
C LEU H 86 -9.31 -4.29 -33.30
N GLN H 87 -8.41 -3.83 -32.47
CA GLN H 87 -8.63 -3.95 -31.07
C GLN H 87 -7.62 -3.09 -30.37
N PHE H 88 -7.91 -2.76 -29.13
CA PHE H 88 -6.91 -2.19 -28.23
C PHE H 88 -6.88 -2.91 -26.86
N HIS H 89 -5.78 -2.76 -26.14
CA HIS H 89 -5.64 -3.30 -24.79
C HIS H 89 -4.57 -2.51 -24.14
N PHE H 90 -4.22 -2.85 -22.90
CA PHE H 90 -3.24 -2.10 -22.14
C PHE H 90 -2.28 -3.01 -21.42
N HIS H 91 -1.11 -2.47 -21.09
CA HIS H 91 -0.15 -3.14 -20.22
C HIS H 91 0.23 -2.22 -19.08
N ALA H 92 0.58 -2.79 -17.94
CA ALA H 92 1.15 -2.03 -16.83
C ALA H 92 2.30 -2.83 -16.25
N PRO H 93 3.44 -2.19 -16.03
CA PRO H 93 3.81 -0.84 -16.48
C PRO H 93 3.93 -0.86 -17.98
N SER H 94 4.40 0.21 -18.60
CA SER H 94 4.44 0.22 -20.07
C SER H 94 5.39 -0.89 -20.47
N GLU H 95 5.30 -1.35 -21.71
CA GLU H 95 6.25 -2.31 -22.26
C GLU H 95 7.46 -1.57 -22.80
N HIS H 96 7.21 -0.61 -23.68
CA HIS H 96 8.29 0.20 -24.17
C HIS H 96 8.86 1.09 -23.09
N ALA H 97 10.13 1.47 -23.26
CA ALA H 97 10.84 2.30 -22.32
C ALA H 97 11.33 3.52 -23.08
N MET H 98 11.34 4.68 -22.45
CA MET H 98 11.93 5.88 -23.02
C MET H 98 13.16 6.15 -22.18
N ASP H 99 14.32 6.08 -22.81
CA ASP H 99 15.60 6.21 -22.12
C ASP H 99 15.59 5.41 -20.83
N GLY H 100 15.21 4.16 -20.92
CA GLY H 100 15.28 3.23 -19.82
C GLY H 100 14.22 3.38 -18.71
N ARG H 101 13.28 4.30 -18.91
CA ARG H 101 12.18 4.51 -17.97
C ARG H 101 10.83 4.05 -18.57
N ARG H 102 10.13 3.18 -17.86
CA ARG H 102 8.78 2.78 -18.22
C ARG H 102 7.73 3.68 -17.55
N TYR H 103 6.51 3.62 -18.05
CA TYR H 103 5.44 4.46 -17.56
C TYR H 103 4.44 3.56 -16.86
N ALA H 104 3.39 4.18 -16.34
CA ALA H 104 2.41 3.46 -15.58
C ALA H 104 1.69 2.48 -16.47
N MET H 105 1.26 2.94 -17.64
CA MET H 105 0.58 2.05 -18.57
C MET H 105 0.95 2.30 -20.03
N GLU H 106 0.61 1.36 -20.89
CA GLU H 106 0.82 1.54 -22.31
C GLU H 106 -0.40 1.02 -22.94
N ALA H 107 -0.95 1.82 -23.84
CA ALA H 107 -2.11 1.40 -24.63
C ALA H 107 -1.62 0.97 -26.04
N HIS H 108 -2.07 -0.22 -26.43
CA HIS H 108 -1.75 -0.77 -27.74
C HIS H 108 -2.98 -0.77 -28.62
N LEU H 109 -3.00 0.08 -29.64
CA LEU H 109 -4.06 0.05 -30.65
C LEU H 109 -3.58 -0.82 -31.80
N VAL H 110 -4.14 -2.02 -31.91
CA VAL H 110 -3.70 -2.96 -32.96
C VAL H 110 -4.40 -2.70 -34.29
N HIS H 111 -3.64 -2.35 -35.32
CA HIS H 111 -4.17 -2.17 -36.68
C HIS H 111 -3.70 -3.24 -37.62
N LYS H 112 -4.49 -3.51 -38.65
CA LYS H 112 -4.01 -4.24 -39.83
C LYS H 112 -3.67 -3.19 -40.88
N ASN H 113 -2.45 -3.24 -41.39
CA ASN H 113 -2.01 -2.35 -42.45
C ASN H 113 -2.45 -2.88 -43.83
N LYS H 114 -3.34 -2.14 -44.49
CA LYS H 114 -3.86 -2.58 -45.79
C LYS H 114 -2.79 -2.65 -46.87
N SER H 115 -1.87 -1.68 -46.87
CA SER H 115 -0.79 -1.65 -47.87
C SER H 115 0.20 -2.81 -47.77
N THR H 116 0.61 -3.15 -46.55
CA THR H 116 1.73 -4.06 -46.35
C THR H 116 1.28 -5.48 -46.03
N GLY H 117 0.02 -5.61 -45.61
CA GLY H 117 -0.48 -6.89 -45.12
C GLY H 117 0.08 -7.28 -43.76
N ASN H 118 0.83 -6.35 -43.16
CA ASN H 118 1.41 -6.57 -41.86
C ASN H 118 0.58 -5.87 -40.79
N LEU H 119 0.69 -6.34 -39.54
CA LEU H 119 0.08 -5.64 -38.41
C LEU H 119 0.83 -4.36 -38.10
N ALA H 120 0.08 -3.32 -37.76
CA ALA H 120 0.67 -2.09 -37.27
C ALA H 120 0.12 -1.71 -35.87
N VAL H 121 0.97 -1.71 -34.85
CA VAL H 121 0.52 -1.32 -33.50
C VAL H 121 0.92 0.09 -33.16
N LEU H 122 -0.05 0.88 -32.72
CA LEU H 122 0.24 2.20 -32.12
C LEU H 122 0.32 2.06 -30.60
N GLY H 123 1.40 2.56 -30.02
CA GLY H 123 1.63 2.49 -28.58
C GLY H 123 1.58 3.87 -27.96
N ILE H 124 0.72 4.04 -26.96
CA ILE H 124 0.64 5.31 -26.26
C ILE H 124 1.00 5.10 -24.80
N MET H 125 1.78 6.01 -24.23
CA MET H 125 2.09 5.93 -22.79
C MET H 125 1.02 6.64 -21.90
N LEU H 126 0.61 5.97 -20.84
CA LEU H 126 -0.24 6.56 -19.84
C LEU H 126 0.59 6.85 -18.57
N GLU H 127 0.53 8.11 -18.15
CA GLU H 127 1.11 8.60 -16.91
C GLU H 127 0.03 8.86 -15.86
N PRO H 128 0.39 8.79 -14.57
CA PRO H 128 -0.52 9.26 -13.53
C PRO H 128 -0.52 10.78 -13.45
N GLY H 129 -1.46 11.34 -12.69
CA GLY H 129 -1.54 12.78 -12.46
C GLY H 129 -2.65 13.44 -13.24
N GLY H 130 -3.45 12.62 -13.92
CA GLY H 130 -4.56 13.13 -14.71
C GLY H 130 -5.72 13.60 -13.87
N LEU H 131 -6.43 14.58 -14.40
CA LEU H 131 -7.58 15.13 -13.72
C LEU H 131 -8.89 14.68 -14.29
N ILE H 132 -8.89 14.32 -15.57
CA ILE H 132 -10.08 13.81 -16.23
C ILE H 132 -9.87 12.33 -16.47
N LYS H 133 -10.77 11.50 -15.95
CA LYS H 133 -10.79 10.08 -16.29
C LYS H 133 -10.79 9.94 -17.80
N ASN H 134 -10.01 9.00 -18.31
CA ASN H 134 -10.03 8.68 -19.72
C ASN H 134 -11.22 7.78 -20.06
N PRO H 135 -12.14 8.26 -20.93
CA PRO H 135 -13.39 7.51 -21.09
C PRO H 135 -13.25 6.15 -21.72
N ALA H 136 -12.24 5.96 -22.56
CA ALA H 136 -12.06 4.70 -23.26
C ALA H 136 -11.55 3.68 -22.27
N LEU H 137 -10.57 4.09 -21.47
CA LEU H 137 -10.08 3.21 -20.43
C LEU H 137 -11.20 2.94 -19.40
N SER H 138 -11.93 4.00 -19.07
CA SER H 138 -13.01 3.94 -18.10
C SER H 138 -14.08 2.91 -18.51
N THR H 139 -14.56 3.06 -19.73
CA THR H 139 -15.56 2.12 -20.23
C THR H 139 -14.97 0.71 -20.36
N ALA H 140 -13.76 0.62 -20.87
CA ALA H 140 -13.09 -0.66 -20.98
C ALA H 140 -13.08 -1.40 -19.65
N LEU H 141 -12.62 -0.74 -18.57
CA LEU H 141 -12.61 -1.37 -17.22
C LEU H 141 -13.99 -1.72 -16.66
N GLU H 142 -14.94 -0.79 -16.80
CA GLU H 142 -16.31 -0.98 -16.31
C GLU H 142 -17.08 -2.12 -16.98
N VAL H 143 -16.87 -2.30 -18.28
CA VAL H 143 -17.55 -3.33 -19.06
C VAL H 143 -16.82 -4.68 -19.04
N ALA H 144 -15.50 -4.65 -18.85
CA ALA H 144 -14.70 -5.87 -18.95
C ALA H 144 -15.20 -6.96 -17.99
N PRO H 145 -15.65 -8.09 -18.55
CA PRO H 145 -16.17 -9.17 -17.71
C PRO H 145 -15.08 -9.76 -16.83
N GLU H 146 -15.44 -10.19 -15.63
CA GLU H 146 -14.46 -10.60 -14.64
C GLU H 146 -14.07 -12.06 -14.80
N VAL H 147 -14.85 -12.84 -15.54
CA VAL H 147 -14.44 -14.23 -15.82
C VAL H 147 -13.57 -14.35 -17.11
N PRO H 148 -12.33 -14.89 -16.96
CA PRO H 148 -11.45 -15.08 -18.14
C PRO H 148 -12.10 -15.76 -19.31
N LEU H 149 -11.80 -15.18 -20.47
CA LEU H 149 -12.23 -15.65 -21.79
C LEU H 149 -13.67 -15.34 -22.11
N ALA H 150 -14.31 -14.57 -21.27
CA ALA H 150 -15.68 -14.13 -21.50
C ALA H 150 -15.69 -12.83 -22.28
N LYS H 151 -16.66 -12.68 -23.18
CA LYS H 151 -16.84 -11.42 -23.89
C LYS H 151 -18.08 -10.76 -23.34
N LYS H 152 -18.38 -9.58 -23.82
CA LYS H 152 -19.56 -8.86 -23.46
C LYS H 152 -19.63 -7.67 -24.40
N PRO H 153 -20.79 -7.44 -25.05
CA PRO H 153 -20.94 -6.19 -25.81
C PRO H 153 -20.93 -4.96 -24.89
N SER H 154 -20.40 -3.85 -25.37
CA SER H 154 -20.37 -2.62 -24.59
C SER H 154 -21.65 -1.82 -24.84
N PRO H 155 -22.32 -1.38 -23.75
CA PRO H 155 -23.47 -0.47 -23.89
C PRO H 155 -23.09 0.90 -24.43
N LYS H 156 -22.01 1.47 -23.94
CA LYS H 156 -21.54 2.76 -24.44
C LYS H 156 -20.64 2.50 -25.65
N GLY H 157 -20.49 3.50 -26.50
CA GLY H 157 -19.53 3.40 -27.59
C GLY H 157 -18.15 3.81 -27.10
N ILE H 158 -17.18 2.89 -27.14
CA ILE H 158 -15.78 3.16 -26.73
C ILE H 158 -14.91 3.81 -27.81
N ASN H 159 -14.71 5.11 -27.73
CA ASN H 159 -14.05 5.86 -28.83
C ASN H 159 -12.51 5.81 -28.77
N PRO H 160 -11.87 5.09 -29.72
CA PRO H 160 -10.45 4.77 -29.55
C PRO H 160 -9.58 5.98 -29.70
N VAL H 161 -10.12 7.05 -30.26
CA VAL H 161 -9.36 8.29 -30.45
C VAL H 161 -8.91 8.87 -29.13
N MET H 162 -9.72 8.61 -28.08
CA MET H 162 -9.41 9.05 -26.73
C MET H 162 -8.11 8.49 -26.20
N LEU H 163 -7.58 7.44 -26.83
CA LEU H 163 -6.31 6.91 -26.39
C LEU H 163 -5.08 7.56 -27.07
N LEU H 164 -5.29 8.62 -27.82
CA LEU H 164 -4.19 9.25 -28.53
C LEU H 164 -3.81 10.49 -27.80
N PRO H 165 -2.54 10.84 -27.82
CA PRO H 165 -2.12 12.07 -27.18
C PRO H 165 -2.63 13.25 -27.96
N LYS H 166 -2.67 14.43 -27.36
CA LYS H 166 -3.19 15.57 -28.11
C LYS H 166 -2.09 16.13 -29.00
N LYS H 167 -2.52 16.71 -30.12
CA LYS H 167 -1.59 17.36 -31.03
C LYS H 167 -0.85 18.48 -30.29
N SER H 168 0.46 18.56 -30.54
CA SER H 168 1.28 19.64 -30.02
C SER H 168 0.89 21.00 -30.58
N LYS H 169 1.62 22.01 -30.15
CA LYS H 169 1.39 23.36 -30.64
C LYS H 169 1.71 23.36 -32.15
N ALA H 170 2.69 22.56 -32.55
CA ALA H 170 3.09 22.46 -33.96
C ALA H 170 2.04 21.74 -34.82
N GLY H 171 1.04 21.12 -34.20
CA GLY H 171 -0.02 20.40 -34.91
C GLY H 171 0.28 18.93 -35.15
N THR H 172 1.42 18.48 -34.65
CA THR H 172 1.89 17.12 -34.83
C THR H 172 1.64 16.25 -33.58
N ARG H 173 1.90 14.96 -33.71
CA ARG H 173 1.98 14.04 -32.60
C ARG H 173 3.25 13.27 -32.81
N PRO H 174 4.37 13.76 -32.29
CA PRO H 174 5.67 13.12 -32.52
C PRO H 174 5.65 11.65 -32.18
N PHE H 175 6.30 10.83 -33.00
CA PHE H 175 6.40 9.40 -32.68
C PHE H 175 7.73 8.78 -33.09
N VAL H 176 7.90 7.49 -32.85
CA VAL H 176 9.01 6.73 -33.41
C VAL H 176 8.41 5.55 -34.13
N HIS H 177 9.13 5.05 -35.10
CA HIS H 177 8.64 3.94 -35.86
C HIS H 177 9.78 2.97 -35.91
N TYR H 178 9.49 1.70 -35.65
CA TYR H 178 10.51 0.68 -35.75
C TYR H 178 9.84 -0.67 -36.01
N PRO H 179 10.48 -1.55 -36.80
CA PRO H 179 9.93 -2.88 -37.07
C PRO H 179 10.18 -3.85 -35.92
N GLY H 180 9.15 -4.59 -35.48
CA GLY H 180 9.28 -5.45 -34.31
C GLY H 180 8.25 -6.56 -34.28
N SER H 181 7.90 -6.99 -33.09
CA SER H 181 7.00 -8.14 -32.91
C SER H 181 5.80 -7.87 -31.99
N LEU H 182 4.91 -8.85 -31.87
CA LEU H 182 3.90 -8.86 -30.81
C LEU H 182 4.59 -9.07 -29.48
N THR H 183 4.08 -8.47 -28.41
CA THR H 183 4.76 -8.57 -27.13
C THR H 183 4.43 -9.85 -26.36
N THR H 184 3.35 -10.53 -26.73
CA THR H 184 2.95 -11.78 -26.10
C THR H 184 3.08 -12.92 -27.11
N PRO H 185 3.24 -14.18 -26.64
CA PRO H 185 3.37 -15.32 -27.55
C PRO H 185 2.25 -15.34 -28.56
N PRO H 186 2.54 -15.80 -29.77
CA PRO H 186 3.82 -16.34 -30.27
C PRO H 186 4.85 -15.28 -30.72
N CYS H 187 4.61 -14.00 -30.49
CA CYS H 187 5.61 -12.97 -30.73
C CYS H 187 5.98 -12.94 -32.20
N SER H 188 4.96 -13.16 -33.02
CA SER H 188 5.09 -13.07 -34.44
C SER H 188 5.88 -11.78 -34.83
N GLU H 189 6.86 -11.90 -35.75
CA GLU H 189 7.61 -10.73 -36.24
C GLU H 189 6.94 -10.14 -37.47
N GLY H 190 7.41 -8.97 -37.90
CA GLY H 190 6.76 -8.27 -38.98
C GLY H 190 5.67 -7.31 -38.54
N VAL H 191 5.72 -6.87 -37.29
CA VAL H 191 4.82 -5.83 -36.84
C VAL H 191 5.49 -4.48 -36.95
N ASP H 192 4.82 -3.52 -37.57
CA ASP H 192 5.31 -2.16 -37.57
C ASP H 192 4.80 -1.50 -36.29
N TRP H 193 5.74 -0.96 -35.51
CA TRP H 193 5.40 -0.29 -34.26
C TRP H 193 5.56 1.19 -34.39
N PHE H 194 4.52 1.93 -34.03
CA PHE H 194 4.60 3.38 -33.94
C PHE H 194 4.39 3.74 -32.47
N VAL H 195 5.40 4.25 -31.80
CA VAL H 195 5.27 4.54 -30.38
C VAL H 195 5.25 6.03 -30.25
N PHE H 196 4.18 6.55 -29.67
CA PHE H 196 4.04 7.99 -29.52
C PHE H 196 4.93 8.51 -28.44
N MET H 197 5.44 9.72 -28.63
CA MET H 197 6.37 10.32 -27.69
C MET H 197 5.72 10.98 -26.48
N GLN H 198 4.66 11.74 -26.72
CA GLN H 198 3.95 12.45 -25.66
C GLN H 198 2.97 11.50 -24.95
N PRO H 199 3.04 11.43 -23.62
CA PRO H 199 2.13 10.52 -22.92
C PRO H 199 0.80 11.20 -22.71
N ILE H 200 -0.21 10.45 -22.32
CA ILE H 200 -1.48 11.01 -21.85
C ILE H 200 -1.58 10.84 -20.36
N LYS H 201 -2.01 11.89 -19.67
CA LYS H 201 -2.16 11.84 -18.23
C LYS H 201 -3.51 11.23 -17.90
N VAL H 202 -3.55 10.24 -17.03
CA VAL H 202 -4.81 9.74 -16.49
C VAL H 202 -4.80 9.85 -14.97
N PRO H 203 -5.99 9.81 -14.34
CA PRO H 203 -6.04 9.77 -12.86
C PRO H 203 -5.52 8.43 -12.33
N ASP H 204 -4.80 8.48 -11.22
CA ASP H 204 -4.25 7.31 -10.55
C ASP H 204 -5.24 6.20 -10.25
N SER H 205 -6.49 6.56 -10.04
CA SER H 205 -7.49 5.54 -9.81
C SER H 205 -7.53 4.62 -11.03
N GLN H 206 -7.52 5.15 -12.25
CA GLN H 206 -7.60 4.23 -13.39
C GLN H 206 -6.39 3.33 -13.51
N ILE H 207 -5.23 3.85 -13.18
CA ILE H 207 -4.05 3.05 -13.29
C ILE H 207 -4.13 1.89 -12.30
N LEU H 208 -4.50 2.16 -11.05
CA LEU H 208 -4.68 1.08 -10.09
C LEU H 208 -5.82 0.15 -10.42
N ASP H 209 -6.98 0.66 -10.82
CA ASP H 209 -8.05 -0.19 -11.34
C ASP H 209 -7.56 -1.23 -12.35
N PHE H 210 -6.78 -0.76 -13.34
CA PHE H 210 -6.25 -1.66 -14.34
C PHE H 210 -5.34 -2.66 -13.68
N MET H 211 -4.35 -2.18 -12.94
CA MET H 211 -3.51 -3.11 -12.17
C MET H 211 -4.30 -4.11 -11.32
N ARG H 212 -5.43 -3.67 -10.81
CA ARG H 212 -6.29 -4.54 -10.04
C ARG H 212 -6.91 -5.56 -10.97
N PHE H 213 -7.33 -5.16 -12.15
CA PHE H 213 -7.86 -6.09 -13.15
C PHE H 213 -6.83 -7.11 -13.62
N VAL H 214 -5.63 -6.66 -13.90
CA VAL H 214 -4.55 -7.57 -14.23
C VAL H 214 -4.40 -8.59 -13.10
N GLY H 215 -4.53 -8.13 -11.86
CA GLY H 215 -4.48 -9.02 -10.70
C GLY H 215 -5.72 -9.86 -10.41
N ASP H 216 -6.71 -9.81 -11.29
CA ASP H 216 -7.89 -10.66 -11.19
C ASP H 216 -8.69 -10.20 -10.02
N ASN H 217 -8.67 -8.89 -9.78
CA ASN H 217 -9.46 -8.29 -8.70
C ASN H 217 -9.18 -8.83 -7.32
N LYS H 218 -8.12 -9.61 -7.18
CA LYS H 218 -7.73 -10.14 -5.90
C LYS H 218 -6.39 -9.56 -5.46
N THR H 219 -5.63 -8.99 -6.39
CA THR H 219 -4.36 -8.34 -6.07
C THR H 219 -4.02 -7.21 -7.07
N TYR H 220 -2.79 -6.69 -7.04
CA TYR H 220 -2.30 -5.75 -8.08
C TYR H 220 -1.14 -6.41 -8.79
N ALA H 221 -1.24 -6.52 -10.11
CA ALA H 221 -0.25 -7.22 -10.92
C ALA H 221 0.17 -6.43 -12.16
N THR H 222 1.05 -7.03 -12.96
CA THR H 222 1.65 -6.38 -14.11
C THR H 222 1.50 -7.32 -15.28
N ASN H 223 1.37 -6.79 -16.49
CA ASN H 223 1.31 -7.65 -17.70
C ASN H 223 2.26 -7.16 -18.80
N THR H 224 3.56 -7.28 -18.52
CA THR H 224 4.60 -6.68 -19.32
C THR H 224 5.81 -7.58 -19.50
N ARG H 225 6.24 -7.66 -20.75
CA ARG H 225 7.40 -8.43 -21.12
C ARG H 225 8.63 -7.55 -20.97
N PRO H 226 9.78 -8.17 -20.74
CA PRO H 226 10.98 -7.34 -20.65
C PRO H 226 11.45 -6.79 -22.01
N LEU H 227 12.24 -5.74 -21.93
CA LEU H 227 12.82 -5.13 -23.10
C LEU H 227 13.68 -6.10 -23.86
N GLN H 228 13.72 -5.92 -25.19
CA GLN H 228 14.39 -6.86 -26.10
C GLN H 228 15.58 -6.22 -26.82
N LEU H 229 16.48 -7.04 -27.36
CA LEU H 229 17.60 -6.56 -28.16
C LEU H 229 17.17 -5.89 -29.47
N LEU H 230 17.70 -4.69 -29.71
CA LEU H 230 17.42 -3.96 -30.93
C LEU H 230 18.06 -4.68 -32.11
N ASN H 231 19.17 -5.36 -31.80
CA ASN H 231 19.94 -6.10 -32.79
C ASN H 231 20.27 -5.19 -34.00
N SER H 232 20.02 -5.64 -35.22
CA SER H 232 20.40 -4.88 -36.43
C SER H 232 19.53 -3.62 -36.71
N ARG H 233 18.34 -3.56 -36.11
CA ARG H 233 17.34 -2.56 -36.46
C ARG H 233 17.75 -1.16 -36.06
N LEU H 234 17.04 -0.18 -36.61
CA LEU H 234 17.20 1.19 -36.19
C LEU H 234 15.79 1.67 -35.89
N VAL H 235 15.70 2.80 -35.24
CA VAL H 235 14.45 3.34 -34.84
C VAL H 235 14.36 4.62 -35.64
N GLU H 236 13.26 4.77 -36.35
CA GLU H 236 13.02 6.00 -37.09
C GLU H 236 12.26 6.99 -36.18
N TYR H 237 12.66 8.25 -36.17
CA TYR H 237 11.99 9.27 -35.40
C TYR H 237 11.16 10.18 -36.29
N GLU H 238 9.92 10.41 -35.89
CA GLU H 238 9.10 11.48 -36.47
C GLU H 238 8.88 12.46 -35.31
N LEU H 239 9.97 13.14 -34.94
CA LEU H 239 9.89 14.27 -34.02
C LEU H 239 9.81 15.57 -34.84
ZN ZN I . -22.95 -24.03 -8.77
P 2HP J . -23.12 -21.39 -9.90
O1 2HP J . -22.51 -21.85 -11.25
O2 2HP J . -23.65 -19.94 -10.03
O3 2HP J . -22.05 -21.45 -8.77
O4 2HP J . -24.31 -22.34 -9.53
P 2HP K . -26.30 -44.50 3.43
O1 2HP K . -27.11 -44.27 2.14
O2 2HP K . -24.78 -44.54 3.10
O3 2HP K . -26.58 -43.34 4.44
O4 2HP K . -26.72 -45.85 4.09
P 2HP L . -22.75 -40.63 -24.43
O1 2HP L . -23.46 -41.70 -25.31
O2 2HP L . -21.38 -40.25 -25.04
O3 2HP L . -22.54 -41.22 -23.00
O4 2HP L . -23.64 -39.35 -24.34
P 2HP M . -22.50 -42.63 -28.48
O1 2HP M . -21.42 -43.26 -29.42
O2 2HP M . -23.86 -43.32 -28.72
O3 2HP M . -22.61 -41.12 -28.79
O4 2HP M . -22.07 -42.84 -26.99
ZN ZN N . 7.64 -6.34 5.80
P 2HP O . 9.53 -8.33 7.01
O1 2HP O . 10.70 -7.88 6.07
O2 2HP O . 9.52 -9.87 7.14
O3 2HP O . 8.18 -7.83 6.40
O4 2HP O . 9.72 -7.68 8.41
P 2HP P . 4.98 8.81 -9.81
O1 2HP P . 5.33 8.32 -11.25
O2 2HP P . 6.12 8.43 -8.84
O3 2HP P . 3.64 8.13 -9.36
O4 2HP P . 4.79 10.35 -9.82
P 2HP Q . -10.39 4.49 -5.82
O1 2HP Q . -10.54 3.40 -6.92
O2 2HP Q . -11.05 3.98 -4.52
O3 2HP Q . -8.88 4.76 -5.57
O4 2HP Q . -11.08 5.80 -6.29
ZN ZN R . 39.58 2.78 -8.01
P 2HP S . 39.56 5.46 -9.05
O1 2HP S . 40.30 5.08 -10.37
O2 2HP S . 38.93 6.87 -9.20
O3 2HP S . 40.57 5.44 -7.87
O4 2HP S . 38.44 4.42 -8.78
P 2HP T . 40.50 -15.32 -28.25
O1 2HP T . 41.15 -16.42 -29.12
O2 2HP T . 38.95 -15.45 -28.30
O3 2HP T . 40.98 -15.45 -26.78
O4 2HP T . 40.92 -13.92 -28.80
P 2HP U . 39.86 -13.46 -24.22
O1 2HP U . 39.27 -14.21 -25.44
O2 2HP U . 38.96 -12.25 -23.86
O3 2HP U . 41.30 -12.96 -24.56
O4 2HP U . 39.93 -14.43 -23.00
P 2HP V . 34.99 -18.20 3.34
O1 2HP V . 34.23 -17.76 2.05
O2 2HP V . 36.44 -18.60 2.96
O3 2HP V . 35.02 -17.02 4.35
O4 2HP V . 34.26 -19.41 3.98
ZN ZN W . -14.95 44.68 -19.54
P 2HP X . -15.32 47.32 -20.77
O1 2HP X . -14.68 46.81 -22.09
O2 2HP X . -16.72 47.94 -21.09
O3 2HP X . -14.40 48.40 -20.13
O4 2HP X . -15.48 46.14 -19.77
P 2HP Y . -17.46 23.28 -8.40
O1 2HP Y . -17.90 22.54 -9.69
O2 2HP Y . -17.66 24.81 -8.57
O3 2HP Y . -15.97 22.97 -8.10
O4 2HP Y . -18.33 22.79 -7.21
ZN ZN Z . 33.17 -3.95 23.31
P 2HP AA . 31.68 -2.11 25.10
O1 2HP AA . 32.40 -2.25 23.74
O2 2HP AA . 31.85 -0.67 25.64
O3 2HP AA . 30.16 -2.42 24.91
O4 2HP AA . 32.28 -3.13 26.11
P 2HP BA . 16.77 -8.26 24.88
O1 2HP BA . 17.20 -8.97 23.56
O2 2HP BA . 16.93 -6.73 24.72
O3 2HP BA . 17.67 -8.77 26.04
O4 2HP BA . 15.28 -8.59 25.19
P 2HP CA . 47.40 -14.85 7.24
O1 2HP CA . 48.25 -15.97 6.57
O2 2HP CA . 47.99 -14.51 8.62
O3 2HP CA . 47.41 -13.59 6.34
O4 2HP CA . 45.93 -15.35 7.39
ZN ZN DA . -18.24 37.29 12.18
P 2HP EA . -19.52 39.15 14.20
O1 2HP EA . -19.29 38.89 12.68
O2 2HP EA . -20.01 40.61 14.41
O3 2HP EA . -20.59 38.16 14.73
O4 2HP EA . -18.19 38.94 14.97
P 2HP FA . -4.85 27.32 -5.32
O1 2HP FA . -4.08 27.92 -6.52
O2 2HP FA . -6.16 28.12 -5.08
O3 2HP FA . -5.20 25.83 -5.63
O4 2HP FA . -3.97 27.37 -4.05
ZN ZN GA . -26.85 -29.92 23.20
P 2HP HA . -27.85 -28.06 25.16
O1 2HP HA . -27.80 -28.47 23.67
O2 2HP HA . -26.52 -27.34 25.55
O3 2HP HA . -28.04 -29.33 26.04
O4 2HP HA . -29.05 -27.09 25.39
P 2HP IA . -13.78 -41.67 6.46
O1 2HP IA . -12.48 -41.54 5.61
O2 2HP IA . -14.80 -40.59 6.02
O3 2HP IA . -14.40 -43.09 6.26
O4 2HP IA . -13.42 -41.48 7.96
ZN ZN JA . 0.02 -5.16 -26.17
P 2HP KA . 0.56 -7.28 -28.27
O1 2HP KA . 0.66 -8.64 -28.99
O2 2HP KA . 0.20 -7.50 -26.77
O3 2HP KA . -0.55 -6.42 -28.94
O4 2HP KA . 1.92 -6.53 -28.37
P 2HP LA . 14.75 -12.96 -37.55
O1 2HP LA . 14.33 -11.75 -38.44
O2 2HP LA . 13.94 -14.22 -37.98
O3 2HP LA . 16.27 -13.23 -37.74
O4 2HP LA . 14.46 -12.64 -36.06
P 2HP MA . 15.66 -13.20 -41.81
O1 2HP MA . 15.53 -14.36 -42.84
O2 2HP MA . 14.91 -11.95 -42.35
O3 2HP MA . 15.04 -13.65 -40.45
O4 2HP MA . 17.16 -12.84 -41.60
P 2HP NA . 0.77 12.15 -8.98
O1 2HP NA . 1.40 12.11 -10.40
O2 2HP NA . -0.23 13.33 -8.90
O3 2HP NA . 1.90 12.36 -7.93
O4 2HP NA . 0.02 10.82 -8.70
#